data_5QP2
# 
_entry.id   5QP2 
# 
_audit_conform.dict_name       mmcif_pdbx.dic 
_audit_conform.dict_version    5.387 
_audit_conform.dict_location   http://mmcif.pdb.org/dictionaries/ascii/mmcif_pdbx.dic 
# 
loop_
_database_2.database_id 
_database_2.database_code 
_database_2.pdbx_database_accession 
_database_2.pdbx_DOI 
PDB   5QP2         pdb_00005qp2 10.2210/pdb5qp2/pdb 
WWPDB D_1001402227 ?            ?                   
# 
loop_
_pdbx_audit_revision_history.ordinal 
_pdbx_audit_revision_history.data_content_type 
_pdbx_audit_revision_history.major_revision 
_pdbx_audit_revision_history.minor_revision 
_pdbx_audit_revision_history.revision_date 
1 'Structure model' 1 0 2019-05-08 
2 'Structure model' 1 1 2019-11-20 
3 'Structure model' 1 2 2024-03-06 
# 
_pdbx_audit_revision_details.ordinal             1 
_pdbx_audit_revision_details.revision_ordinal    1 
_pdbx_audit_revision_details.data_content_type   'Structure model' 
_pdbx_audit_revision_details.provider            repository 
_pdbx_audit_revision_details.type                'Initial release' 
_pdbx_audit_revision_details.description         ? 
_pdbx_audit_revision_details.details             ? 
# 
loop_
_pdbx_audit_revision_group.ordinal 
_pdbx_audit_revision_group.revision_ordinal 
_pdbx_audit_revision_group.data_content_type 
_pdbx_audit_revision_group.group 
1 2 'Structure model' 'Data collection'     
2 3 'Structure model' 'Data collection'     
3 3 'Structure model' 'Database references' 
# 
loop_
_pdbx_audit_revision_category.ordinal 
_pdbx_audit_revision_category.revision_ordinal 
_pdbx_audit_revision_category.data_content_type 
_pdbx_audit_revision_category.category 
1 2 'Structure model' diffrn_source  
2 3 'Structure model' chem_comp_atom 
3 3 'Structure model' chem_comp_bond 
4 3 'Structure model' database_2     
# 
loop_
_pdbx_audit_revision_item.ordinal 
_pdbx_audit_revision_item.revision_ordinal 
_pdbx_audit_revision_item.data_content_type 
_pdbx_audit_revision_item.item 
1 2 'Structure model' '_diffrn_source.pdbx_synchrotron_beamline' 
2 2 'Structure model' '_diffrn_source.type'                      
3 3 'Structure model' '_database_2.pdbx_DOI'                     
4 3 'Structure model' '_database_2.pdbx_database_accession'      
# 
_pdbx_database_status.entry_id                        5QP2 
_pdbx_database_status.status_code                     REL 
_pdbx_database_status.status_code_sf                  REL 
_pdbx_database_status.status_code_mr                  ? 
_pdbx_database_status.status_code_cs                  ? 
_pdbx_database_status.recvd_initial_deposition_date   2019-02-22 
_pdbx_database_status.deposit_site                    RCSB 
_pdbx_database_status.process_site                    RCSB 
_pdbx_database_status.SG_entry                        ? 
_pdbx_database_status.pdb_format_compatible           Y 
_pdbx_database_status.methods_development_category    ? 
_pdbx_database_status.status_code_nmr_data            ? 
# 
loop_
_audit_author.name 
_audit_author.pdbx_ordinal 
_audit_author.identifier_ORCID 
'Nelson, E.R.'      1  ? 
'Velupillai, S.'    2  ? 
'Talon, R.'         3  ? 
'Collins, P.M.'     4  ? 
'Krojer, T.'        5  ? 
'Wang, D.'          6  ? 
'Brandao-Neto, J.'  7  ? 
'Douangamath, A.'   8  ? 
'Burgess-Brown, N.' 9  ? 
'Arrowsmith, C.H.'  10 ? 
'Bountra, C.'       11 ? 
'Huber, K.'         12 ? 
'von Delft, F.'     13 ? 
# 
_citation.id                        primary 
_citation.title                     'PanDDA analysis group deposition' 
_citation.journal_abbrev            'To Be Published' 
_citation.journal_volume            ? 
_citation.page_first                ? 
_citation.page_last                 ? 
_citation.year                      ? 
_citation.journal_id_ASTM           ? 
_citation.country                   ? 
_citation.journal_id_ISSN           ? 
_citation.journal_id_CSD            0353 
_citation.book_publisher            ? 
_citation.pdbx_database_id_PubMed   ? 
_citation.pdbx_database_id_DOI      ? 
# 
loop_
_citation_author.citation_id 
_citation_author.name 
_citation_author.identifier_ORCID 
_citation_author.ordinal 
primary 'Nelson, E.R.'      ? 1  
primary 'Velupillai, S.'    ? 2  
primary 'Talon, R.'         ? 3  
primary 'Collins, P.M.'     ? 4  
primary 'Krojer, T.'        ? 5  
primary 'Wang, D.'          ? 6  
primary 'Brandao-Neto, J.'  ? 7  
primary 'Douangamath, A.'   ? 8  
primary 'Burgess-Brown, N.' ? 9  
primary 'Arrowsmith, C.H.'  ? 10 
primary 'Bountra, C.'       ? 11 
primary 'Huber, K.'         ? 12 
primary 'von Delft, F.'     ? 13 
# 
loop_
_entity.id 
_entity.type 
_entity.src_method 
_entity.pdbx_description 
_entity.formula_weight 
_entity.pdbx_number_of_molecules 
_entity.pdbx_ec 
_entity.pdbx_mutation 
_entity.pdbx_fragment 
_entity.details 
1 polymer     man 'DCP2 (NUDT20)'                                                               19073.738 1  3.6.1.62 ? 
'UNP residues 95-260' ? 
2 non-polymer syn 1,2-ETHANEDIOL                                                                62.068    2  ?        ? ? ? 
3 non-polymer syn 'DIMETHYL SULFOXIDE'                                                          78.133    1  ?        ? ? ? 
4 non-polymer syn 'ACETATE ION'                                                                 59.044    2  ?        ? ? ? 
5 non-polymer syn 'N-[(4-fluorophenyl)methyl]-5-(methoxymethyl)-1,2,4-oxadiazole-3-carboxamide' 265.240   1  ?        ? ? ? 
6 water       nat water                                                                         18.015    77 ?        ? ? ? 
# 
_entity_name_com.entity_id   1 
_entity_name_com.name        
'Nucleoside diphosphate-linked moiety X motif 20, Nudix motif 20, mRNA-decapping enzyme 2, hDpc, m7GpppN-mRNA hydrolase' 
# 
_entity_poly.entity_id                      1 
_entity_poly.type                           'polypeptide(L)' 
_entity_poly.nstd_linkage                   no 
_entity_poly.nstd_monomer                   no 
_entity_poly.pdbx_seq_one_letter_code       
;SMGVPTYGAIILDETLENVLLVQGYLAKSGWGFPKGKVNKEEAPHDCAAREVFEETGFDIKDYICKDDYIELRINDQLAR
LYIIPGIPKDTKFNPKTRREIRNIEWFSIEKLPCHRNDMTPKSKLGLAPNKFFMAIPFIRPLRDWLSRRFGDSSDSDNGF
SSTGSTP
;
_entity_poly.pdbx_seq_one_letter_code_can   
;SMGVPTYGAIILDETLENVLLVQGYLAKSGWGFPKGKVNKEEAPHDCAAREVFEETGFDIKDYICKDDYIELRINDQLAR
LYIIPGIPKDTKFNPKTRREIRNIEWFSIEKLPCHRNDMTPKSKLGLAPNKFFMAIPFIRPLRDWLSRRFGDSSDSDNGF
SSTGSTP
;
_entity_poly.pdbx_strand_id                 A 
_entity_poly.pdbx_target_identifier         ? 
# 
loop_
_pdbx_entity_nonpoly.entity_id 
_pdbx_entity_nonpoly.name 
_pdbx_entity_nonpoly.comp_id 
2 1,2-ETHANEDIOL                                                                EDO 
3 'DIMETHYL SULFOXIDE'                                                          DMS 
4 'ACETATE ION'                                                                 ACT 
5 'N-[(4-fluorophenyl)methyl]-5-(methoxymethyl)-1,2,4-oxadiazole-3-carboxamide' LHS 
6 water                                                                         HOH 
# 
loop_
_entity_poly_seq.entity_id 
_entity_poly_seq.num 
_entity_poly_seq.mon_id 
_entity_poly_seq.hetero 
1 1   SER n 
1 2   MET n 
1 3   GLY n 
1 4   VAL n 
1 5   PRO n 
1 6   THR n 
1 7   TYR n 
1 8   GLY n 
1 9   ALA n 
1 10  ILE n 
1 11  ILE n 
1 12  LEU n 
1 13  ASP n 
1 14  GLU n 
1 15  THR n 
1 16  LEU n 
1 17  GLU n 
1 18  ASN n 
1 19  VAL n 
1 20  LEU n 
1 21  LEU n 
1 22  VAL n 
1 23  GLN n 
1 24  GLY n 
1 25  TYR n 
1 26  LEU n 
1 27  ALA n 
1 28  LYS n 
1 29  SER n 
1 30  GLY n 
1 31  TRP n 
1 32  GLY n 
1 33  PHE n 
1 34  PRO n 
1 35  LYS n 
1 36  GLY n 
1 37  LYS n 
1 38  VAL n 
1 39  ASN n 
1 40  LYS n 
1 41  GLU n 
1 42  GLU n 
1 43  ALA n 
1 44  PRO n 
1 45  HIS n 
1 46  ASP n 
1 47  CYS n 
1 48  ALA n 
1 49  ALA n 
1 50  ARG n 
1 51  GLU n 
1 52  VAL n 
1 53  PHE n 
1 54  GLU n 
1 55  GLU n 
1 56  THR n 
1 57  GLY n 
1 58  PHE n 
1 59  ASP n 
1 60  ILE n 
1 61  LYS n 
1 62  ASP n 
1 63  TYR n 
1 64  ILE n 
1 65  CYS n 
1 66  LYS n 
1 67  ASP n 
1 68  ASP n 
1 69  TYR n 
1 70  ILE n 
1 71  GLU n 
1 72  LEU n 
1 73  ARG n 
1 74  ILE n 
1 75  ASN n 
1 76  ASP n 
1 77  GLN n 
1 78  LEU n 
1 79  ALA n 
1 80  ARG n 
1 81  LEU n 
1 82  TYR n 
1 83  ILE n 
1 84  ILE n 
1 85  PRO n 
1 86  GLY n 
1 87  ILE n 
1 88  PRO n 
1 89  LYS n 
1 90  ASP n 
1 91  THR n 
1 92  LYS n 
1 93  PHE n 
1 94  ASN n 
1 95  PRO n 
1 96  LYS n 
1 97  THR n 
1 98  ARG n 
1 99  ARG n 
1 100 GLU n 
1 101 ILE n 
1 102 ARG n 
1 103 ASN n 
1 104 ILE n 
1 105 GLU n 
1 106 TRP n 
1 107 PHE n 
1 108 SER n 
1 109 ILE n 
1 110 GLU n 
1 111 LYS n 
1 112 LEU n 
1 113 PRO n 
1 114 CYS n 
1 115 HIS n 
1 116 ARG n 
1 117 ASN n 
1 118 ASP n 
1 119 MET n 
1 120 THR n 
1 121 PRO n 
1 122 LYS n 
1 123 SER n 
1 124 LYS n 
1 125 LEU n 
1 126 GLY n 
1 127 LEU n 
1 128 ALA n 
1 129 PRO n 
1 130 ASN n 
1 131 LYS n 
1 132 PHE n 
1 133 PHE n 
1 134 MET n 
1 135 ALA n 
1 136 ILE n 
1 137 PRO n 
1 138 PHE n 
1 139 ILE n 
1 140 ARG n 
1 141 PRO n 
1 142 LEU n 
1 143 ARG n 
1 144 ASP n 
1 145 TRP n 
1 146 LEU n 
1 147 SER n 
1 148 ARG n 
1 149 ARG n 
1 150 PHE n 
1 151 GLY n 
1 152 ASP n 
1 153 SER n 
1 154 SER n 
1 155 ASP n 
1 156 SER n 
1 157 ASP n 
1 158 ASN n 
1 159 GLY n 
1 160 PHE n 
1 161 SER n 
1 162 SER n 
1 163 THR n 
1 164 GLY n 
1 165 SER n 
1 166 THR n 
1 167 PRO n 
# 
_entity_src_gen.entity_id                          1 
_entity_src_gen.pdbx_src_id                        1 
_entity_src_gen.pdbx_alt_source_flag               sample 
_entity_src_gen.pdbx_seq_type                      'Biological sequence' 
_entity_src_gen.pdbx_beg_seq_num                   1 
_entity_src_gen.pdbx_end_seq_num                   167 
_entity_src_gen.gene_src_common_name               Human 
_entity_src_gen.gene_src_genus                     ? 
_entity_src_gen.pdbx_gene_src_gene                 'DCP2, NUDT20' 
_entity_src_gen.gene_src_species                   ? 
_entity_src_gen.gene_src_strain                    ? 
_entity_src_gen.gene_src_tissue                    ? 
_entity_src_gen.gene_src_tissue_fraction           ? 
_entity_src_gen.gene_src_details                   ? 
_entity_src_gen.pdbx_gene_src_fragment             ? 
_entity_src_gen.pdbx_gene_src_scientific_name      'Homo sapiens' 
_entity_src_gen.pdbx_gene_src_ncbi_taxonomy_id     9606 
_entity_src_gen.pdbx_gene_src_variant              ? 
_entity_src_gen.pdbx_gene_src_cell_line            ? 
_entity_src_gen.pdbx_gene_src_atcc                 ? 
_entity_src_gen.pdbx_gene_src_organ                ? 
_entity_src_gen.pdbx_gene_src_organelle            ? 
_entity_src_gen.pdbx_gene_src_cell                 ? 
_entity_src_gen.pdbx_gene_src_cellular_location    ? 
_entity_src_gen.host_org_common_name               ? 
_entity_src_gen.pdbx_host_org_scientific_name      'Escherichia coli' 
_entity_src_gen.pdbx_host_org_ncbi_taxonomy_id     562 
_entity_src_gen.host_org_genus                     ? 
_entity_src_gen.pdbx_host_org_gene                 ? 
_entity_src_gen.pdbx_host_org_organ                ? 
_entity_src_gen.host_org_species                   ? 
_entity_src_gen.pdbx_host_org_tissue               ? 
_entity_src_gen.pdbx_host_org_tissue_fraction      ? 
_entity_src_gen.pdbx_host_org_strain               ? 
_entity_src_gen.pdbx_host_org_variant              ? 
_entity_src_gen.pdbx_host_org_cell_line            ? 
_entity_src_gen.pdbx_host_org_atcc                 ? 
_entity_src_gen.pdbx_host_org_culture_collection   ? 
_entity_src_gen.pdbx_host_org_cell                 ? 
_entity_src_gen.pdbx_host_org_organelle            ? 
_entity_src_gen.pdbx_host_org_cellular_location    ? 
_entity_src_gen.pdbx_host_org_vector_type          ? 
_entity_src_gen.pdbx_host_org_vector               ? 
_entity_src_gen.host_org_details                   ? 
_entity_src_gen.expression_system_id               ? 
_entity_src_gen.plasmid_name                       ? 
_entity_src_gen.plasmid_details                    ? 
_entity_src_gen.pdbx_description                   ? 
# 
loop_
_chem_comp.id 
_chem_comp.type 
_chem_comp.mon_nstd_flag 
_chem_comp.name 
_chem_comp.pdbx_synonyms 
_chem_comp.formula 
_chem_comp.formula_weight 
ACT non-polymer         . 'ACETATE ION'                                                                 ?                 
'C2 H3 O2 -1'     59.044  
ALA 'L-peptide linking' y ALANINE                                                                       ?                 
'C3 H7 N O2'      89.093  
ARG 'L-peptide linking' y ARGININE                                                                      ?                 
'C6 H15 N4 O2 1'  175.209 
ASN 'L-peptide linking' y ASPARAGINE                                                                    ?                 
'C4 H8 N2 O3'     132.118 
ASP 'L-peptide linking' y 'ASPARTIC ACID'                                                               ?                 
'C4 H7 N O4'      133.103 
CYS 'L-peptide linking' y CYSTEINE                                                                      ?                 
'C3 H7 N O2 S'    121.158 
DMS non-polymer         . 'DIMETHYL SULFOXIDE'                                                          ?                 
'C2 H6 O S'       78.133  
EDO non-polymer         . 1,2-ETHANEDIOL                                                                'ETHYLENE GLYCOL' 
'C2 H6 O2'        62.068  
GLN 'L-peptide linking' y GLUTAMINE                                                                     ?                 
'C5 H10 N2 O3'    146.144 
GLU 'L-peptide linking' y 'GLUTAMIC ACID'                                                               ?                 
'C5 H9 N O4'      147.129 
GLY 'peptide linking'   y GLYCINE                                                                       ?                 
'C2 H5 N O2'      75.067  
HIS 'L-peptide linking' y HISTIDINE                                                                     ?                 
'C6 H10 N3 O2 1'  156.162 
HOH non-polymer         . WATER                                                                         ?                 'H2 O' 
18.015  
ILE 'L-peptide linking' y ISOLEUCINE                                                                    ?                 
'C6 H13 N O2'     131.173 
LEU 'L-peptide linking' y LEUCINE                                                                       ?                 
'C6 H13 N O2'     131.173 
LHS non-polymer         . 'N-[(4-fluorophenyl)methyl]-5-(methoxymethyl)-1,2,4-oxadiazole-3-carboxamide' ?                 
'C12 H12 F N3 O3' 265.240 
LYS 'L-peptide linking' y LYSINE                                                                        ?                 
'C6 H15 N2 O2 1'  147.195 
MET 'L-peptide linking' y METHIONINE                                                                    ?                 
'C5 H11 N O2 S'   149.211 
PHE 'L-peptide linking' y PHENYLALANINE                                                                 ?                 
'C9 H11 N O2'     165.189 
PRO 'L-peptide linking' y PROLINE                                                                       ?                 
'C5 H9 N O2'      115.130 
SER 'L-peptide linking' y SERINE                                                                        ?                 
'C3 H7 N O3'      105.093 
THR 'L-peptide linking' y THREONINE                                                                     ?                 
'C4 H9 N O3'      119.119 
TRP 'L-peptide linking' y TRYPTOPHAN                                                                    ?                 
'C11 H12 N2 O2'   204.225 
TYR 'L-peptide linking' y TYROSINE                                                                      ?                 
'C9 H11 N O3'     181.189 
VAL 'L-peptide linking' y VALINE                                                                        ?                 
'C5 H11 N O2'     117.146 
# 
loop_
_pdbx_poly_seq_scheme.asym_id 
_pdbx_poly_seq_scheme.entity_id 
_pdbx_poly_seq_scheme.seq_id 
_pdbx_poly_seq_scheme.mon_id 
_pdbx_poly_seq_scheme.ndb_seq_num 
_pdbx_poly_seq_scheme.pdb_seq_num 
_pdbx_poly_seq_scheme.auth_seq_num 
_pdbx_poly_seq_scheme.pdb_mon_id 
_pdbx_poly_seq_scheme.auth_mon_id 
_pdbx_poly_seq_scheme.pdb_strand_id 
_pdbx_poly_seq_scheme.pdb_ins_code 
_pdbx_poly_seq_scheme.hetero 
A 1 1   SER 1   94  ?   ?   ?   A . n 
A 1 2   MET 2   95  ?   ?   ?   A . n 
A 1 3   GLY 3   96  96  GLY GLY A . n 
A 1 4   VAL 4   97  97  VAL VAL A . n 
A 1 5   PRO 5   98  98  PRO PRO A . n 
A 1 6   THR 6   99  99  THR THR A . n 
A 1 7   TYR 7   100 100 TYR TYR A . n 
A 1 8   GLY 8   101 101 GLY GLY A . n 
A 1 9   ALA 9   102 102 ALA ALA A . n 
A 1 10  ILE 10  103 103 ILE ILE A . n 
A 1 11  ILE 11  104 104 ILE ILE A . n 
A 1 12  LEU 12  105 105 LEU LEU A . n 
A 1 13  ASP 13  106 106 ASP ASP A . n 
A 1 14  GLU 14  107 107 GLU GLU A . n 
A 1 15  THR 15  108 108 THR THR A . n 
A 1 16  LEU 16  109 109 LEU LEU A . n 
A 1 17  GLU 17  110 110 GLU GLU A . n 
A 1 18  ASN 18  111 111 ASN ASN A . n 
A 1 19  VAL 19  112 112 VAL VAL A . n 
A 1 20  LEU 20  113 113 LEU LEU A . n 
A 1 21  LEU 21  114 114 LEU LEU A . n 
A 1 22  VAL 22  115 115 VAL VAL A . n 
A 1 23  GLN 23  116 116 GLN GLN A . n 
A 1 24  GLY 24  117 117 GLY GLY A . n 
A 1 25  TYR 25  118 118 TYR TYR A . n 
A 1 26  LEU 26  119 119 LEU LEU A . n 
A 1 27  ALA 27  120 120 ALA ALA A . n 
A 1 28  LYS 28  121 121 LYS LYS A . n 
A 1 29  SER 29  122 122 SER SER A . n 
A 1 30  GLY 30  123 123 GLY GLY A . n 
A 1 31  TRP 31  124 124 TRP TRP A . n 
A 1 32  GLY 32  125 125 GLY GLY A . n 
A 1 33  PHE 33  126 126 PHE PHE A . n 
A 1 34  PRO 34  127 127 PRO PRO A . n 
A 1 35  LYS 35  128 128 LYS LYS A . n 
A 1 36  GLY 36  129 129 GLY GLY A . n 
A 1 37  LYS 37  130 130 LYS LYS A . n 
A 1 38  VAL 38  131 131 VAL VAL A . n 
A 1 39  ASN 39  132 132 ASN ASN A . n 
A 1 40  LYS 40  133 133 LYS LYS A . n 
A 1 41  GLU 41  134 134 GLU GLU A . n 
A 1 42  GLU 42  135 135 GLU GLU A . n 
A 1 43  ALA 43  136 136 ALA ALA A . n 
A 1 44  PRO 44  137 137 PRO PRO A . n 
A 1 45  HIS 45  138 138 HIS HIS A . n 
A 1 46  ASP 46  139 139 ASP ASP A . n 
A 1 47  CYS 47  140 140 CYS CYS A . n 
A 1 48  ALA 48  141 141 ALA ALA A . n 
A 1 49  ALA 49  142 142 ALA ALA A . n 
A 1 50  ARG 50  143 143 ARG ARG A . n 
A 1 51  GLU 51  144 144 GLU GLU A . n 
A 1 52  VAL 52  145 145 VAL VAL A . n 
A 1 53  PHE 53  146 146 PHE PHE A . n 
A 1 54  GLU 54  147 147 GLU GLU A . n 
A 1 55  GLU 55  148 148 GLU GLU A . n 
A 1 56  THR 56  149 149 THR THR A . n 
A 1 57  GLY 57  150 150 GLY GLY A . n 
A 1 58  PHE 58  151 151 PHE PHE A . n 
A 1 59  ASP 59  152 152 ASP ASP A . n 
A 1 60  ILE 60  153 153 ILE ILE A . n 
A 1 61  LYS 61  154 154 LYS LYS A . n 
A 1 62  ASP 62  155 155 ASP ASP A . n 
A 1 63  TYR 63  156 156 TYR TYR A . n 
A 1 64  ILE 64  157 157 ILE ILE A . n 
A 1 65  CYS 65  158 158 CYS CYS A . n 
A 1 66  LYS 66  159 159 LYS LYS A . n 
A 1 67  ASP 67  160 160 ASP ASP A . n 
A 1 68  ASP 68  161 161 ASP ASP A . n 
A 1 69  TYR 69  162 162 TYR TYR A . n 
A 1 70  ILE 70  163 163 ILE ILE A . n 
A 1 71  GLU 71  164 164 GLU GLU A . n 
A 1 72  LEU 72  165 165 LEU LEU A . n 
A 1 73  ARG 73  166 166 ARG ARG A . n 
A 1 74  ILE 74  167 167 ILE ILE A . n 
A 1 75  ASN 75  168 168 ASN ASN A . n 
A 1 76  ASP 76  169 169 ASP ASP A . n 
A 1 77  GLN 77  170 170 GLN GLN A . n 
A 1 78  LEU 78  171 171 LEU LEU A . n 
A 1 79  ALA 79  172 172 ALA ALA A . n 
A 1 80  ARG 80  173 173 ARG ARG A . n 
A 1 81  LEU 81  174 174 LEU LEU A . n 
A 1 82  TYR 82  175 175 TYR TYR A . n 
A 1 83  ILE 83  176 176 ILE ILE A . n 
A 1 84  ILE 84  177 177 ILE ILE A . n 
A 1 85  PRO 85  178 178 PRO PRO A . n 
A 1 86  GLY 86  179 179 GLY GLY A . n 
A 1 87  ILE 87  180 180 ILE ILE A . n 
A 1 88  PRO 88  181 181 PRO PRO A . n 
A 1 89  LYS 89  182 182 LYS LYS A . n 
A 1 90  ASP 90  183 183 ASP ASP A . n 
A 1 91  THR 91  184 184 THR THR A . n 
A 1 92  LYS 92  185 185 LYS LYS A . n 
A 1 93  PHE 93  186 186 PHE PHE A . n 
A 1 94  ASN 94  187 187 ASN ASN A . n 
A 1 95  PRO 95  188 188 PRO PRO A . n 
A 1 96  LYS 96  189 189 LYS LYS A . n 
A 1 97  THR 97  190 190 THR THR A . n 
A 1 98  ARG 98  191 191 ARG ARG A . n 
A 1 99  ARG 99  192 192 ARG ARG A . n 
A 1 100 GLU 100 193 193 GLU GLU A . n 
A 1 101 ILE 101 194 194 ILE ILE A . n 
A 1 102 ARG 102 195 195 ARG ARG A . n 
A 1 103 ASN 103 196 196 ASN ASN A . n 
A 1 104 ILE 104 197 197 ILE ILE A . n 
A 1 105 GLU 105 198 198 GLU GLU A . n 
A 1 106 TRP 106 199 199 TRP TRP A . n 
A 1 107 PHE 107 200 200 PHE PHE A . n 
A 1 108 SER 108 201 201 SER SER A . n 
A 1 109 ILE 109 202 202 ILE ILE A . n 
A 1 110 GLU 110 203 203 GLU GLU A . n 
A 1 111 LYS 111 204 204 LYS LYS A . n 
A 1 112 LEU 112 205 205 LEU LEU A . n 
A 1 113 PRO 113 206 206 PRO PRO A . n 
A 1 114 CYS 114 207 207 CYS CYS A . n 
A 1 115 HIS 115 208 208 HIS HIS A . n 
A 1 116 ARG 116 209 209 ARG ARG A . n 
A 1 117 ASN 117 210 210 ASN ASN A . n 
A 1 118 ASP 118 211 211 ASP ASP A . n 
A 1 119 MET 119 212 212 MET MET A . n 
A 1 120 THR 120 213 213 THR THR A . n 
A 1 121 PRO 121 214 214 PRO PRO A . n 
A 1 122 LYS 122 215 215 LYS LYS A . n 
A 1 123 SER 123 216 216 SER SER A . n 
A 1 124 LYS 124 217 217 LYS LYS A . n 
A 1 125 LEU 125 218 218 LEU LEU A . n 
A 1 126 GLY 126 219 219 GLY GLY A . n 
A 1 127 LEU 127 220 220 LEU LEU A . n 
A 1 128 ALA 128 221 221 ALA ALA A . n 
A 1 129 PRO 129 222 222 PRO PRO A . n 
A 1 130 ASN 130 223 223 ASN ASN A . n 
A 1 131 LYS 131 224 224 LYS LYS A . n 
A 1 132 PHE 132 225 225 PHE PHE A . n 
A 1 133 PHE 133 226 226 PHE PHE A . n 
A 1 134 MET 134 227 227 MET MET A . n 
A 1 135 ALA 135 228 228 ALA ALA A . n 
A 1 136 ILE 136 229 229 ILE ILE A . n 
A 1 137 PRO 137 230 230 PRO PRO A . n 
A 1 138 PHE 138 231 231 PHE PHE A . n 
A 1 139 ILE 139 232 232 ILE ILE A . n 
A 1 140 ARG 140 233 233 ARG ARG A . n 
A 1 141 PRO 141 234 234 PRO PRO A . n 
A 1 142 LEU 142 235 235 LEU LEU A . n 
A 1 143 ARG 143 236 236 ARG ARG A . n 
A 1 144 ASP 144 237 237 ASP ASP A . n 
A 1 145 TRP 145 238 238 TRP TRP A . n 
A 1 146 LEU 146 239 239 LEU LEU A . n 
A 1 147 SER 147 240 240 SER SER A . n 
A 1 148 ARG 148 241 241 ARG ARG A . n 
A 1 149 ARG 149 242 242 ARG ARG A . n 
A 1 150 PHE 150 243 243 PHE PHE A . n 
A 1 151 GLY 151 244 244 GLY GLY A . n 
A 1 152 ASP 152 245 ?   ?   ?   A . n 
A 1 153 SER 153 246 ?   ?   ?   A . n 
A 1 154 SER 154 247 ?   ?   ?   A . n 
A 1 155 ASP 155 248 ?   ?   ?   A . n 
A 1 156 SER 156 249 ?   ?   ?   A . n 
A 1 157 ASP 157 250 ?   ?   ?   A . n 
A 1 158 ASN 158 251 ?   ?   ?   A . n 
A 1 159 GLY 159 252 ?   ?   ?   A . n 
A 1 160 PHE 160 253 ?   ?   ?   A . n 
A 1 161 SER 161 254 ?   ?   ?   A . n 
A 1 162 SER 162 255 ?   ?   ?   A . n 
A 1 163 THR 163 256 ?   ?   ?   A . n 
A 1 164 GLY 164 257 ?   ?   ?   A . n 
A 1 165 SER 165 258 ?   ?   ?   A . n 
A 1 166 THR 166 259 ?   ?   ?   A . n 
A 1 167 PRO 167 260 ?   ?   ?   A . n 
# 
loop_
_pdbx_nonpoly_scheme.asym_id 
_pdbx_nonpoly_scheme.entity_id 
_pdbx_nonpoly_scheme.mon_id 
_pdbx_nonpoly_scheme.ndb_seq_num 
_pdbx_nonpoly_scheme.pdb_seq_num 
_pdbx_nonpoly_scheme.auth_seq_num 
_pdbx_nonpoly_scheme.pdb_mon_id 
_pdbx_nonpoly_scheme.auth_mon_id 
_pdbx_nonpoly_scheme.pdb_strand_id 
_pdbx_nonpoly_scheme.pdb_ins_code 
B 2 EDO 1  301 2   EDO EDO A . 
C 2 EDO 1  302 3   EDO EDO A . 
D 3 DMS 1  303 1   DMS DMS A . 
E 4 ACT 1  304 1   ACT ACT A . 
F 4 ACT 1  305 2   ACT ACT A . 
G 5 LHS 1  306 1   LHS LIG A . 
H 6 HOH 1  401 100 HOH HOH A . 
H 6 HOH 2  402 10  HOH HOH A . 
H 6 HOH 3  403 66  HOH HOH A . 
H 6 HOH 4  404 60  HOH HOH A . 
H 6 HOH 5  405 29  HOH HOH A . 
H 6 HOH 6  406 17  HOH HOH A . 
H 6 HOH 7  407 78  HOH HOH A . 
H 6 HOH 8  408 88  HOH HOH A . 
H 6 HOH 9  409 8   HOH HOH A . 
H 6 HOH 10 410 96  HOH HOH A . 
H 6 HOH 11 411 38  HOH HOH A . 
H 6 HOH 12 412 18  HOH HOH A . 
H 6 HOH 13 413 23  HOH HOH A . 
H 6 HOH 14 414 90  HOH HOH A . 
H 6 HOH 15 415 13  HOH HOH A . 
H 6 HOH 16 416 4   HOH HOH A . 
H 6 HOH 17 417 68  HOH HOH A . 
H 6 HOH 18 418 33  HOH HOH A . 
H 6 HOH 19 419 12  HOH HOH A . 
H 6 HOH 20 420 76  HOH HOH A . 
H 6 HOH 21 421 81  HOH HOH A . 
H 6 HOH 22 422 14  HOH HOH A . 
H 6 HOH 23 423 31  HOH HOH A . 
H 6 HOH 24 424 32  HOH HOH A . 
H 6 HOH 25 425 1   HOH HOH A . 
H 6 HOH 26 426 16  HOH HOH A . 
H 6 HOH 27 427 24  HOH HOH A . 
H 6 HOH 28 428 39  HOH HOH A . 
H 6 HOH 29 429 15  HOH HOH A . 
H 6 HOH 30 430 5   HOH HOH A . 
H 6 HOH 31 431 71  HOH HOH A . 
H 6 HOH 32 432 2   HOH HOH A . 
H 6 HOH 33 433 6   HOH HOH A . 
H 6 HOH 34 434 35  HOH HOH A . 
H 6 HOH 35 435 50  HOH HOH A . 
H 6 HOH 36 436 43  HOH HOH A . 
H 6 HOH 37 437 11  HOH HOH A . 
H 6 HOH 38 438 9   HOH HOH A . 
H 6 HOH 39 439 7   HOH HOH A . 
H 6 HOH 40 440 3   HOH HOH A . 
H 6 HOH 41 441 57  HOH HOH A . 
H 6 HOH 42 442 59  HOH HOH A . 
H 6 HOH 43 443 46  HOH HOH A . 
H 6 HOH 44 444 79  HOH HOH A . 
H 6 HOH 45 445 65  HOH HOH A . 
H 6 HOH 46 446 27  HOH HOH A . 
H 6 HOH 47 447 30  HOH HOH A . 
H 6 HOH 48 448 97  HOH HOH A . 
H 6 HOH 49 449 69  HOH HOH A . 
H 6 HOH 50 450 72  HOH HOH A . 
H 6 HOH 51 451 84  HOH HOH A . 
H 6 HOH 52 452 25  HOH HOH A . 
H 6 HOH 53 453 101 HOH HOH A . 
H 6 HOH 54 454 21  HOH HOH A . 
H 6 HOH 55 455 42  HOH HOH A . 
H 6 HOH 56 456 47  HOH HOH A . 
H 6 HOH 57 457 19  HOH HOH A . 
H 6 HOH 58 458 94  HOH HOH A . 
H 6 HOH 59 459 105 HOH HOH A . 
H 6 HOH 60 460 28  HOH HOH A . 
H 6 HOH 61 461 80  HOH HOH A . 
H 6 HOH 62 462 22  HOH HOH A . 
H 6 HOH 63 463 55  HOH HOH A . 
H 6 HOH 64 464 107 HOH HOH A . 
H 6 HOH 65 465 40  HOH HOH A . 
H 6 HOH 66 466 36  HOH HOH A . 
H 6 HOH 67 467 75  HOH HOH A . 
H 6 HOH 68 468 92  HOH HOH A . 
H 6 HOH 69 469 86  HOH HOH A . 
H 6 HOH 70 470 26  HOH HOH A . 
H 6 HOH 71 471 98  HOH HOH A . 
H 6 HOH 72 472 52  HOH HOH A . 
H 6 HOH 73 473 51  HOH HOH A . 
H 6 HOH 74 474 56  HOH HOH A . 
H 6 HOH 75 475 93  HOH HOH A . 
H 6 HOH 76 476 20  HOH HOH A . 
H 6 HOH 77 477 41  HOH HOH A . 
# 
loop_
_pdbx_unobs_or_zero_occ_atoms.id 
_pdbx_unobs_or_zero_occ_atoms.PDB_model_num 
_pdbx_unobs_or_zero_occ_atoms.polymer_flag 
_pdbx_unobs_or_zero_occ_atoms.occupancy_flag 
_pdbx_unobs_or_zero_occ_atoms.auth_asym_id 
_pdbx_unobs_or_zero_occ_atoms.auth_comp_id 
_pdbx_unobs_or_zero_occ_atoms.auth_seq_id 
_pdbx_unobs_or_zero_occ_atoms.PDB_ins_code 
_pdbx_unobs_or_zero_occ_atoms.auth_atom_id 
_pdbx_unobs_or_zero_occ_atoms.label_alt_id 
_pdbx_unobs_or_zero_occ_atoms.label_asym_id 
_pdbx_unobs_or_zero_occ_atoms.label_comp_id 
_pdbx_unobs_or_zero_occ_atoms.label_seq_id 
_pdbx_unobs_or_zero_occ_atoms.label_atom_id 
1  1 Y 1 A LYS 130 ? CE  ? A LYS 37  CE  
2  1 Y 1 A LYS 130 ? NZ  ? A LYS 37  NZ  
3  1 Y 1 A LYS 133 ? CG  ? A LYS 40  CG  
4  1 Y 1 A LYS 133 ? CD  ? A LYS 40  CD  
5  1 Y 1 A LYS 133 ? CE  ? A LYS 40  CE  
6  1 Y 1 A LYS 133 ? NZ  ? A LYS 40  NZ  
7  1 Y 1 A GLU 134 ? CG  ? A GLU 41  CG  
8  1 Y 1 A GLU 134 ? CD  ? A GLU 41  CD  
9  1 Y 1 A GLU 134 ? OE1 ? A GLU 41  OE1 
10 1 Y 1 A GLU 134 ? OE2 ? A GLU 41  OE2 
11 1 Y 1 A LYS 159 ? CD  ? A LYS 66  CD  
12 1 Y 1 A LYS 159 ? CE  ? A LYS 66  CE  
13 1 Y 1 A LYS 159 ? NZ  ? A LYS 66  NZ  
14 1 Y 1 A LYS 185 ? CE  ? A LYS 92  CE  
15 1 Y 1 A LYS 185 ? NZ  ? A LYS 92  NZ  
16 1 Y 1 A LYS 215 ? CD  ? A LYS 122 CD  
17 1 Y 1 A LYS 215 ? CE  ? A LYS 122 CE  
18 1 Y 1 A LYS 215 ? NZ  ? A LYS 122 NZ  
19 1 Y 1 A LYS 217 ? CE  ? A LYS 124 CE  
20 1 Y 1 A LYS 217 ? NZ  ? A LYS 124 NZ  
21 1 Y 1 A ARG 241 ? CD  ? A ARG 148 CD  
22 1 Y 1 A ARG 241 ? NE  ? A ARG 148 NE  
23 1 Y 1 A ARG 241 ? CZ  ? A ARG 148 CZ  
24 1 Y 1 A ARG 241 ? NH1 ? A ARG 148 NH1 
25 1 Y 1 A ARG 241 ? NH2 ? A ARG 148 NH2 
# 
loop_
_software.pdbx_ordinal 
_software.name 
_software.version 
_software.date 
_software.type 
_software.contact_author 
_software.contact_author_email 
_software.classification 
_software.location 
_software.language 
_software.citation_id 
1 REFMAC      5.8.0189 ?               program 'Garib N. Murshudov' garib@ysbl.york.ac.uk    refinement        
http://www.ccp4.ac.uk/dist/html/refmac5.html        Fortran_77 ? 
2 Aimless     0.5.32   29/03/17        program 'Phil Evans'         ?                        'data scaling'    
http://www.mrc-lmb.cam.ac.uk/harry/pre/aimless.html ?          ? 
3 PDB_EXTRACT 3.23     'SEP. 23, 2016' package PDB                  deposit@deposit.rcsb.org 'data extraction' 
http://sw-tools.pdb.org/apps/PDB_EXTRACT/           C++        ? 
4 XDS         .        ?               program ?                    ?                        'data reduction'  ? ?          ? 
5 REFMAC      .        ?               program ?                    ?                        phasing           ? ?          ? 
# 
_cell.entry_id           5QP2 
_cell.length_a           47.811 
_cell.length_b           60.694 
_cell.length_c           65.267 
_cell.angle_alpha        90.000 
_cell.angle_beta         90.000 
_cell.angle_gamma        90.000 
_cell.Z_PDB              4 
_cell.pdbx_unique_axis   ? 
# 
_symmetry.entry_id                         5QP2 
_symmetry.space_group_name_H-M             'P 21 21 21' 
_symmetry.pdbx_full_space_group_name_H-M   ? 
_symmetry.cell_setting                     ? 
_symmetry.Int_Tables_number                19 
# 
_exptl.crystals_number   1 
_exptl.entry_id          5QP2 
_exptl.method            'X-RAY DIFFRACTION' 
# 
_exptl_crystal.id                    1 
_exptl_crystal.pdbx_mosaicity        0.150 
_exptl_crystal.pdbx_mosaicity_esd    ? 
_exptl_crystal.density_Matthews      2.48 
_exptl_crystal.density_diffrn        ? 
_exptl_crystal.density_meas          ? 
_exptl_crystal.density_meas_temp     ? 
_exptl_crystal.density_percent_sol   50.45 
_exptl_crystal.size_max              ? 
_exptl_crystal.size_mid              ? 
_exptl_crystal.size_min              ? 
_exptl_crystal.size_rad              ? 
_exptl_crystal.description           ? 
# 
_exptl_crystal_grow.crystal_id      1 
_exptl_crystal_grow.method          'VAPOR DIFFUSION, SITTING DROP' 
_exptl_crystal_grow.pH              4.5 
_exptl_crystal_grow.temp            277 
_exptl_crystal_grow.pdbx_details    '0.1 M acetate, pH 4.5, 5-25% PEG3350' 
_exptl_crystal_grow.temp_details    ? 
_exptl_crystal_grow.pdbx_pH_range   ? 
# 
_diffrn.id                     1 
_diffrn.ambient_temp           ? 
_diffrn.crystal_id             1 
_diffrn.ambient_temp_details   ? 
# 
_diffrn_detector.detector               PIXEL 
_diffrn_detector.type                   'DECTRIS PILATUS 2M' 
_diffrn_detector.pdbx_collection_date   2017-07-27 
_diffrn_detector.diffrn_id              1 
_diffrn_detector.details                ? 
# 
_diffrn_radiation.diffrn_id                        1 
_diffrn_radiation.wavelength_id                    1 
_diffrn_radiation.pdbx_diffrn_protocol             'SINGLE WAVELENGTH' 
_diffrn_radiation.pdbx_monochromatic_or_laue_m_l   ? 
_diffrn_radiation.monochromator                    ? 
_diffrn_radiation.pdbx_scattering_type             x-ray 
# 
_diffrn_radiation_wavelength.id           1 
_diffrn_radiation_wavelength.wavelength   0.91587 
_diffrn_radiation_wavelength.wt           1.0 
# 
_diffrn_source.diffrn_id                   1 
_diffrn_source.source                      SYNCHROTRON 
_diffrn_source.type                        'DIAMOND BEAMLINE I04-1' 
_diffrn_source.pdbx_wavelength_list        0.91587 
_diffrn_source.pdbx_synchrotron_site       Diamond 
_diffrn_source.pdbx_synchrotron_beamline   I04-1 
_diffrn_source.pdbx_wavelength             ? 
# 
_reflns.entry_id                     5QP2 
_reflns.pdbx_diffrn_id               1 
_reflns.pdbx_ordinal                 1 
_reflns.observed_criterion_sigma_I   ? 
_reflns.observed_criterion_sigma_F   ? 
_reflns.d_resolution_low             28.740 
_reflns.d_resolution_high            1.830 
_reflns.number_obs                   17302 
_reflns.number_all                   ? 
_reflns.percent_possible_obs         99.800 
_reflns.pdbx_Rmerge_I_obs            0.039 
_reflns.pdbx_Rsym_value              ? 
_reflns.pdbx_netI_over_sigmaI        22.900 
_reflns.B_iso_Wilson_estimate        ? 
_reflns.pdbx_redundancy              6.400 
_reflns.pdbx_Rrim_I_all              0.042 
_reflns.pdbx_Rpim_I_all              0.017 
_reflns.pdbx_CC_half                 1.000 
_reflns.pdbx_netI_over_av_sigmaI     ? 
_reflns.pdbx_number_measured_all     111592 
_reflns.pdbx_scaling_rejects         0 
_reflns.pdbx_chi_squared             ? 
_reflns.Rmerge_F_all                 ? 
_reflns.Rmerge_F_obs                 ? 
_reflns.observed_criterion_F_max     ? 
_reflns.observed_criterion_F_min     ? 
_reflns.observed_criterion_I_max     ? 
_reflns.observed_criterion_I_min     ? 
_reflns.pdbx_d_res_high_opt          ? 
_reflns.pdbx_d_res_low_opt           ? 
_reflns.details                      ? 
# 
loop_
_reflns_shell.pdbx_diffrn_id 
_reflns_shell.pdbx_ordinal 
_reflns_shell.d_res_high 
_reflns_shell.d_res_low 
_reflns_shell.number_measured_obs 
_reflns_shell.number_measured_all 
_reflns_shell.number_unique_obs 
_reflns_shell.pdbx_rejects 
_reflns_shell.Rmerge_I_obs 
_reflns_shell.meanI_over_sigI_obs 
_reflns_shell.pdbx_Rsym_value 
_reflns_shell.pdbx_chi_squared 
_reflns_shell.pdbx_redundancy 
_reflns_shell.percent_possible_obs 
_reflns_shell.pdbx_netI_over_sigmaI_obs 
_reflns_shell.number_possible 
_reflns_shell.number_unique_all 
_reflns_shell.Rmerge_F_all 
_reflns_shell.Rmerge_F_obs 
_reflns_shell.Rmerge_I_all 
_reflns_shell.meanI_over_sigI_all 
_reflns_shell.percent_possible_all 
_reflns_shell.pdbx_Rrim_I_all 
_reflns_shell.pdbx_Rpim_I_all 
_reflns_shell.pdbx_CC_half 
1 1 1.830 1.880  ? 8181 ? ? 0.824 ? ? ? 6.600 ? 2.500  ? 1237 ? ? ? ? 98.900 0.894 0.341 0.916 
1 2 8.190 28.740 ? 1262 ? ? 0.014 ? ? ? 5.500 ? 75.900 ? 231  ? ? ? ? 97.500 0.016 0.007 1.000 
# 
_refine.entry_id                                 5QP2 
_refine.pdbx_refine_id                           'X-RAY DIFFRACTION' 
_refine.ls_d_res_high                            1.8300 
_refine.ls_d_res_low                             44.4900 
_refine.pdbx_ls_sigma_F                          0.000 
_refine.pdbx_data_cutoff_high_absF               ? 
_refine.pdbx_data_cutoff_low_absF                ? 
_refine.ls_percent_reflns_obs                    99.7500 
_refine.ls_number_reflns_obs                     16429 
_refine.ls_number_reflns_all                     ? 
_refine.pdbx_ls_cross_valid_method               THROUGHOUT 
_refine.ls_matrix_type                           ? 
_refine.pdbx_R_Free_selection_details            RANDOM 
_refine.details                                  
'HYDROGENS HAVE BEEN ADDED IN THE RIDING POSITIONS U VALUES : REFINED INDIVIDUALLY' 
_refine.ls_R_factor_all                          ? 
_refine.ls_R_factor_obs                          0.1956 
_refine.ls_R_factor_R_work                       0.1931 
_refine.ls_wR_factor_R_work                      ? 
_refine.ls_R_factor_R_free                       0.2501 
_refine.ls_wR_factor_R_free                      ? 
_refine.ls_percent_reflns_R_free                 4.8000 
_refine.ls_number_reflns_R_free                  831 
_refine.ls_number_reflns_R_work                  ? 
_refine.ls_R_factor_R_free_error                 ? 
_refine.B_iso_mean                               45.9420 
_refine.solvent_model_param_bsol                 ? 
_refine.solvent_model_param_ksol                 ? 
_refine.pdbx_isotropic_thermal_model             ? 
_refine.aniso_B[1][1]                            3.5300 
_refine.aniso_B[2][2]                            -3.3600 
_refine.aniso_B[3][3]                            -0.1700 
_refine.aniso_B[1][2]                            0.0000 
_refine.aniso_B[1][3]                            -0.0000 
_refine.aniso_B[2][3]                            0.0000 
_refine.correlation_coeff_Fo_to_Fc               0.9640 
_refine.correlation_coeff_Fo_to_Fc_free          0.9320 
_refine.overall_SU_R_Cruickshank_DPI             ? 
_refine.pdbx_overall_SU_R_free_Cruickshank_DPI   ? 
_refine.pdbx_overall_SU_R_Blow_DPI               ? 
_refine.pdbx_overall_SU_R_free_Blow_DPI          ? 
_refine.overall_SU_R_free                        ? 
_refine.pdbx_overall_ESU_R                       0.1430 
_refine.pdbx_overall_ESU_R_Free                  0.1450 
_refine.overall_SU_ML                            0.1230 
_refine.overall_SU_B                             4.2490 
_refine.solvent_model_details                    MASK 
_refine.pdbx_solvent_vdw_probe_radii             1.2000 
_refine.pdbx_solvent_ion_probe_radii             0.8000 
_refine.pdbx_solvent_shrinkage_radii             0.8000 
_refine.ls_number_parameters                     ? 
_refine.ls_number_restraints                     ? 
_refine.pdbx_starting_model                      'PDB entry 5MP0' 
_refine.pdbx_method_to_determine_struct          'FOURIER SYNTHESIS' 
_refine.pdbx_stereochemistry_target_values       'MAXIMUM LIKELIHOOD' 
_refine.pdbx_stereochem_target_val_spec_case     ? 
_refine.overall_FOM_work_R_set                   ? 
_refine.B_iso_max                                107.320 
_refine.B_iso_min                                24.500 
_refine.pdbx_overall_phase_error                 ? 
_refine.occupancy_max                            ? 
_refine.occupancy_min                            ? 
_refine.pdbx_diffrn_id                           1 
_refine.pdbx_TLS_residual_ADP_flag               ? 
_refine.pdbx_ls_sigma_I                          ? 
_refine.pdbx_data_cutoff_high_rms_absF           ? 
_refine.ls_R_factor_R_free_error_details         ? 
# 
_refine_hist.cycle_id                         final 
_refine_hist.pdbx_refine_id                   'X-RAY DIFFRACTION' 
_refine_hist.d_res_high                       1.8300 
_refine_hist.d_res_low                        44.4900 
_refine_hist.pdbx_number_atoms_ligand         39 
_refine_hist.number_atoms_solvent             77 
_refine_hist.number_atoms_total               1311 
_refine_hist.pdbx_number_residues_total       149 
_refine_hist.pdbx_B_iso_mean_ligand           65.75 
_refine_hist.pdbx_B_iso_mean_solvent          49.69 
_refine_hist.pdbx_number_atoms_protein        1195 
_refine_hist.pdbx_number_atoms_nucleic_acid   0 
# 
loop_
_refine_ls_restr.pdbx_refine_id 
_refine_ls_restr.type 
_refine_ls_restr.number 
_refine_ls_restr.dev_ideal 
_refine_ls_restr.dev_ideal_target 
_refine_ls_restr.weight 
_refine_ls_restr.pdbx_restraint_function 
'X-RAY DIFFRACTION' r_bond_refined_d       1775 0.016  0.019  ? ? 
'X-RAY DIFFRACTION' r_bond_other_d         1422 0.003  0.020  ? ? 
'X-RAY DIFFRACTION' r_angle_refined_deg    2087 1.870  1.962  ? ? 
'X-RAY DIFFRACTION' r_angle_other_deg      3285 1.108  2.977  ? ? 
'X-RAY DIFFRACTION' r_dihedral_angle_1_deg 190  6.826  5.000  ? ? 
'X-RAY DIFFRACTION' r_dihedral_angle_2_deg 75   32.350 21.467 ? ? 
'X-RAY DIFFRACTION' r_dihedral_angle_3_deg 256  16.237 15.000 ? ? 
'X-RAY DIFFRACTION' r_dihedral_angle_4_deg 19   21.351 15.000 ? ? 
'X-RAY DIFFRACTION' r_chiral_restr         205  0.117  0.200  ? ? 
'X-RAY DIFFRACTION' r_gen_planes_refined   1782 0.010  0.021  ? ? 
'X-RAY DIFFRACTION' r_gen_planes_other     367  0.003  0.020  ? ? 
'X-RAY DIFFRACTION' r_mcbond_it            810  3.849  4.398  ? ? 
'X-RAY DIFFRACTION' r_mcbond_other         792  3.847  4.345  ? ? 
'X-RAY DIFFRACTION' r_mcangle_it           916  5.729  6.417  ? ? 
# 
_refine_ls_shell.d_res_high                       1.8310 
_refine_ls_shell.d_res_low                        1.8790 
_refine_ls_shell.pdbx_total_number_of_bins_used   20 
_refine_ls_shell.percent_reflns_obs               98.8000 
_refine_ls_shell.number_reflns_R_work             1175 
_refine_ls_shell.R_factor_all                     ? 
_refine_ls_shell.R_factor_R_work                  0.3210 
_refine_ls_shell.R_factor_R_free                  0.3130 
_refine_ls_shell.percent_reflns_R_free            ? 
_refine_ls_shell.number_reflns_R_free             58 
_refine_ls_shell.R_factor_R_free_error            ? 
_refine_ls_shell.number_reflns_all                1233 
_refine_ls_shell.number_reflns_obs                ? 
_refine_ls_shell.pdbx_refine_id                   'X-RAY DIFFRACTION' 
# 
_struct.entry_id                  5QP2 
_struct.title                     
'PanDDA analysis group deposition -- Crystal Structure of DCP2 (NUDT20) in complex with Z1170065264' 
_struct.pdbx_model_details        ? 
_struct.pdbx_CASP_flag            ? 
_struct.pdbx_model_type_details   ? 
# 
_struct_keywords.entry_id        5QP2 
_struct_keywords.text            'SGC - Diamond I04-1 fragment screening, PanDDA, XChemExplorer, HYDROLASE' 
_struct_keywords.pdbx_keywords   HYDROLASE 
# 
loop_
_struct_asym.id 
_struct_asym.pdbx_blank_PDB_chainid_flag 
_struct_asym.pdbx_modified 
_struct_asym.entity_id 
_struct_asym.details 
A N N 1 ? 
B N N 2 ? 
C N N 2 ? 
D N N 3 ? 
E N N 4 ? 
F N N 4 ? 
G N N 5 ? 
H N N 6 ? 
# 
_struct_ref.id                         1 
_struct_ref.db_name                    UNP 
_struct_ref.db_code                    DCP2_HUMAN 
_struct_ref.pdbx_db_accession          Q8IU60 
_struct_ref.pdbx_db_isoform            ? 
_struct_ref.entity_id                  1 
_struct_ref.pdbx_seq_one_letter_code   
;MGVPTYGAIILDETLENVLLVQGYLAKSGWGFPKGKVNKEEAPHDCAAREVFEETGFDIKDYICKDDYIELRINDQLARL
YIIPGIPKDTKFNPKTRREIRNIEWFSIEKLPCHRNDMTPKSKLGLAPNKFFMAIPFIRPLRDWLSRRFGDSSDSDNGFS
STGSTP
;
_struct_ref.pdbx_align_begin           95 
# 
_struct_ref_seq.align_id                      1 
_struct_ref_seq.ref_id                        1 
_struct_ref_seq.pdbx_PDB_id_code              5QP2 
_struct_ref_seq.pdbx_strand_id                A 
_struct_ref_seq.seq_align_beg                 2 
_struct_ref_seq.pdbx_seq_align_beg_ins_code   ? 
_struct_ref_seq.seq_align_end                 167 
_struct_ref_seq.pdbx_seq_align_end_ins_code   ? 
_struct_ref_seq.pdbx_db_accession             Q8IU60 
_struct_ref_seq.db_align_beg                  95 
_struct_ref_seq.pdbx_db_align_beg_ins_code    ? 
_struct_ref_seq.db_align_end                  260 
_struct_ref_seq.pdbx_db_align_end_ins_code    ? 
_struct_ref_seq.pdbx_auth_seq_align_beg       95 
_struct_ref_seq.pdbx_auth_seq_align_end       260 
# 
_struct_ref_seq_dif.align_id                     1 
_struct_ref_seq_dif.pdbx_pdb_id_code             5QP2 
_struct_ref_seq_dif.mon_id                       SER 
_struct_ref_seq_dif.pdbx_pdb_strand_id           A 
_struct_ref_seq_dif.seq_num                      1 
_struct_ref_seq_dif.pdbx_pdb_ins_code            ? 
_struct_ref_seq_dif.pdbx_seq_db_name             UNP 
_struct_ref_seq_dif.pdbx_seq_db_accession_code   Q8IU60 
_struct_ref_seq_dif.db_mon_id                    ? 
_struct_ref_seq_dif.pdbx_seq_db_seq_num          ? 
_struct_ref_seq_dif.details                      'expression tag' 
_struct_ref_seq_dif.pdbx_auth_seq_num            94 
_struct_ref_seq_dif.pdbx_ordinal                 1 
# 
_pdbx_struct_assembly.id                   1 
_pdbx_struct_assembly.details              author_and_software_defined_assembly 
_pdbx_struct_assembly.method_details       PISA 
_pdbx_struct_assembly.oligomeric_details   monomeric 
_pdbx_struct_assembly.oligomeric_count     1 
# 
loop_
_pdbx_struct_assembly_prop.biol_id 
_pdbx_struct_assembly_prop.type 
_pdbx_struct_assembly_prop.value 
_pdbx_struct_assembly_prop.details 
1 'ABSA (A^2)' 860  ? 
1 MORE         5    ? 
1 'SSA (A^2)'  8640 ? 
# 
_pdbx_struct_assembly_gen.assembly_id       1 
_pdbx_struct_assembly_gen.oper_expression   1 
_pdbx_struct_assembly_gen.asym_id_list      A,B,C,D,E,F,G,H 
# 
_pdbx_struct_oper_list.id                   1 
_pdbx_struct_oper_list.type                 'identity operation' 
_pdbx_struct_oper_list.name                 1_555 
_pdbx_struct_oper_list.symmetry_operation   x,y,z 
_pdbx_struct_oper_list.matrix[1][1]         1.0000000000 
_pdbx_struct_oper_list.matrix[1][2]         0.0000000000 
_pdbx_struct_oper_list.matrix[1][3]         0.0000000000 
_pdbx_struct_oper_list.vector[1]            0.0000000000 
_pdbx_struct_oper_list.matrix[2][1]         0.0000000000 
_pdbx_struct_oper_list.matrix[2][2]         1.0000000000 
_pdbx_struct_oper_list.matrix[2][3]         0.0000000000 
_pdbx_struct_oper_list.vector[2]            0.0000000000 
_pdbx_struct_oper_list.matrix[3][1]         0.0000000000 
_pdbx_struct_oper_list.matrix[3][2]         0.0000000000 
_pdbx_struct_oper_list.matrix[3][3]         1.0000000000 
_pdbx_struct_oper_list.vector[3]            0.0000000000 
# 
loop_
_struct_conf.conf_type_id 
_struct_conf.id 
_struct_conf.pdbx_PDB_helix_id 
_struct_conf.beg_label_comp_id 
_struct_conf.beg_label_asym_id 
_struct_conf.beg_label_seq_id 
_struct_conf.pdbx_beg_PDB_ins_code 
_struct_conf.end_label_comp_id 
_struct_conf.end_label_asym_id 
_struct_conf.end_label_seq_id 
_struct_conf.pdbx_end_PDB_ins_code 
_struct_conf.beg_auth_comp_id 
_struct_conf.beg_auth_asym_id 
_struct_conf.beg_auth_seq_id 
_struct_conf.end_auth_comp_id 
_struct_conf.end_auth_asym_id 
_struct_conf.end_auth_seq_id 
_struct_conf.pdbx_PDB_helix_class 
_struct_conf.details 
_struct_conf.pdbx_PDB_helix_length 
HELX_P HELX_P1 AA1 TYR A 25  ? SER A 29  ? TYR A 118 SER A 122 5 ? 5  
HELX_P HELX_P2 AA2 ALA A 43  ? GLY A 57  ? ALA A 136 GLY A 150 1 ? 15 
HELX_P HELX_P3 AA3 MET A 119 ? SER A 123 ? MET A 212 SER A 216 5 ? 5  
HELX_P HELX_P4 AA4 ALA A 135 ? PHE A 150 ? ALA A 228 PHE A 243 1 ? 16 
# 
_struct_conf_type.id          HELX_P 
_struct_conf_type.criteria    ? 
_struct_conf_type.reference   ? 
# 
loop_
_struct_sheet.id 
_struct_sheet.type 
_struct_sheet.number_strands 
_struct_sheet.details 
AA1 ? 4 ? 
AA2 ? 3 ? 
# 
loop_
_struct_sheet_order.sheet_id 
_struct_sheet_order.range_id_1 
_struct_sheet_order.range_id_2 
_struct_sheet_order.offset 
_struct_sheet_order.sense 
AA1 1 2 ? anti-parallel 
AA1 2 3 ? parallel      
AA1 3 4 ? anti-parallel 
AA2 1 2 ? anti-parallel 
AA2 2 3 ? anti-parallel 
# 
loop_
_struct_sheet_range.sheet_id 
_struct_sheet_range.id 
_struct_sheet_range.beg_label_comp_id 
_struct_sheet_range.beg_label_asym_id 
_struct_sheet_range.beg_label_seq_id 
_struct_sheet_range.pdbx_beg_PDB_ins_code 
_struct_sheet_range.end_label_comp_id 
_struct_sheet_range.end_label_asym_id 
_struct_sheet_range.end_label_seq_id 
_struct_sheet_range.pdbx_end_PDB_ins_code 
_struct_sheet_range.beg_auth_comp_id 
_struct_sheet_range.beg_auth_asym_id 
_struct_sheet_range.beg_auth_seq_id 
_struct_sheet_range.end_auth_comp_id 
_struct_sheet_range.end_auth_asym_id 
_struct_sheet_range.end_auth_seq_id 
AA1 1 LYS A 35  ? LYS A 37  ? LYS A 128 LYS A 130 
AA1 2 THR A 6   ? ILE A 11  ? THR A 99  ILE A 104 
AA1 3 GLN A 77  ? ILE A 84  ? GLN A 170 ILE A 177 
AA1 4 TYR A 69  ? ILE A 74  ? TYR A 162 ILE A 167 
AA2 1 TRP A 31  ? GLY A 32  ? TRP A 124 GLY A 125 
AA2 2 ASN A 18  ? GLN A 23  ? ASN A 111 GLN A 116 
AA2 3 ASN A 103 ? SER A 108 ? ASN A 196 SER A 201 
# 
loop_
_pdbx_struct_sheet_hbond.sheet_id 
_pdbx_struct_sheet_hbond.range_id_1 
_pdbx_struct_sheet_hbond.range_id_2 
_pdbx_struct_sheet_hbond.range_1_label_atom_id 
_pdbx_struct_sheet_hbond.range_1_label_comp_id 
_pdbx_struct_sheet_hbond.range_1_label_asym_id 
_pdbx_struct_sheet_hbond.range_1_label_seq_id 
_pdbx_struct_sheet_hbond.range_1_PDB_ins_code 
_pdbx_struct_sheet_hbond.range_1_auth_atom_id 
_pdbx_struct_sheet_hbond.range_1_auth_comp_id 
_pdbx_struct_sheet_hbond.range_1_auth_asym_id 
_pdbx_struct_sheet_hbond.range_1_auth_seq_id 
_pdbx_struct_sheet_hbond.range_2_label_atom_id 
_pdbx_struct_sheet_hbond.range_2_label_comp_id 
_pdbx_struct_sheet_hbond.range_2_label_asym_id 
_pdbx_struct_sheet_hbond.range_2_label_seq_id 
_pdbx_struct_sheet_hbond.range_2_PDB_ins_code 
_pdbx_struct_sheet_hbond.range_2_auth_atom_id 
_pdbx_struct_sheet_hbond.range_2_auth_comp_id 
_pdbx_struct_sheet_hbond.range_2_auth_asym_id 
_pdbx_struct_sheet_hbond.range_2_auth_seq_id 
AA1 1 2 O GLY A 36 ? O GLY A 129 N TYR A 7   ? N TYR A 100 
AA1 2 3 N ILE A 10 ? N ILE A 103 O ILE A 84  ? O ILE A 177 
AA1 3 4 O ALA A 79 ? O ALA A 172 N LEU A 72  ? N LEU A 165 
AA2 1 2 O GLY A 32 ? O GLY A 125 N VAL A 22  ? N VAL A 115 
AA2 2 3 N LEU A 21 ? N LEU A 114 O GLU A 105 ? O GLU A 198 
# 
loop_
_struct_site.id 
_struct_site.pdbx_evidence_code 
_struct_site.pdbx_auth_asym_id 
_struct_site.pdbx_auth_comp_id 
_struct_site.pdbx_auth_seq_id 
_struct_site.pdbx_auth_ins_code 
_struct_site.pdbx_num_residues 
_struct_site.details 
AC1 Software A EDO 301 ? 4  'binding site for residue EDO A 301' 
AC2 Software A EDO 302 ? 5  'binding site for residue EDO A 302' 
AC3 Software A DMS 303 ? 2  'binding site for residue DMS A 303' 
AC4 Software A ACT 304 ? 3  'binding site for residue ACT A 304' 
AC5 Software A ACT 305 ? 4  'binding site for residue ACT A 305' 
AC6 Software A LHS 306 ? 10 'binding site for residue LHS A 306' 
# 
loop_
_struct_site_gen.id 
_struct_site_gen.site_id 
_struct_site_gen.pdbx_num_res 
_struct_site_gen.label_comp_id 
_struct_site_gen.label_asym_id 
_struct_site_gen.label_seq_id 
_struct_site_gen.pdbx_auth_ins_code 
_struct_site_gen.auth_comp_id 
_struct_site_gen.auth_asym_id 
_struct_site_gen.auth_seq_id 
_struct_site_gen.label_atom_id 
_struct_site_gen.label_alt_id 
_struct_site_gen.symmetry 
_struct_site_gen.details 
1  AC1 4  ALA A 49  ? ALA A 142 . ? 1_555 ? 
2  AC1 4  PHE A 53  ? PHE A 146 . ? 1_555 ? 
3  AC1 4  ASP A 59  ? ASP A 152 . ? 1_555 ? 
4  AC1 4  LYS A 61  ? LYS A 154 . ? 1_555 ? 
5  AC2 5  PRO A 129 ? PRO A 222 . ? 1_555 ? 
6  AC2 5  ASN A 130 ? ASN A 223 . ? 1_555 ? 
7  AC2 5  LYS A 131 ? LYS A 224 . ? 1_555 ? 
8  AC2 5  ACT F .   ? ACT A 305 . ? 1_555 ? 
9  AC2 5  HOH H .   ? HOH A 457 . ? 1_555 ? 
10 AC3 2  ASN A 18  ? ASN A 111 . ? 1_555 ? 
11 AC3 2  TRP A 106 ? TRP A 199 . ? 1_555 ? 
12 AC4 3  SER A 29  ? SER A 122 . ? 1_555 ? 
13 AC4 3  TYR A 63  ? TYR A 156 . ? 3_357 ? 
14 AC4 3  HOH H .   ? HOH A 417 . ? 1_555 ? 
15 AC5 4  ARG A 116 ? ARG A 209 . ? 1_555 ? 
16 AC5 4  PRO A 129 ? PRO A 222 . ? 1_555 ? 
17 AC5 4  ASN A 130 ? ASN A 223 . ? 1_555 ? 
18 AC5 4  EDO C .   ? EDO A 302 . ? 1_555 ? 
19 AC6 10 VAL A 22  ? VAL A 115 . ? 1_555 ? 
20 AC6 10 GLY A 24  ? GLY A 117 . ? 1_555 ? 
21 AC6 10 ALA A 27  ? ALA A 120 . ? 1_555 ? 
22 AC6 10 LYS A 28  ? LYS A 121 . ? 1_555 ? 
23 AC6 10 GLY A 30  ? GLY A 123 . ? 1_555 ? 
24 AC6 10 GLY A 32  ? GLY A 125 . ? 1_555 ? 
25 AC6 10 GLU A 55  ? GLU A 148 . ? 1_555 ? 
26 AC6 10 ILE A 101 ? ILE A 194 . ? 1_555 ? 
27 AC6 10 PHE A 133 ? PHE A 226 . ? 1_555 ? 
28 AC6 10 MET A 134 ? MET A 227 . ? 1_555 ? 
# 
_pdbx_validate_close_contact.id               1 
_pdbx_validate_close_contact.PDB_model_num    1 
_pdbx_validate_close_contact.auth_atom_id_1   O 
_pdbx_validate_close_contact.auth_asym_id_1   A 
_pdbx_validate_close_contact.auth_comp_id_1   HOH 
_pdbx_validate_close_contact.auth_seq_id_1    422 
_pdbx_validate_close_contact.PDB_ins_code_1   ? 
_pdbx_validate_close_contact.label_alt_id_1   ? 
_pdbx_validate_close_contact.auth_atom_id_2   O 
_pdbx_validate_close_contact.auth_asym_id_2   A 
_pdbx_validate_close_contact.auth_comp_id_2   HOH 
_pdbx_validate_close_contact.auth_seq_id_2    475 
_pdbx_validate_close_contact.PDB_ins_code_2   ? 
_pdbx_validate_close_contact.label_alt_id_2   ? 
_pdbx_validate_close_contact.dist             2.19 
# 
_pdbx_validate_rmsd_bond.id                        1 
_pdbx_validate_rmsd_bond.PDB_model_num             1 
_pdbx_validate_rmsd_bond.auth_atom_id_1            CB 
_pdbx_validate_rmsd_bond.auth_asym_id_1            A 
_pdbx_validate_rmsd_bond.auth_comp_id_1            TYR 
_pdbx_validate_rmsd_bond.auth_seq_id_1             156 
_pdbx_validate_rmsd_bond.PDB_ins_code_1            ? 
_pdbx_validate_rmsd_bond.label_alt_id_1            ? 
_pdbx_validate_rmsd_bond.auth_atom_id_2            CG 
_pdbx_validate_rmsd_bond.auth_asym_id_2            A 
_pdbx_validate_rmsd_bond.auth_comp_id_2            TYR 
_pdbx_validate_rmsd_bond.auth_seq_id_2             156 
_pdbx_validate_rmsd_bond.PDB_ins_code_2            ? 
_pdbx_validate_rmsd_bond.label_alt_id_2            ? 
_pdbx_validate_rmsd_bond.bond_value                1.421 
_pdbx_validate_rmsd_bond.bond_target_value         1.512 
_pdbx_validate_rmsd_bond.bond_deviation            -0.091 
_pdbx_validate_rmsd_bond.bond_standard_deviation   0.015 
_pdbx_validate_rmsd_bond.linker_flag               N 
# 
_pdbx_validate_rmsd_angle.id                         1 
_pdbx_validate_rmsd_angle.PDB_model_num              1 
_pdbx_validate_rmsd_angle.auth_atom_id_1             CB 
_pdbx_validate_rmsd_angle.auth_asym_id_1             A 
_pdbx_validate_rmsd_angle.auth_comp_id_1             ASP 
_pdbx_validate_rmsd_angle.auth_seq_id_1              152 
_pdbx_validate_rmsd_angle.PDB_ins_code_1             ? 
_pdbx_validate_rmsd_angle.label_alt_id_1             ? 
_pdbx_validate_rmsd_angle.auth_atom_id_2             CG 
_pdbx_validate_rmsd_angle.auth_asym_id_2             A 
_pdbx_validate_rmsd_angle.auth_comp_id_2             ASP 
_pdbx_validate_rmsd_angle.auth_seq_id_2              152 
_pdbx_validate_rmsd_angle.PDB_ins_code_2             ? 
_pdbx_validate_rmsd_angle.label_alt_id_2             ? 
_pdbx_validate_rmsd_angle.auth_atom_id_3             OD1 
_pdbx_validate_rmsd_angle.auth_asym_id_3             A 
_pdbx_validate_rmsd_angle.auth_comp_id_3             ASP 
_pdbx_validate_rmsd_angle.auth_seq_id_3              152 
_pdbx_validate_rmsd_angle.PDB_ins_code_3             ? 
_pdbx_validate_rmsd_angle.label_alt_id_3             ? 
_pdbx_validate_rmsd_angle.angle_value                123.90 
_pdbx_validate_rmsd_angle.angle_target_value         118.30 
_pdbx_validate_rmsd_angle.angle_deviation            5.60 
_pdbx_validate_rmsd_angle.angle_standard_deviation   0.90 
_pdbx_validate_rmsd_angle.linker_flag                N 
# 
loop_
_pdbx_validate_torsion.id 
_pdbx_validate_torsion.PDB_model_num 
_pdbx_validate_torsion.auth_comp_id 
_pdbx_validate_torsion.auth_asym_id 
_pdbx_validate_torsion.auth_seq_id 
_pdbx_validate_torsion.PDB_ins_code 
_pdbx_validate_torsion.label_alt_id 
_pdbx_validate_torsion.phi 
_pdbx_validate_torsion.psi 
1 1 LEU A 119 ? ? 59.58  -115.80 
2 1 ASP A 211 ? ? -77.77 -165.45 
# 
_phasing.method   MR 
# 
loop_
_pdbx_unobs_or_zero_occ_residues.id 
_pdbx_unobs_or_zero_occ_residues.PDB_model_num 
_pdbx_unobs_or_zero_occ_residues.polymer_flag 
_pdbx_unobs_or_zero_occ_residues.occupancy_flag 
_pdbx_unobs_or_zero_occ_residues.auth_asym_id 
_pdbx_unobs_or_zero_occ_residues.auth_comp_id 
_pdbx_unobs_or_zero_occ_residues.auth_seq_id 
_pdbx_unobs_or_zero_occ_residues.PDB_ins_code 
_pdbx_unobs_or_zero_occ_residues.label_asym_id 
_pdbx_unobs_or_zero_occ_residues.label_comp_id 
_pdbx_unobs_or_zero_occ_residues.label_seq_id 
1  1 Y 1 A SER 94  ? A SER 1   
2  1 Y 1 A MET 95  ? A MET 2   
3  1 Y 1 A ASP 245 ? A ASP 152 
4  1 Y 1 A SER 246 ? A SER 153 
5  1 Y 1 A SER 247 ? A SER 154 
6  1 Y 1 A ASP 248 ? A ASP 155 
7  1 Y 1 A SER 249 ? A SER 156 
8  1 Y 1 A ASP 250 ? A ASP 157 
9  1 Y 1 A ASN 251 ? A ASN 158 
10 1 Y 1 A GLY 252 ? A GLY 159 
11 1 Y 1 A PHE 253 ? A PHE 160 
12 1 Y 1 A SER 254 ? A SER 161 
13 1 Y 1 A SER 255 ? A SER 162 
14 1 Y 1 A THR 256 ? A THR 163 
15 1 Y 1 A GLY 257 ? A GLY 164 
16 1 Y 1 A SER 258 ? A SER 165 
17 1 Y 1 A THR 259 ? A THR 166 
18 1 Y 1 A PRO 260 ? A PRO 167 
# 
loop_
_chem_comp_atom.comp_id 
_chem_comp_atom.atom_id 
_chem_comp_atom.type_symbol 
_chem_comp_atom.pdbx_aromatic_flag 
_chem_comp_atom.pdbx_stereo_config 
_chem_comp_atom.pdbx_ordinal 
ACT C    C N N 1   
ACT O    O N N 2   
ACT OXT  O N N 3   
ACT CH3  C N N 4   
ACT H1   H N N 5   
ACT H2   H N N 6   
ACT H3   H N N 7   
ALA N    N N N 8   
ALA CA   C N S 9   
ALA C    C N N 10  
ALA O    O N N 11  
ALA CB   C N N 12  
ALA OXT  O N N 13  
ALA H    H N N 14  
ALA H2   H N N 15  
ALA HA   H N N 16  
ALA HB1  H N N 17  
ALA HB2  H N N 18  
ALA HB3  H N N 19  
ALA HXT  H N N 20  
ARG N    N N N 21  
ARG CA   C N S 22  
ARG C    C N N 23  
ARG O    O N N 24  
ARG CB   C N N 25  
ARG CG   C N N 26  
ARG CD   C N N 27  
ARG NE   N N N 28  
ARG CZ   C N N 29  
ARG NH1  N N N 30  
ARG NH2  N N N 31  
ARG OXT  O N N 32  
ARG H    H N N 33  
ARG H2   H N N 34  
ARG HA   H N N 35  
ARG HB2  H N N 36  
ARG HB3  H N N 37  
ARG HG2  H N N 38  
ARG HG3  H N N 39  
ARG HD2  H N N 40  
ARG HD3  H N N 41  
ARG HE   H N N 42  
ARG HH11 H N N 43  
ARG HH12 H N N 44  
ARG HH21 H N N 45  
ARG HH22 H N N 46  
ARG HXT  H N N 47  
ASN N    N N N 48  
ASN CA   C N S 49  
ASN C    C N N 50  
ASN O    O N N 51  
ASN CB   C N N 52  
ASN CG   C N N 53  
ASN OD1  O N N 54  
ASN ND2  N N N 55  
ASN OXT  O N N 56  
ASN H    H N N 57  
ASN H2   H N N 58  
ASN HA   H N N 59  
ASN HB2  H N N 60  
ASN HB3  H N N 61  
ASN HD21 H N N 62  
ASN HD22 H N N 63  
ASN HXT  H N N 64  
ASP N    N N N 65  
ASP CA   C N S 66  
ASP C    C N N 67  
ASP O    O N N 68  
ASP CB   C N N 69  
ASP CG   C N N 70  
ASP OD1  O N N 71  
ASP OD2  O N N 72  
ASP OXT  O N N 73  
ASP H    H N N 74  
ASP H2   H N N 75  
ASP HA   H N N 76  
ASP HB2  H N N 77  
ASP HB3  H N N 78  
ASP HD2  H N N 79  
ASP HXT  H N N 80  
CYS N    N N N 81  
CYS CA   C N R 82  
CYS C    C N N 83  
CYS O    O N N 84  
CYS CB   C N N 85  
CYS SG   S N N 86  
CYS OXT  O N N 87  
CYS H    H N N 88  
CYS H2   H N N 89  
CYS HA   H N N 90  
CYS HB2  H N N 91  
CYS HB3  H N N 92  
CYS HG   H N N 93  
CYS HXT  H N N 94  
DMS S    S N N 95  
DMS O    O N N 96  
DMS C1   C N N 97  
DMS C2   C N N 98  
DMS H11  H N N 99  
DMS H12  H N N 100 
DMS H13  H N N 101 
DMS H21  H N N 102 
DMS H22  H N N 103 
DMS H23  H N N 104 
EDO C1   C N N 105 
EDO O1   O N N 106 
EDO C2   C N N 107 
EDO O2   O N N 108 
EDO H11  H N N 109 
EDO H12  H N N 110 
EDO HO1  H N N 111 
EDO H21  H N N 112 
EDO H22  H N N 113 
EDO HO2  H N N 114 
GLN N    N N N 115 
GLN CA   C N S 116 
GLN C    C N N 117 
GLN O    O N N 118 
GLN CB   C N N 119 
GLN CG   C N N 120 
GLN CD   C N N 121 
GLN OE1  O N N 122 
GLN NE2  N N N 123 
GLN OXT  O N N 124 
GLN H    H N N 125 
GLN H2   H N N 126 
GLN HA   H N N 127 
GLN HB2  H N N 128 
GLN HB3  H N N 129 
GLN HG2  H N N 130 
GLN HG3  H N N 131 
GLN HE21 H N N 132 
GLN HE22 H N N 133 
GLN HXT  H N N 134 
GLU N    N N N 135 
GLU CA   C N S 136 
GLU C    C N N 137 
GLU O    O N N 138 
GLU CB   C N N 139 
GLU CG   C N N 140 
GLU CD   C N N 141 
GLU OE1  O N N 142 
GLU OE2  O N N 143 
GLU OXT  O N N 144 
GLU H    H N N 145 
GLU H2   H N N 146 
GLU HA   H N N 147 
GLU HB2  H N N 148 
GLU HB3  H N N 149 
GLU HG2  H N N 150 
GLU HG3  H N N 151 
GLU HE2  H N N 152 
GLU HXT  H N N 153 
GLY N    N N N 154 
GLY CA   C N N 155 
GLY C    C N N 156 
GLY O    O N N 157 
GLY OXT  O N N 158 
GLY H    H N N 159 
GLY H2   H N N 160 
GLY HA2  H N N 161 
GLY HA3  H N N 162 
GLY HXT  H N N 163 
HIS N    N N N 164 
HIS CA   C N S 165 
HIS C    C N N 166 
HIS O    O N N 167 
HIS CB   C N N 168 
HIS CG   C Y N 169 
HIS ND1  N Y N 170 
HIS CD2  C Y N 171 
HIS CE1  C Y N 172 
HIS NE2  N Y N 173 
HIS OXT  O N N 174 
HIS H    H N N 175 
HIS H2   H N N 176 
HIS HA   H N N 177 
HIS HB2  H N N 178 
HIS HB3  H N N 179 
HIS HD1  H N N 180 
HIS HD2  H N N 181 
HIS HE1  H N N 182 
HIS HE2  H N N 183 
HIS HXT  H N N 184 
HOH O    O N N 185 
HOH H1   H N N 186 
HOH H2   H N N 187 
ILE N    N N N 188 
ILE CA   C N S 189 
ILE C    C N N 190 
ILE O    O N N 191 
ILE CB   C N S 192 
ILE CG1  C N N 193 
ILE CG2  C N N 194 
ILE CD1  C N N 195 
ILE OXT  O N N 196 
ILE H    H N N 197 
ILE H2   H N N 198 
ILE HA   H N N 199 
ILE HB   H N N 200 
ILE HG12 H N N 201 
ILE HG13 H N N 202 
ILE HG21 H N N 203 
ILE HG22 H N N 204 
ILE HG23 H N N 205 
ILE HD11 H N N 206 
ILE HD12 H N N 207 
ILE HD13 H N N 208 
ILE HXT  H N N 209 
LEU N    N N N 210 
LEU CA   C N S 211 
LEU C    C N N 212 
LEU O    O N N 213 
LEU CB   C N N 214 
LEU CG   C N N 215 
LEU CD1  C N N 216 
LEU CD2  C N N 217 
LEU OXT  O N N 218 
LEU H    H N N 219 
LEU H2   H N N 220 
LEU HA   H N N 221 
LEU HB2  H N N 222 
LEU HB3  H N N 223 
LEU HG   H N N 224 
LEU HD11 H N N 225 
LEU HD12 H N N 226 
LEU HD13 H N N 227 
LEU HD21 H N N 228 
LEU HD22 H N N 229 
LEU HD23 H N N 230 
LEU HXT  H N N 231 
LHS N1   N Y N 232 
LHS N3   N N N 233 
LHS C4   C Y N 234 
LHS C5   C N N 235 
LHS C6   C N N 236 
LHS C7   C Y N 237 
LHS C8   C Y N 238 
LHS C10  C Y N 239 
LHS C1   C N N 240 
LHS C11  C Y N 241 
LHS C12  C Y N 242 
LHS C2   C N N 243 
LHS C3   C Y N 244 
LHS C9   C Y N 245 
LHS F1   F N N 246 
LHS N2   N Y N 247 
LHS O1   O N N 248 
LHS O2   O Y N 249 
LHS O3   O N N 250 
LHS H1   H N N 251 
LHS H2   H N N 252 
LHS H3   H N N 253 
LHS H4   H N N 254 
LHS H5   H N N 255 
LHS H6   H N N 256 
LHS H7   H N N 257 
LHS H8   H N N 258 
LHS H9   H N N 259 
LHS H10  H N N 260 
LHS H11  H N N 261 
LHS H12  H N N 262 
LYS N    N N N 263 
LYS CA   C N S 264 
LYS C    C N N 265 
LYS O    O N N 266 
LYS CB   C N N 267 
LYS CG   C N N 268 
LYS CD   C N N 269 
LYS CE   C N N 270 
LYS NZ   N N N 271 
LYS OXT  O N N 272 
LYS H    H N N 273 
LYS H2   H N N 274 
LYS HA   H N N 275 
LYS HB2  H N N 276 
LYS HB3  H N N 277 
LYS HG2  H N N 278 
LYS HG3  H N N 279 
LYS HD2  H N N 280 
LYS HD3  H N N 281 
LYS HE2  H N N 282 
LYS HE3  H N N 283 
LYS HZ1  H N N 284 
LYS HZ2  H N N 285 
LYS HZ3  H N N 286 
LYS HXT  H N N 287 
MET N    N N N 288 
MET CA   C N S 289 
MET C    C N N 290 
MET O    O N N 291 
MET CB   C N N 292 
MET CG   C N N 293 
MET SD   S N N 294 
MET CE   C N N 295 
MET OXT  O N N 296 
MET H    H N N 297 
MET H2   H N N 298 
MET HA   H N N 299 
MET HB2  H N N 300 
MET HB3  H N N 301 
MET HG2  H N N 302 
MET HG3  H N N 303 
MET HE1  H N N 304 
MET HE2  H N N 305 
MET HE3  H N N 306 
MET HXT  H N N 307 
PHE N    N N N 308 
PHE CA   C N S 309 
PHE C    C N N 310 
PHE O    O N N 311 
PHE CB   C N N 312 
PHE CG   C Y N 313 
PHE CD1  C Y N 314 
PHE CD2  C Y N 315 
PHE CE1  C Y N 316 
PHE CE2  C Y N 317 
PHE CZ   C Y N 318 
PHE OXT  O N N 319 
PHE H    H N N 320 
PHE H2   H N N 321 
PHE HA   H N N 322 
PHE HB2  H N N 323 
PHE HB3  H N N 324 
PHE HD1  H N N 325 
PHE HD2  H N N 326 
PHE HE1  H N N 327 
PHE HE2  H N N 328 
PHE HZ   H N N 329 
PHE HXT  H N N 330 
PRO N    N N N 331 
PRO CA   C N S 332 
PRO C    C N N 333 
PRO O    O N N 334 
PRO CB   C N N 335 
PRO CG   C N N 336 
PRO CD   C N N 337 
PRO OXT  O N N 338 
PRO H    H N N 339 
PRO HA   H N N 340 
PRO HB2  H N N 341 
PRO HB3  H N N 342 
PRO HG2  H N N 343 
PRO HG3  H N N 344 
PRO HD2  H N N 345 
PRO HD3  H N N 346 
PRO HXT  H N N 347 
SER N    N N N 348 
SER CA   C N S 349 
SER C    C N N 350 
SER O    O N N 351 
SER CB   C N N 352 
SER OG   O N N 353 
SER OXT  O N N 354 
SER H    H N N 355 
SER H2   H N N 356 
SER HA   H N N 357 
SER HB2  H N N 358 
SER HB3  H N N 359 
SER HG   H N N 360 
SER HXT  H N N 361 
THR N    N N N 362 
THR CA   C N S 363 
THR C    C N N 364 
THR O    O N N 365 
THR CB   C N R 366 
THR OG1  O N N 367 
THR CG2  C N N 368 
THR OXT  O N N 369 
THR H    H N N 370 
THR H2   H N N 371 
THR HA   H N N 372 
THR HB   H N N 373 
THR HG1  H N N 374 
THR HG21 H N N 375 
THR HG22 H N N 376 
THR HG23 H N N 377 
THR HXT  H N N 378 
TRP N    N N N 379 
TRP CA   C N S 380 
TRP C    C N N 381 
TRP O    O N N 382 
TRP CB   C N N 383 
TRP CG   C Y N 384 
TRP CD1  C Y N 385 
TRP CD2  C Y N 386 
TRP NE1  N Y N 387 
TRP CE2  C Y N 388 
TRP CE3  C Y N 389 
TRP CZ2  C Y N 390 
TRP CZ3  C Y N 391 
TRP CH2  C Y N 392 
TRP OXT  O N N 393 
TRP H    H N N 394 
TRP H2   H N N 395 
TRP HA   H N N 396 
TRP HB2  H N N 397 
TRP HB3  H N N 398 
TRP HD1  H N N 399 
TRP HE1  H N N 400 
TRP HE3  H N N 401 
TRP HZ2  H N N 402 
TRP HZ3  H N N 403 
TRP HH2  H N N 404 
TRP HXT  H N N 405 
TYR N    N N N 406 
TYR CA   C N S 407 
TYR C    C N N 408 
TYR O    O N N 409 
TYR CB   C N N 410 
TYR CG   C Y N 411 
TYR CD1  C Y N 412 
TYR CD2  C Y N 413 
TYR CE1  C Y N 414 
TYR CE2  C Y N 415 
TYR CZ   C Y N 416 
TYR OH   O N N 417 
TYR OXT  O N N 418 
TYR H    H N N 419 
TYR H2   H N N 420 
TYR HA   H N N 421 
TYR HB2  H N N 422 
TYR HB3  H N N 423 
TYR HD1  H N N 424 
TYR HD2  H N N 425 
TYR HE1  H N N 426 
TYR HE2  H N N 427 
TYR HH   H N N 428 
TYR HXT  H N N 429 
VAL N    N N N 430 
VAL CA   C N S 431 
VAL C    C N N 432 
VAL O    O N N 433 
VAL CB   C N N 434 
VAL CG1  C N N 435 
VAL CG2  C N N 436 
VAL OXT  O N N 437 
VAL H    H N N 438 
VAL H2   H N N 439 
VAL HA   H N N 440 
VAL HB   H N N 441 
VAL HG11 H N N 442 
VAL HG12 H N N 443 
VAL HG13 H N N 444 
VAL HG21 H N N 445 
VAL HG22 H N N 446 
VAL HG23 H N N 447 
VAL HXT  H N N 448 
# 
loop_
_chem_comp_bond.comp_id 
_chem_comp_bond.atom_id_1 
_chem_comp_bond.atom_id_2 
_chem_comp_bond.value_order 
_chem_comp_bond.pdbx_aromatic_flag 
_chem_comp_bond.pdbx_stereo_config 
_chem_comp_bond.pdbx_ordinal 
ACT C   O    doub N N 1   
ACT C   OXT  sing N N 2   
ACT C   CH3  sing N N 3   
ACT CH3 H1   sing N N 4   
ACT CH3 H2   sing N N 5   
ACT CH3 H3   sing N N 6   
ALA N   CA   sing N N 7   
ALA N   H    sing N N 8   
ALA N   H2   sing N N 9   
ALA CA  C    sing N N 10  
ALA CA  CB   sing N N 11  
ALA CA  HA   sing N N 12  
ALA C   O    doub N N 13  
ALA C   OXT  sing N N 14  
ALA CB  HB1  sing N N 15  
ALA CB  HB2  sing N N 16  
ALA CB  HB3  sing N N 17  
ALA OXT HXT  sing N N 18  
ARG N   CA   sing N N 19  
ARG N   H    sing N N 20  
ARG N   H2   sing N N 21  
ARG CA  C    sing N N 22  
ARG CA  CB   sing N N 23  
ARG CA  HA   sing N N 24  
ARG C   O    doub N N 25  
ARG C   OXT  sing N N 26  
ARG CB  CG   sing N N 27  
ARG CB  HB2  sing N N 28  
ARG CB  HB3  sing N N 29  
ARG CG  CD   sing N N 30  
ARG CG  HG2  sing N N 31  
ARG CG  HG3  sing N N 32  
ARG CD  NE   sing N N 33  
ARG CD  HD2  sing N N 34  
ARG CD  HD3  sing N N 35  
ARG NE  CZ   sing N N 36  
ARG NE  HE   sing N N 37  
ARG CZ  NH1  sing N N 38  
ARG CZ  NH2  doub N N 39  
ARG NH1 HH11 sing N N 40  
ARG NH1 HH12 sing N N 41  
ARG NH2 HH21 sing N N 42  
ARG NH2 HH22 sing N N 43  
ARG OXT HXT  sing N N 44  
ASN N   CA   sing N N 45  
ASN N   H    sing N N 46  
ASN N   H2   sing N N 47  
ASN CA  C    sing N N 48  
ASN CA  CB   sing N N 49  
ASN CA  HA   sing N N 50  
ASN C   O    doub N N 51  
ASN C   OXT  sing N N 52  
ASN CB  CG   sing N N 53  
ASN CB  HB2  sing N N 54  
ASN CB  HB3  sing N N 55  
ASN CG  OD1  doub N N 56  
ASN CG  ND2  sing N N 57  
ASN ND2 HD21 sing N N 58  
ASN ND2 HD22 sing N N 59  
ASN OXT HXT  sing N N 60  
ASP N   CA   sing N N 61  
ASP N   H    sing N N 62  
ASP N   H2   sing N N 63  
ASP CA  C    sing N N 64  
ASP CA  CB   sing N N 65  
ASP CA  HA   sing N N 66  
ASP C   O    doub N N 67  
ASP C   OXT  sing N N 68  
ASP CB  CG   sing N N 69  
ASP CB  HB2  sing N N 70  
ASP CB  HB3  sing N N 71  
ASP CG  OD1  doub N N 72  
ASP CG  OD2  sing N N 73  
ASP OD2 HD2  sing N N 74  
ASP OXT HXT  sing N N 75  
CYS N   CA   sing N N 76  
CYS N   H    sing N N 77  
CYS N   H2   sing N N 78  
CYS CA  C    sing N N 79  
CYS CA  CB   sing N N 80  
CYS CA  HA   sing N N 81  
CYS C   O    doub N N 82  
CYS C   OXT  sing N N 83  
CYS CB  SG   sing N N 84  
CYS CB  HB2  sing N N 85  
CYS CB  HB3  sing N N 86  
CYS SG  HG   sing N N 87  
CYS OXT HXT  sing N N 88  
DMS S   O    doub N N 89  
DMS S   C1   sing N N 90  
DMS S   C2   sing N N 91  
DMS C1  H11  sing N N 92  
DMS C1  H12  sing N N 93  
DMS C1  H13  sing N N 94  
DMS C2  H21  sing N N 95  
DMS C2  H22  sing N N 96  
DMS C2  H23  sing N N 97  
EDO C1  O1   sing N N 98  
EDO C1  C2   sing N N 99  
EDO C1  H11  sing N N 100 
EDO C1  H12  sing N N 101 
EDO O1  HO1  sing N N 102 
EDO C2  O2   sing N N 103 
EDO C2  H21  sing N N 104 
EDO C2  H22  sing N N 105 
EDO O2  HO2  sing N N 106 
GLN N   CA   sing N N 107 
GLN N   H    sing N N 108 
GLN N   H2   sing N N 109 
GLN CA  C    sing N N 110 
GLN CA  CB   sing N N 111 
GLN CA  HA   sing N N 112 
GLN C   O    doub N N 113 
GLN C   OXT  sing N N 114 
GLN CB  CG   sing N N 115 
GLN CB  HB2  sing N N 116 
GLN CB  HB3  sing N N 117 
GLN CG  CD   sing N N 118 
GLN CG  HG2  sing N N 119 
GLN CG  HG3  sing N N 120 
GLN CD  OE1  doub N N 121 
GLN CD  NE2  sing N N 122 
GLN NE2 HE21 sing N N 123 
GLN NE2 HE22 sing N N 124 
GLN OXT HXT  sing N N 125 
GLU N   CA   sing N N 126 
GLU N   H    sing N N 127 
GLU N   H2   sing N N 128 
GLU CA  C    sing N N 129 
GLU CA  CB   sing N N 130 
GLU CA  HA   sing N N 131 
GLU C   O    doub N N 132 
GLU C   OXT  sing N N 133 
GLU CB  CG   sing N N 134 
GLU CB  HB2  sing N N 135 
GLU CB  HB3  sing N N 136 
GLU CG  CD   sing N N 137 
GLU CG  HG2  sing N N 138 
GLU CG  HG3  sing N N 139 
GLU CD  OE1  doub N N 140 
GLU CD  OE2  sing N N 141 
GLU OE2 HE2  sing N N 142 
GLU OXT HXT  sing N N 143 
GLY N   CA   sing N N 144 
GLY N   H    sing N N 145 
GLY N   H2   sing N N 146 
GLY CA  C    sing N N 147 
GLY CA  HA2  sing N N 148 
GLY CA  HA3  sing N N 149 
GLY C   O    doub N N 150 
GLY C   OXT  sing N N 151 
GLY OXT HXT  sing N N 152 
HIS N   CA   sing N N 153 
HIS N   H    sing N N 154 
HIS N   H2   sing N N 155 
HIS CA  C    sing N N 156 
HIS CA  CB   sing N N 157 
HIS CA  HA   sing N N 158 
HIS C   O    doub N N 159 
HIS C   OXT  sing N N 160 
HIS CB  CG   sing N N 161 
HIS CB  HB2  sing N N 162 
HIS CB  HB3  sing N N 163 
HIS CG  ND1  sing Y N 164 
HIS CG  CD2  doub Y N 165 
HIS ND1 CE1  doub Y N 166 
HIS ND1 HD1  sing N N 167 
HIS CD2 NE2  sing Y N 168 
HIS CD2 HD2  sing N N 169 
HIS CE1 NE2  sing Y N 170 
HIS CE1 HE1  sing N N 171 
HIS NE2 HE2  sing N N 172 
HIS OXT HXT  sing N N 173 
HOH O   H1   sing N N 174 
HOH O   H2   sing N N 175 
ILE N   CA   sing N N 176 
ILE N   H    sing N N 177 
ILE N   H2   sing N N 178 
ILE CA  C    sing N N 179 
ILE CA  CB   sing N N 180 
ILE CA  HA   sing N N 181 
ILE C   O    doub N N 182 
ILE C   OXT  sing N N 183 
ILE CB  CG1  sing N N 184 
ILE CB  CG2  sing N N 185 
ILE CB  HB   sing N N 186 
ILE CG1 CD1  sing N N 187 
ILE CG1 HG12 sing N N 188 
ILE CG1 HG13 sing N N 189 
ILE CG2 HG21 sing N N 190 
ILE CG2 HG22 sing N N 191 
ILE CG2 HG23 sing N N 192 
ILE CD1 HD11 sing N N 193 
ILE CD1 HD12 sing N N 194 
ILE CD1 HD13 sing N N 195 
ILE OXT HXT  sing N N 196 
LEU N   CA   sing N N 197 
LEU N   H    sing N N 198 
LEU N   H2   sing N N 199 
LEU CA  C    sing N N 200 
LEU CA  CB   sing N N 201 
LEU CA  HA   sing N N 202 
LEU C   O    doub N N 203 
LEU C   OXT  sing N N 204 
LEU CB  CG   sing N N 205 
LEU CB  HB2  sing N N 206 
LEU CB  HB3  sing N N 207 
LEU CG  CD1  sing N N 208 
LEU CG  CD2  sing N N 209 
LEU CG  HG   sing N N 210 
LEU CD1 HD11 sing N N 211 
LEU CD1 HD12 sing N N 212 
LEU CD1 HD13 sing N N 213 
LEU CD2 HD21 sing N N 214 
LEU CD2 HD22 sing N N 215 
LEU CD2 HD23 sing N N 216 
LEU OXT HXT  sing N N 217 
LHS C1  O1   sing N N 218 
LHS O1  C2   sing N N 219 
LHS C2  C3   sing N N 220 
LHS O2  C3   sing Y N 221 
LHS O2  N2   sing Y N 222 
LHS C3  N1   doub Y N 223 
LHS N2  C4   doub Y N 224 
LHS N1  C4   sing Y N 225 
LHS C4  C5   sing N N 226 
LHS C5  N3   sing N N 227 
LHS C5  O3   doub N N 228 
LHS N3  C6   sing N N 229 
LHS C6  C7   sing N N 230 
LHS C7  C12  doub Y N 231 
LHS C7  C8   sing Y N 232 
LHS C12 C11  sing Y N 233 
LHS C8  C9   doub Y N 234 
LHS C11 C10  doub Y N 235 
LHS C9  C10  sing Y N 236 
LHS C10 F1   sing N N 237 
LHS N3  H1   sing N N 238 
LHS C6  H2   sing N N 239 
LHS C6  H3   sing N N 240 
LHS C8  H4   sing N N 241 
LHS C1  H5   sing N N 242 
LHS C1  H6   sing N N 243 
LHS C1  H7   sing N N 244 
LHS C11 H8   sing N N 245 
LHS C12 H9   sing N N 246 
LHS C2  H10  sing N N 247 
LHS C2  H11  sing N N 248 
LHS C9  H12  sing N N 249 
LYS N   CA   sing N N 250 
LYS N   H    sing N N 251 
LYS N   H2   sing N N 252 
LYS CA  C    sing N N 253 
LYS CA  CB   sing N N 254 
LYS CA  HA   sing N N 255 
LYS C   O    doub N N 256 
LYS C   OXT  sing N N 257 
LYS CB  CG   sing N N 258 
LYS CB  HB2  sing N N 259 
LYS CB  HB3  sing N N 260 
LYS CG  CD   sing N N 261 
LYS CG  HG2  sing N N 262 
LYS CG  HG3  sing N N 263 
LYS CD  CE   sing N N 264 
LYS CD  HD2  sing N N 265 
LYS CD  HD3  sing N N 266 
LYS CE  NZ   sing N N 267 
LYS CE  HE2  sing N N 268 
LYS CE  HE3  sing N N 269 
LYS NZ  HZ1  sing N N 270 
LYS NZ  HZ2  sing N N 271 
LYS NZ  HZ3  sing N N 272 
LYS OXT HXT  sing N N 273 
MET N   CA   sing N N 274 
MET N   H    sing N N 275 
MET N   H2   sing N N 276 
MET CA  C    sing N N 277 
MET CA  CB   sing N N 278 
MET CA  HA   sing N N 279 
MET C   O    doub N N 280 
MET C   OXT  sing N N 281 
MET CB  CG   sing N N 282 
MET CB  HB2  sing N N 283 
MET CB  HB3  sing N N 284 
MET CG  SD   sing N N 285 
MET CG  HG2  sing N N 286 
MET CG  HG3  sing N N 287 
MET SD  CE   sing N N 288 
MET CE  HE1  sing N N 289 
MET CE  HE2  sing N N 290 
MET CE  HE3  sing N N 291 
MET OXT HXT  sing N N 292 
PHE N   CA   sing N N 293 
PHE N   H    sing N N 294 
PHE N   H2   sing N N 295 
PHE CA  C    sing N N 296 
PHE CA  CB   sing N N 297 
PHE CA  HA   sing N N 298 
PHE C   O    doub N N 299 
PHE C   OXT  sing N N 300 
PHE CB  CG   sing N N 301 
PHE CB  HB2  sing N N 302 
PHE CB  HB3  sing N N 303 
PHE CG  CD1  doub Y N 304 
PHE CG  CD2  sing Y N 305 
PHE CD1 CE1  sing Y N 306 
PHE CD1 HD1  sing N N 307 
PHE CD2 CE2  doub Y N 308 
PHE CD2 HD2  sing N N 309 
PHE CE1 CZ   doub Y N 310 
PHE CE1 HE1  sing N N 311 
PHE CE2 CZ   sing Y N 312 
PHE CE2 HE2  sing N N 313 
PHE CZ  HZ   sing N N 314 
PHE OXT HXT  sing N N 315 
PRO N   CA   sing N N 316 
PRO N   CD   sing N N 317 
PRO N   H    sing N N 318 
PRO CA  C    sing N N 319 
PRO CA  CB   sing N N 320 
PRO CA  HA   sing N N 321 
PRO C   O    doub N N 322 
PRO C   OXT  sing N N 323 
PRO CB  CG   sing N N 324 
PRO CB  HB2  sing N N 325 
PRO CB  HB3  sing N N 326 
PRO CG  CD   sing N N 327 
PRO CG  HG2  sing N N 328 
PRO CG  HG3  sing N N 329 
PRO CD  HD2  sing N N 330 
PRO CD  HD3  sing N N 331 
PRO OXT HXT  sing N N 332 
SER N   CA   sing N N 333 
SER N   H    sing N N 334 
SER N   H2   sing N N 335 
SER CA  C    sing N N 336 
SER CA  CB   sing N N 337 
SER CA  HA   sing N N 338 
SER C   O    doub N N 339 
SER C   OXT  sing N N 340 
SER CB  OG   sing N N 341 
SER CB  HB2  sing N N 342 
SER CB  HB3  sing N N 343 
SER OG  HG   sing N N 344 
SER OXT HXT  sing N N 345 
THR N   CA   sing N N 346 
THR N   H    sing N N 347 
THR N   H2   sing N N 348 
THR CA  C    sing N N 349 
THR CA  CB   sing N N 350 
THR CA  HA   sing N N 351 
THR C   O    doub N N 352 
THR C   OXT  sing N N 353 
THR CB  OG1  sing N N 354 
THR CB  CG2  sing N N 355 
THR CB  HB   sing N N 356 
THR OG1 HG1  sing N N 357 
THR CG2 HG21 sing N N 358 
THR CG2 HG22 sing N N 359 
THR CG2 HG23 sing N N 360 
THR OXT HXT  sing N N 361 
TRP N   CA   sing N N 362 
TRP N   H    sing N N 363 
TRP N   H2   sing N N 364 
TRP CA  C    sing N N 365 
TRP CA  CB   sing N N 366 
TRP CA  HA   sing N N 367 
TRP C   O    doub N N 368 
TRP C   OXT  sing N N 369 
TRP CB  CG   sing N N 370 
TRP CB  HB2  sing N N 371 
TRP CB  HB3  sing N N 372 
TRP CG  CD1  doub Y N 373 
TRP CG  CD2  sing Y N 374 
TRP CD1 NE1  sing Y N 375 
TRP CD1 HD1  sing N N 376 
TRP CD2 CE2  doub Y N 377 
TRP CD2 CE3  sing Y N 378 
TRP NE1 CE2  sing Y N 379 
TRP NE1 HE1  sing N N 380 
TRP CE2 CZ2  sing Y N 381 
TRP CE3 CZ3  doub Y N 382 
TRP CE3 HE3  sing N N 383 
TRP CZ2 CH2  doub Y N 384 
TRP CZ2 HZ2  sing N N 385 
TRP CZ3 CH2  sing Y N 386 
TRP CZ3 HZ3  sing N N 387 
TRP CH2 HH2  sing N N 388 
TRP OXT HXT  sing N N 389 
TYR N   CA   sing N N 390 
TYR N   H    sing N N 391 
TYR N   H2   sing N N 392 
TYR CA  C    sing N N 393 
TYR CA  CB   sing N N 394 
TYR CA  HA   sing N N 395 
TYR C   O    doub N N 396 
TYR C   OXT  sing N N 397 
TYR CB  CG   sing N N 398 
TYR CB  HB2  sing N N 399 
TYR CB  HB3  sing N N 400 
TYR CG  CD1  doub Y N 401 
TYR CG  CD2  sing Y N 402 
TYR CD1 CE1  sing Y N 403 
TYR CD1 HD1  sing N N 404 
TYR CD2 CE2  doub Y N 405 
TYR CD2 HD2  sing N N 406 
TYR CE1 CZ   doub Y N 407 
TYR CE1 HE1  sing N N 408 
TYR CE2 CZ   sing Y N 409 
TYR CE2 HE2  sing N N 410 
TYR CZ  OH   sing N N 411 
TYR OH  HH   sing N N 412 
TYR OXT HXT  sing N N 413 
VAL N   CA   sing N N 414 
VAL N   H    sing N N 415 
VAL N   H2   sing N N 416 
VAL CA  C    sing N N 417 
VAL CA  CB   sing N N 418 
VAL CA  HA   sing N N 419 
VAL C   O    doub N N 420 
VAL C   OXT  sing N N 421 
VAL CB  CG1  sing N N 422 
VAL CB  CG2  sing N N 423 
VAL CB  HB   sing N N 424 
VAL CG1 HG11 sing N N 425 
VAL CG1 HG12 sing N N 426 
VAL CG1 HG13 sing N N 427 
VAL CG2 HG21 sing N N 428 
VAL CG2 HG22 sing N N 429 
VAL CG2 HG23 sing N N 430 
VAL OXT HXT  sing N N 431 
# 
_pdbx_deposit_group.group_id            G_1002061 
_pdbx_deposit_group.group_description   
;XDomainX of XOrganismX DCP2 (NUDT20) screened against the XXX Fragment Library by X-ray Crystallography at the XChem facility of Diamond Light Source beamline I04-1
;
_pdbx_deposit_group.group_title         'PanDDA analysis group deposition' 
_pdbx_deposit_group.group_type          'changed state' 
# 
_pdbx_related_exp_data_set.ordinal              1 
_pdbx_related_exp_data_set.data_reference       10.5281/zenodo.1437589 
_pdbx_related_exp_data_set.metadata_reference   10.5281/zenodo.1437589 
_pdbx_related_exp_data_set.data_set_type        'other data' 
_pdbx_related_exp_data_set.details              'Complete PanDDA analysis' 
# 
_atom_sites.entry_id                    5QP2 
_atom_sites.fract_transf_matrix[1][1]   0.01769971 
_atom_sites.fract_transf_matrix[1][2]   -0.00320425 
_atom_sites.fract_transf_matrix[1][3]   -0.01067389 
_atom_sites.fract_transf_matrix[2][1]   0.00781897 
_atom_sites.fract_transf_matrix[2][2]   -0.00360405 
_atom_sites.fract_transf_matrix[2][3]   0.01404753 
_atom_sites.fract_transf_matrix[3][1]   -0.00371170 
_atom_sites.fract_transf_matrix[3][2]   -0.01476552 
_atom_sites.fract_transf_matrix[3][3]   -0.00172229 
_atom_sites.fract_transf_vector[1]      -0.882196 
_atom_sites.fract_transf_vector[2]      0.225382 
_atom_sites.fract_transf_vector[3]      1.166205 
# 
loop_
_atom_type.symbol 
C 
F 
N 
O 
S 
# 
loop_
_atom_site.group_PDB 
_atom_site.id 
_atom_site.type_symbol 
_atom_site.label_atom_id 
_atom_site.label_alt_id 
_atom_site.label_comp_id 
_atom_site.label_asym_id 
_atom_site.label_entity_id 
_atom_site.label_seq_id 
_atom_site.pdbx_PDB_ins_code 
_atom_site.Cartn_x 
_atom_site.Cartn_y 
_atom_site.Cartn_z 
_atom_site.occupancy 
_atom_site.B_iso_or_equiv 
_atom_site.pdbx_formal_charge 
_atom_site.auth_seq_id 
_atom_site.auth_comp_id 
_atom_site.auth_asym_id 
_atom_site.auth_atom_id 
_atom_site.pdbx_PDB_model_num 
ATOM   1    N N   . GLY A 1 3   ? 16.750  -4.549  -9.151  1.00 74.24  ? 96  GLY A N   1 
ATOM   2    C CA  . GLY A 1 3   ? 15.692  -4.909  -8.142  1.00 76.01  ? 96  GLY A CA  1 
ATOM   3    C C   . GLY A 1 3   ? 14.467  -5.504  -8.836  1.00 68.10  ? 96  GLY A C   1 
ATOM   4    O O   . GLY A 1 3   ? 14.037  -5.031  -9.899  1.00 72.04  ? 96  GLY A O   1 
ATOM   5    N N   . VAL A 1 4   ? 13.889  -6.550  -8.267  1.00 61.77  ? 97  VAL A N   1 
ATOM   6    C CA  . VAL A 1 4   ? 12.713  -7.167  -8.924  1.00 64.02  ? 97  VAL A CA  1 
ATOM   7    C C   . VAL A 1 4   ? 11.450  -6.300  -8.671  1.00 50.70  ? 97  VAL A C   1 
ATOM   8    O O   . VAL A 1 4   ? 11.218  -6.001  -7.530  1.00 48.27  ? 97  VAL A O   1 
ATOM   9    C CB  . VAL A 1 4   ? 12.422  -8.561  -8.370  1.00 64.80  ? 97  VAL A CB  1 
ATOM   10   C CG1 . VAL A 1 4   ? 11.318  -9.195  -9.207  1.00 61.97  ? 97  VAL A CG1 1 
ATOM   11   C CG2 . VAL A 1 4   ? 13.697  -9.415  -8.351  1.00 70.29  ? 97  VAL A CG2 1 
ATOM   12   N N   . PRO A 1 5   ? 10.670  -5.936  -9.714  1.00 48.61  ? 98  PRO A N   1 
ATOM   13   C CA  . PRO A 1 5   ? 9.572   -5.010  -9.459  1.00 45.84  ? 98  PRO A CA  1 
ATOM   14   C C   . PRO A 1 5   ? 8.525   -5.624  -8.515  1.00 45.25  ? 98  PRO A C   1 
ATOM   15   O O   . PRO A 1 5   ? 8.381   -6.844  -8.477  1.00 40.33  ? 98  PRO A O   1 
ATOM   16   C CB  . PRO A 1 5   ? 8.990   -4.719  -10.836 1.00 48.76  ? 98  PRO A CB  1 
ATOM   17   C CG  . PRO A 1 5   ? 10.006  -5.215  -11.847 1.00 52.97  ? 98  PRO A CG  1 
ATOM   18   C CD  . PRO A 1 5   ? 10.899  -6.155  -11.159 1.00 45.74  ? 98  PRO A CD  1 
ATOM   19   N N   . THR A 1 6   ? 7.854   -4.774  -7.714  1.00 38.94  ? 99  THR A N   1 
ATOM   20   C CA  . THR A 1 6   ? 6.709   -5.225  -6.875  1.00 40.57  ? 99  THR A CA  1 
ATOM   21   C C   . THR A 1 6   ? 5.379   -4.618  -7.333  1.00 34.95  ? 99  THR A C   1 
ATOM   22   O O   . THR A 1 6   ? 5.350   -3.564  -7.961  1.00 36.04  ? 99  THR A O   1 
ATOM   23   C CB  . THR A 1 6   ? 7.001   -4.896  -5.413  1.00 40.20  ? 99  THR A CB  1 
ATOM   24   O OG1 . THR A 1 6   ? 7.159   -3.466  -5.302  1.00 37.62  ? 99  THR A OG1 1 
ATOM   25   C CG2 . THR A 1 6   ? 8.232   -5.619  -5.010  1.00 41.52  ? 99  THR A CG2 1 
ATOM   26   N N   . TYR A 1 7   ? 4.273   -5.345  -7.095  1.00 34.18  ? 100 TYR A N   1 
ATOM   27   C CA  . TYR A 1 7   ? 2.977   -4.931  -7.522  1.00 32.69  ? 100 TYR A CA  1 
ATOM   28   C C   . TYR A 1 7   ? 2.007   -5.204  -6.413  1.00 30.42  ? 100 TYR A C   1 
ATOM   29   O O   . TYR A 1 7   ? 2.173   -6.182  -5.685  1.00 31.17  ? 100 TYR A O   1 
ATOM   30   C CB  . TYR A 1 7   ? 2.529   -5.736  -8.776  1.00 38.24  ? 100 TYR A CB  1 
ATOM   31   C CG  . TYR A 1 7   ? 3.383   -5.448  -9.984  1.00 37.56  ? 100 TYR A CG  1 
ATOM   32   C CD1 . TYR A 1 7   ? 3.267   -4.262  -10.658 1.00 41.65  ? 100 TYR A CD1 1 
ATOM   33   C CD2 . TYR A 1 7   ? 4.392   -6.330  -10.363 1.00 45.41  ? 100 TYR A CD2 1 
ATOM   34   C CE1 . TYR A 1 7   ? 4.121   -3.944  -11.724 1.00 44.70  ? 100 TYR A CE1 1 
ATOM   35   C CE2 . TYR A 1 7   ? 5.247   -6.041  -11.407 1.00 42.83  ? 100 TYR A CE2 1 
ATOM   36   C CZ  . TYR A 1 7   ? 5.097   -4.886  -12.107 1.00 47.57  ? 100 TYR A CZ  1 
ATOM   37   O OH  . TYR A 1 7   ? 5.990   -4.659  -13.143 1.00 49.31  ? 100 TYR A OH  1 
ATOM   38   N N   . GLY A 1 8   ? 1.000   -4.342  -6.290  1.00 29.94  ? 101 GLY A N   1 
ATOM   39   C CA  . GLY A 1 8   ? 0.013   -4.527  -5.223  1.00 28.14  ? 101 GLY A CA  1 
ATOM   40   C C   . GLY A 1 8   ? -1.138  -3.553  -5.392  1.00 26.25  ? 101 GLY A C   1 
ATOM   41   O O   . GLY A 1 8   ? -1.500  -3.164  -6.508  1.00 28.73  ? 101 GLY A O   1 
ATOM   42   N N   . ALA A 1 9   ? -1.783  -3.199  -4.301  1.00 28.11  ? 102 ALA A N   1 
ATOM   43   C CA  . ALA A 1 9   ? -2.938  -2.303  -4.422  1.00 27.80  ? 102 ALA A CA  1 
ATOM   44   C C   . ALA A 1 9   ? -3.082  -1.359  -3.236  1.00 27.86  ? 102 ALA A C   1 
ATOM   45   O O   . ALA A 1 9   ? -2.670  -1.666  -2.105  1.00 27.30  ? 102 ALA A O   1 
ATOM   46   C CB  . ALA A 1 9   ? -4.223  -3.098  -4.573  1.00 31.51  ? 102 ALA A CB  1 
ATOM   47   N N   . ILE A 1 10  ? -3.707  -0.235  -3.565  1.00 26.37  ? 103 ILE A N   1 
ATOM   48   C CA  . ILE A 1 10  ? -4.193  0.752   -2.637  1.00 25.54  ? 103 ILE A CA  1 
ATOM   49   C C   . ILE A 1 10  ? -5.650  0.591   -2.745  1.00 24.50  ? 103 ILE A C   1 
ATOM   50   O O   . ILE A 1 10  ? -6.264  1.068   -3.755  1.00 28.52  ? 103 ILE A O   1 
ATOM   51   C CB  . ILE A 1 10  ? -3.785  2.157   -3.054  1.00 28.66  ? 103 ILE A CB  1 
ATOM   52   C CG1 . ILE A 1 10  ? -2.270  2.324   -3.028  1.00 30.48  ? 103 ILE A CG1 1 
ATOM   53   C CG2 . ILE A 1 10  ? -4.502  3.180   -2.185  1.00 30.00  ? 103 ILE A CG2 1 
ATOM   54   C CD1 . ILE A 1 10  ? -1.758  3.654   -3.604  1.00 34.65  ? 103 ILE A CD1 1 
ATOM   55   N N   . ILE A 1 11  ? -6.220  0.000   -1.699  1.00 26.56  ? 104 ILE A N   1 
ATOM   56   C CA  . ILE A 1 11  ? -7.624  -0.277  -1.603  1.00 26.87  ? 104 ILE A CA  1 
ATOM   57   C C   . ILE A 1 11  ? -8.218  0.798   -0.736  1.00 26.26  ? 104 ILE A C   1 
ATOM   58   O O   . ILE A 1 11  ? -7.701  1.014   0.340   1.00 27.16  ? 104 ILE A O   1 
ATOM   59   C CB  . ILE A 1 11  ? -7.888  -1.654  -0.997  1.00 27.37  ? 104 ILE A CB  1 
ATOM   60   C CG1 . ILE A 1 11  ? -7.437  -2.744  -1.937  1.00 29.74  ? 104 ILE A CG1 1 
ATOM   61   C CG2 . ILE A 1 11  ? -9.342  -1.860  -0.640  1.00 30.00  ? 104 ILE A CG2 1 
ATOM   62   C CD1 . ILE A 1 11  ? -7.191  -4.066  -1.236  1.00 31.93  ? 104 ILE A CD1 1 
ATOM   63   N N   . LEU A 1 12  ? -9.287  1.468   -1.209  1.00 27.59  ? 105 LEU A N   1 
ATOM   64   C CA  . LEU A 1 12  ? -10.003 2.472   -0.444  1.00 27.39  ? 105 LEU A CA  1 
ATOM   65   C C   . LEU A 1 12  ? -11.457 2.046   -0.242  1.00 27.34  ? 105 LEU A C   1 
ATOM   66   O O   . LEU A 1 12  ? -12.059 1.277   -1.043  1.00 28.88  ? 105 LEU A O   1 
ATOM   67   C CB  . LEU A 1 12  ? -9.996  3.773   -1.185  1.00 31.58  ? 105 LEU A CB  1 
ATOM   68   C CG  . LEU A 1 12  ? -8.619  4.344   -1.576  1.00 34.16  ? 105 LEU A CG  1 
ATOM   69   C CD1 . LEU A 1 12  ? -8.267  4.098   -3.020  1.00 41.43  ? 105 LEU A CD1 1 
ATOM   70   C CD2 . LEU A 1 12  ? -8.557  5.828   -1.263  1.00 39.57  ? 105 LEU A CD2 1 
ATOM   71   N N   . ASP A 1 13  ? -12.071 2.627   0.777   1.00 30.63  ? 106 ASP A N   1 
ATOM   72   C CA  . ASP A 1 13  ? -13.448 2.309   1.044   1.00 33.93  ? 106 ASP A CA  1 
ATOM   73   C C   . ASP A 1 13  ? -14.329 3.191   0.201   1.00 33.92  ? 106 ASP A C   1 
ATOM   74   O O   . ASP A 1 13  ? -13.915 3.870   -0.726  1.00 31.33  ? 106 ASP A O   1 
ATOM   75   C CB  . ASP A 1 13  ? -13.745 2.473   2.546   1.00 35.98  ? 106 ASP A CB  1 
ATOM   76   C CG  . ASP A 1 13  ? -13.588 3.918   3.052   1.00 35.96  ? 106 ASP A CG  1 
ATOM   77   O OD1 . ASP A 1 13  ? -13.001 4.831   2.388   1.00 38.70  ? 106 ASP A OD1 1 
ATOM   78   O OD2 . ASP A 1 13  ? -13.869 4.048   4.227   1.00 48.86  ? 106 ASP A OD2 1 
ATOM   79   N N   . GLU A 1 14  ? -15.590 3.192   0.565   1.00 33.86  ? 107 GLU A N   1 
ATOM   80   C CA  . GLU A 1 14  ? -16.590 3.836   -0.250  1.00 41.15  ? 107 GLU A CA  1 
ATOM   81   C C   . GLU A 1 14  ? -16.584 5.334   -0.078  1.00 39.85  ? 107 GLU A C   1 
ATOM   82   O O   . GLU A 1 14  ? -16.955 6.014   -0.993  1.00 37.42  ? 107 GLU A O   1 
ATOM   83   C CB  . GLU A 1 14  ? -18.012 3.286   0.034   1.00 48.92  ? 107 GLU A CB  1 
ATOM   84   C CG  . GLU A 1 14  ? -18.431 3.253   1.489   1.00 56.54  ? 107 GLU A CG  1 
ATOM   85   C CD  . GLU A 1 14  ? -18.319 1.853   2.098   1.00 64.62  ? 107 GLU A CD  1 
ATOM   86   O OE1 . GLU A 1 14  ? -17.442 1.618   2.954   1.00 59.65  ? 107 GLU A OE1 1 
ATOM   87   O OE2 . GLU A 1 14  ? -19.117 0.974   1.686   1.00 81.89  ? 107 GLU A OE2 1 
ATOM   88   N N   . THR A 1 15  ? -16.095 5.845   1.068   1.00 35.34  ? 108 THR A N   1 
ATOM   89   C CA  . THR A 1 15  ? -16.061 7.254   1.294   1.00 35.23  ? 108 THR A CA  1 
ATOM   90   C C   . THR A 1 15  ? -14.807 7.843   0.743   1.00 34.76  ? 108 THR A C   1 
ATOM   91   O O   . THR A 1 15  ? -14.670 9.039   0.674   1.00 35.01  ? 108 THR A O   1 
ATOM   92   C CB  . THR A 1 15  ? -16.064 7.608   2.800   1.00 43.48  ? 108 THR A CB  1 
ATOM   93   O OG1 . THR A 1 15  ? -14.819 7.225   3.373   1.00 41.31  ? 108 THR A OG1 1 
ATOM   94   C CG2 . THR A 1 15  ? -17.166 6.904   3.532   1.00 49.22  ? 108 THR A CG2 1 
ATOM   95   N N   . LEU A 1 16  ? -13.864 7.008   0.331   1.00 33.64  ? 109 LEU A N   1 
ATOM   96   C CA  . LEU A 1 16  ? -12.546 7.528   -0.117  1.00 32.06  ? 109 LEU A CA  1 
ATOM   97   C C   . LEU A 1 16  ? -11.644 8.120   1.027   1.00 35.10  ? 109 LEU A C   1 
ATOM   98   O O   . LEU A 1 16  ? -10.566 8.702   0.712   1.00 41.02  ? 109 LEU A O   1 
ATOM   99   C CB  . LEU A 1 16  ? -12.584 8.507   -1.284  1.00 36.52  ? 109 LEU A CB  1 
ATOM   100  C CG  . LEU A 1 16  ? -13.440 8.081   -2.491  1.00 37.71  ? 109 LEU A CG  1 
ATOM   101  C CD1 . LEU A 1 16  ? -13.599 9.181   -3.493  1.00 41.22  ? 109 LEU A CD1 1 
ATOM   102  C CD2 . LEU A 1 16  ? -12.824 6.815   -3.112  1.00 43.00  ? 109 LEU A CD2 1 
ATOM   103  N N   . GLU A 1 17  ? -12.074 7.948   2.277   0.50 36.11  ? 110 GLU A N   1 
ATOM   104  C CA  . GLU A 1 17  ? -11.383 8.460   3.459   0.50 40.10  ? 110 GLU A CA  1 
ATOM   105  C C   . GLU A 1 17  ? -10.262 7.527   3.925   0.50 37.16  ? 110 GLU A C   1 
ATOM   106  O O   . GLU A 1 17  ? -9.240  8.005   4.432   0.50 36.11  ? 110 GLU A O   1 
ATOM   107  C CB  . GLU A 1 17  ? -12.346 8.580   4.657   0.50 42.76  ? 110 GLU A CB  1 
ATOM   108  C CG  . GLU A 1 17  ? -13.369 9.703   4.617   0.50 47.19  ? 110 GLU A CG  1 
ATOM   109  C CD  . GLU A 1 17  ? -14.409 9.568   5.729   0.50 50.81  ? 110 GLU A CD  1 
ATOM   110  O OE1 . GLU A 1 17  ? -15.264 8.647   5.662   0.50 51.79  ? 110 GLU A OE1 1 
ATOM   111  O OE2 . GLU A 1 17  ? -14.372 10.380  6.677   0.50 48.90  ? 110 GLU A OE2 1 
ATOM   112  N N   . ASN A 1 18  ? -10.471 6.218   3.760   1.00 34.96  ? 111 ASN A N   1 
ATOM   113  C CA  . ASN A 1 18  ? -9.670  5.179   4.413   1.00 33.67  ? 111 ASN A CA  1 
ATOM   114  C C   . ASN A 1 18  ? -9.025  4.279   3.377   1.00 33.62  ? 111 ASN A C   1 
ATOM   115  O O   . ASN A 1 18  ? -9.636  3.984   2.329   1.00 30.72  ? 111 ASN A O   1 
ATOM   116  C CB  . ASN A 1 18  ? -10.515 4.332   5.333   1.00 36.36  ? 111 ASN A CB  1 
ATOM   117  C CG  . ASN A 1 18  ? -11.200 5.176   6.427   1.00 51.94  ? 111 ASN A CG  1 
ATOM   118  O OD1 . ASN A 1 18  ? -10.544 5.837   7.244   1.00 50.11  ? 111 ASN A OD1 1 
ATOM   119  N ND2 . ASN A 1 18  ? -12.499 5.173   6.422   1.00 47.20  ? 111 ASN A ND2 1 
ATOM   120  N N   . VAL A 1 19  ? -7.786  3.883   3.682   1.00 31.74  ? 112 VAL A N   1 
ATOM   121  C CA  . VAL A 1 19  ? -7.008  2.938   2.885   1.00 27.66  ? 112 VAL A CA  1 
ATOM   122  C C   . VAL A 1 19  ? -6.726  1.706   3.715   1.00 29.81  ? 112 VAL A C   1 
ATOM   123  O O   . VAL A 1 19  ? -6.575  1.756   4.973   1.00 29.78  ? 112 VAL A O   1 
ATOM   124  C CB  . VAL A 1 19  ? -5.668  3.546   2.425   1.00 29.27  ? 112 VAL A CB  1 
ATOM   125  C CG1 . VAL A 1 19  ? -5.872  4.657   1.445   1.00 34.85  ? 112 VAL A CG1 1 
ATOM   126  C CG2 . VAL A 1 19  ? -4.775  4.051   3.617   1.00 29.05  ? 112 VAL A CG2 1 
ATOM   127  N N   . LEU A 1 20  ? -6.523  0.588   3.031   1.00 28.53  ? 113 LEU A N   1 
ATOM   128  C CA  . LEU A 1 20  ? -6.268  -0.701  3.704   1.00 30.01  ? 113 LEU A CA  1 
ATOM   129  C C   . LEU A 1 20  ? -4.754  -0.988  3.768   1.00 29.31  ? 113 LEU A C   1 
ATOM   130  O O   . LEU A 1 20  ? -4.087  -1.059  2.759   1.00 28.75  ? 113 LEU A O   1 
ATOM   131  C CB  . LEU A 1 20  ? -6.978  -1.847  2.956   1.00 29.34  ? 113 LEU A CB  1 
ATOM   132  C CG  . LEU A 1 20  ? -7.121  -3.193  3.736   1.00 31.50  ? 113 LEU A CG  1 
ATOM   133  C CD1 . LEU A 1 20  ? -8.147  -3.093  4.879   1.00 31.80  ? 113 LEU A CD1 1 
ATOM   134  C CD2 . LEU A 1 20  ? -7.380  -4.330  2.783   1.00 31.84  ? 113 LEU A CD2 1 
ATOM   135  N N   . LEU A 1 21  ? -4.215  -1.110  4.973   1.00 30.22  ? 114 LEU A N   1 
ATOM   136  C CA  . LEU A 1 21  ? -2.816  -1.444  5.149   1.00 31.48  ? 114 LEU A CA  1 
ATOM   137  C C   . LEU A 1 21  ? -2.689  -2.804  5.819   1.00 27.36  ? 114 LEU A C   1 
ATOM   138  O O   . LEU A 1 21  ? -3.590  -3.300  6.501   1.00 29.05  ? 114 LEU A O   1 
ATOM   139  C CB  . LEU A 1 21  ? -2.071  -0.371  5.971   1.00 30.57  ? 114 LEU A CB  1 
ATOM   140  C CG  . LEU A 1 21  ? -2.124  1.073   5.483   1.00 28.37  ? 114 LEU A CG  1 
ATOM   141  C CD1 . LEU A 1 21  ? -1.235  1.963   6.280   1.00 31.97  ? 114 LEU A CD1 1 
ATOM   142  C CD2 . LEU A 1 21  ? -1.702  1.195   4.036   1.00 31.56  ? 114 LEU A CD2 1 
ATOM   143  N N   . VAL A 1 22  ? -1.548  -3.431  5.593   1.00 26.13  ? 115 VAL A N   1 
ATOM   144  C CA  . VAL A 1 22  ? -1.227  -4.687  6.223   1.00 26.13  ? 115 VAL A CA  1 
ATOM   145  C C   . VAL A 1 22  ? 0.081   -4.536  6.998   1.00 31.63  ? 115 VAL A C   1 
ATOM   146  O O   . VAL A 1 22  ? 0.916   -3.710  6.653   1.00 28.20  ? 115 VAL A O   1 
ATOM   147  C CB  . VAL A 1 22  ? -1.123  -5.854  5.268   1.00 29.58  ? 115 VAL A CB  1 
ATOM   148  C CG1 . VAL A 1 22  ? -2.406  -6.021  4.513   1.00 31.61  ? 115 VAL A CG1 1 
ATOM   149  C CG2 . VAL A 1 22  ? 0.029   -5.649  4.284   1.00 30.27  ? 115 VAL A CG2 1 
ATOM   150  N N   . GLN A 1 23  ? 0.221   -5.344  8.046   1.00 29.67  ? 116 GLN A N   1 
ATOM   151  C CA  . GLN A 1 23  ? 1.363   -5.299  8.937   1.00 28.28  ? 116 GLN A CA  1 
ATOM   152  C C   . GLN A 1 23  ? 2.010   -6.664  8.898   1.00 29.38  ? 116 GLN A C   1 
ATOM   153  O O   . GLN A 1 23  ? 1.341   -7.704  9.030   1.00 29.92  ? 116 GLN A O   1 
ATOM   154  C CB  . GLN A 1 23  ? 0.934   -4.925  10.356  1.00 31.54  ? 116 GLN A CB  1 
ATOM   155  C CG  . GLN A 1 23  ? 2.051   -4.859  11.388  1.00 29.62  ? 116 GLN A CG  1 
ATOM   156  C CD  . GLN A 1 23  ? 1.528   -4.596  12.760  1.00 32.74  ? 116 GLN A CD  1 
ATOM   157  O OE1 . GLN A 1 23  ? 0.453   -5.081  13.132  1.00 34.54  ? 116 GLN A OE1 1 
ATOM   158  N NE2 . GLN A 1 23  ? 2.276   -3.865  13.516  1.00 32.67  ? 116 GLN A NE2 1 
ATOM   159  N N   . GLY A 1 24  ? 3.297   -6.678  8.627   1.00 34.57  ? 117 GLY A N   1 
ATOM   160  C CA  . GLY A 1 24  ? 4.013   -7.969  8.549   1.00 34.21  ? 117 GLY A CA  1 
ATOM   161  C C   . GLY A 1 24  ? 4.790   -8.240  9.844   1.00 34.25  ? 117 GLY A C   1 
ATOM   162  O O   . GLY A 1 24  ? 4.415   -7.788  10.902  1.00 32.37  ? 117 GLY A O   1 
ATOM   163  N N   . TYR A 1 25  ? 5.894   -8.954  9.704   1.00 34.08  ? 118 TYR A N   1 
ATOM   164  C CA  . TYR A 1 25  ? 6.795   -9.329  10.766  1.00 37.14  ? 118 TYR A CA  1 
ATOM   165  C C   . TYR A 1 25  ? 8.242   -9.004  10.421  1.00 44.08  ? 118 TYR A C   1 
ATOM   166  O O   . TYR A 1 25  ? 8.585   -8.763  9.258   1.00 38.69  ? 118 TYR A O   1 
ATOM   167  C CB  . TYR A 1 25  ? 6.709   -10.839 10.996  1.00 36.83  ? 118 TYR A CB  1 
ATOM   168  C CG  . TYR A 1 25  ? 5.372   -11.351 11.502  1.00 36.69  ? 118 TYR A CG  1 
ATOM   169  C CD1 . TYR A 1 25  ? 4.922   -11.066 12.796  1.00 35.22  ? 118 TYR A CD1 1 
ATOM   170  C CD2 . TYR A 1 25  ? 4.543   -12.033 10.696  1.00 32.74  ? 118 TYR A CD2 1 
ATOM   171  C CE1 . TYR A 1 25  ? 3.682   -11.522 13.229  1.00 35.63  ? 118 TYR A CE1 1 
ATOM   172  C CE2 . TYR A 1 25  ? 3.293   -12.452 11.127  1.00 36.45  ? 118 TYR A CE2 1 
ATOM   173  C CZ  . TYR A 1 25  ? 2.878   -12.188 12.390  1.00 35.85  ? 118 TYR A CZ  1 
ATOM   174  O OH  . TYR A 1 25  ? 1.669   -12.641 12.853  1.00 40.46  ? 118 TYR A OH  1 
ATOM   175  N N   . LEU A 1 26  ? 9.057   -8.912  11.467  1.00 46.00  ? 119 LEU A N   1 
ATOM   176  C CA  . LEU A 1 26  ? 10.514  -8.840  11.340  1.00 50.00  ? 119 LEU A CA  1 
ATOM   177  C C   . LEU A 1 26  ? 10.965  -7.627  10.518  1.00 45.75  ? 119 LEU A C   1 
ATOM   178  O O   . LEU A 1 26  ? 10.746  -6.511  10.932  1.00 44.83  ? 119 LEU A O   1 
ATOM   179  C CB  . LEU A 1 26  ? 11.070  -10.168 10.798  1.00 53.57  ? 119 LEU A CB  1 
ATOM   180  C CG  . LEU A 1 26  ? 10.807  -11.429 11.634  1.00 56.51  ? 119 LEU A CG  1 
ATOM   181  C CD1 . LEU A 1 26  ? 11.247  -12.651 10.862  1.00 56.06  ? 119 LEU A CD1 1 
ATOM   182  C CD2 . LEU A 1 26  ? 11.485  -11.355 13.000  1.00 65.38  ? 119 LEU A CD2 1 
ATOM   183  N N   . ALA A 1 27  ? 11.586  -7.814  9.369   1.00 48.00  ? 120 ALA A N   1 
ATOM   184  C CA  . ALA A 1 27  ? 11.990  -6.668  8.561   1.00 54.04  ? 120 ALA A CA  1 
ATOM   185  C C   . ALA A 1 27  ? 10.752  -5.895  8.056   1.00 54.91  ? 120 ALA A C   1 
ATOM   186  O O   . ALA A 1 27  ? 10.853  -4.716  7.813   1.00 53.97  ? 120 ALA A O   1 
ATOM   187  C CB  . ALA A 1 27  ? 12.872  -7.106  7.380   1.00 53.34  ? 120 ALA A CB  1 
ATOM   188  N N   . LYS A 1 28  ? 9.614   -6.580  7.924   1.00 50.54  ? 121 LYS A N   1 
ATOM   189  C CA  . LYS A 1 28  ? 8.350   -6.005  7.465   1.00 45.51  ? 121 LYS A CA  1 
ATOM   190  C C   . LYS A 1 28  ? 7.316   -5.787  8.558   1.00 39.31  ? 121 LYS A C   1 
ATOM   191  O O   . LYS A 1 28  ? 6.095   -5.867  8.351   1.00 36.41  ? 121 LYS A O   1 
ATOM   192  C CB  . LYS A 1 28  ? 7.777   -6.904  6.408   1.00 49.26  ? 121 LYS A CB  1 
ATOM   193  C CG  . LYS A 1 28  ? 8.722   -7.063  5.240   1.00 54.14  ? 121 LYS A CG  1 
ATOM   194  C CD  . LYS A 1 28  ? 8.129   -7.998  4.214   1.00 57.32  ? 121 LYS A CD  1 
ATOM   195  C CE  . LYS A 1 28  ? 7.669   -7.269  2.970   1.00 61.23  ? 121 LYS A CE  1 
ATOM   196  N NZ  . LYS A 1 28  ? 7.779   -8.173  1.790   1.00 67.85  ? 121 LYS A NZ  1 
ATOM   197  N N   . SER A 1 29  ? 7.824   -5.431  9.704   1.00 39.03  ? 122 SER A N   1 
ATOM   198  C CA  . SER A 1 29  ? 7.071   -5.269  10.918  1.00 43.49  ? 122 SER A CA  1 
ATOM   199  C C   . SER A 1 29  ? 6.070   -4.105  11.049  1.00 44.29  ? 122 SER A C   1 
ATOM   200  O O   . SER A 1 29  ? 5.228   -4.098  11.992  1.00 45.04  ? 122 SER A O   1 
ATOM   201  C CB  . SER A 1 29  ? 8.053   -5.076  12.094  1.00 40.98  ? 122 SER A CB  1 
ATOM   202  O OG  . SER A 1 29  ? 7.443   -5.807  13.107  1.00 62.85  ? 122 SER A OG  1 
ATOM   203  N N   . GLY A 1 30  ? 6.256   -3.098  10.213  1.00 37.20  ? 123 GLY A N   1 
ATOM   204  C CA  . GLY A 1 30  ? 5.367   -1.932  10.143  1.00 37.38  ? 123 GLY A CA  1 
ATOM   205  C C   . GLY A 1 30  ? 4.194   -2.141  9.190   1.00 39.02  ? 123 GLY A C   1 
ATOM   206  O O   . GLY A 1 30  ? 3.918   -3.266  8.707   1.00 36.26  ? 123 GLY A O   1 
ATOM   207  N N   . TRP A 1 31  ? 3.521   -1.030  8.898   1.00 33.45  ? 124 TRP A N   1 
ATOM   208  C CA  . TRP A 1 31  ? 2.347   -1.059  8.082   1.00 29.25  ? 124 TRP A CA  1 
ATOM   209  C C   . TRP A 1 31  ? 2.711   -0.657  6.687   1.00 32.28  ? 124 TRP A C   1 
ATOM   210  O O   . TRP A 1 31  ? 3.422   0.312   6.554   1.00 33.86  ? 124 TRP A O   1 
ATOM   211  C CB  . TRP A 1 31  ? 1.334   -0.062  8.628   1.00 30.13  ? 124 TRP A CB  1 
ATOM   212  C CG  . TRP A 1 31  ? 0.708   -0.547  9.921   1.00 28.93  ? 124 TRP A CG  1 
ATOM   213  C CD1 . TRP A 1 31  ? 1.145   -0.276  11.170  1.00 31.37  ? 124 TRP A CD1 1 
ATOM   214  C CD2 . TRP A 1 31  ? -0.361  -1.503  10.073  1.00 30.15  ? 124 TRP A CD2 1 
ATOM   215  N NE1 . TRP A 1 31  ? 0.363   -0.943  12.103  1.00 32.98  ? 124 TRP A NE1 1 
ATOM   216  C CE2 . TRP A 1 31  ? -0.568  -1.690  11.467  1.00 31.01  ? 124 TRP A CE2 1 
ATOM   217  C CE3 . TRP A 1 31  ? -1.219  -2.135  9.195   1.00 26.41  ? 124 TRP A CE3 1 
ATOM   218  C CZ2 . TRP A 1 31  ? -1.584  -2.501  11.975  1.00 32.93  ? 124 TRP A CZ2 1 
ATOM   219  C CZ3 . TRP A 1 31  ? -2.218  -2.956  9.691   1.00 32.20  ? 124 TRP A CZ3 1 
ATOM   220  C CH2 . TRP A 1 31  ? -2.381  -3.159  11.060  1.00 31.69  ? 124 TRP A CH2 1 
ATOM   221  N N   . GLY A 1 32  ? 2.100   -1.290  5.665   1.00 30.87  ? 125 GLY A N   1 
ATOM   222  C CA  . GLY A 1 32  ? 2.301   -0.890  4.312   1.00 28.99  ? 125 GLY A CA  1 
ATOM   223  C C   . GLY A 1 32  ? 1.158   -1.405  3.443   1.00 27.40  ? 125 GLY A C   1 
ATOM   224  O O   . GLY A 1 32  ? 0.319   -2.122  3.930   1.00 29.35  ? 125 GLY A O   1 
ATOM   225  N N   . PHE A 1 33  ? 1.100   -0.943  2.190   1.00 28.83  ? 126 PHE A N   1 
ATOM   226  C CA  . PHE A 1 33  ? 0.175   -1.428  1.230   1.00 26.60  ? 126 PHE A CA  1 
ATOM   227  C C   . PHE A 1 33  ? 0.546   -2.883  0.879   1.00 30.63  ? 126 PHE A C   1 
ATOM   228  O O   . PHE A 1 33  ? 1.703   -3.234  0.865   1.00 29.43  ? 126 PHE A O   1 
ATOM   229  C CB  . PHE A 1 33  ? 0.138   -0.546  -0.012  1.00 26.06  ? 126 PHE A CB  1 
ATOM   230  C CG  . PHE A 1 33  ? -0.321  0.794   0.256   1.00 27.40  ? 126 PHE A CG  1 
ATOM   231  C CD1 . PHE A 1 33  ? -1.656  1.033   0.532   1.00 29.08  ? 126 PHE A CD1 1 
ATOM   232  C CD2 . PHE A 1 33  ? 0.569   1.841   0.354   1.00 30.01  ? 126 PHE A CD2 1 
ATOM   233  C CE1 . PHE A 1 33  ? -2.071  2.283   0.799   1.00 29.27  ? 126 PHE A CE1 1 
ATOM   234  C CE2 . PHE A 1 33  ? 0.158   3.116   0.686   1.00 30.64  ? 126 PHE A CE2 1 
ATOM   235  C CZ  . PHE A 1 33  ? -1.209  3.321   0.922   1.00 30.44  ? 126 PHE A CZ  1 
ATOM   236  N N   . PRO A 1 34  ? -0.446  -3.731  0.653   1.00 28.39  ? 127 PRO A N   1 
ATOM   237  C CA  . PRO A 1 34  ? -0.224  -5.091  0.218   1.00 31.25  ? 127 PRO A CA  1 
ATOM   238  C C   . PRO A 1 34  ? 0.397   -5.140  -1.185  1.00 29.61  ? 127 PRO A C   1 
ATOM   239  O O   . PRO A 1 34  ? -0.080  -4.495  -2.116  1.00 30.73  ? 127 PRO A O   1 
ATOM   240  C CB  . PRO A 1 34  ? -1.602  -5.693  0.329   1.00 27.08  ? 127 PRO A CB  1 
ATOM   241  C CG  . PRO A 1 34  ? -2.500  -4.571  0.082   1.00 31.19  ? 127 PRO A CG  1 
ATOM   242  C CD  . PRO A 1 34  ? -1.875  -3.407  0.717   1.00 30.75  ? 127 PRO A CD  1 
ATOM   243  N N   . LYS A 1 35  ? 1.551   -5.806  -1.279  1.00 30.59  ? 128 LYS A N   1 
ATOM   244  C CA  . LYS A 1 35  ? 2.312   -5.888  -2.501  1.00 29.55  ? 128 LYS A CA  1 
ATOM   245  C C   . LYS A 1 35  ? 3.355   -6.987  -2.376  1.00 33.00  ? 128 LYS A C   1 
ATOM   246  O O   . LYS A 1 35  ? 3.681   -7.452  -1.294  1.00 34.18  ? 128 LYS A O   1 
ATOM   247  C CB  . LYS A 1 35  ? 3.009   -4.559  -2.837  1.00 31.03  ? 128 LYS A CB  1 
ATOM   248  C CG  . LYS A 1 35  ? 4.136   -4.166  -1.891  1.00 32.38  ? 128 LYS A CG  1 
ATOM   249  C CD  . LYS A 1 35  ? 4.795   -2.938  -2.328  1.00 37.73  ? 128 LYS A CD  1 
ATOM   250  C CE  . LYS A 1 35  ? 6.010   -2.599  -1.432  1.00 46.13  ? 128 LYS A CE  1 
ATOM   251  N NZ  . LYS A 1 35  ? 7.207   -3.231  -2.069  1.00 53.91  ? 128 LYS A NZ  1 
ATOM   252  N N   . GLY A 1 36  ? 3.918   -7.361  -3.497  1.00 35.96  ? 129 GLY A N   1 
ATOM   253  C CA  . GLY A 1 36  ? 5.022   -8.289  -3.461  1.00 34.38  ? 129 GLY A CA  1 
ATOM   254  C C   . GLY A 1 36  ? 5.701   -8.412  -4.828  1.00 36.06  ? 129 GLY A C   1 
ATOM   255  O O   . GLY A 1 36  ? 5.293   -7.819  -5.811  1.00 35.03  ? 129 GLY A O   1 
ATOM   256  N N   . LYS A 1 37  ? 6.700   -9.290  -4.873  1.00 39.53  ? 130 LYS A N   1 
ATOM   257  C CA  . LYS A 1 37  ? 7.601   -9.437  -6.018  1.00 42.95  ? 130 LYS A CA  1 
ATOM   258  C C   . LYS A 1 37  ? 6.950   -10.183 -7.192  1.00 36.71  ? 130 LYS A C   1 
ATOM   259  O O   . LYS A 1 37  ? 6.267   -11.160 -6.989  1.00 40.82  ? 130 LYS A O   1 
ATOM   260  C CB  . LYS A 1 37  ? 8.863   -10.216 -5.537  1.00 51.27  ? 130 LYS A CB  1 
ATOM   261  C CG  . LYS A 1 37  ? 9.956   -9.350  -4.875  1.00 56.99  ? 130 LYS A CG  1 
ATOM   262  C CD  . LYS A 1 37  ? 11.235  -10.149 -4.595  1.00 57.67  ? 130 LYS A CD  1 
ATOM   263  N N   . VAL A 1 38  ? 7.127   -9.661  -8.388  1.00 38.76  ? 131 VAL A N   1 
ATOM   264  C CA  . VAL A 1 38  ? 6.618   -10.283 -9.605  1.00 48.21  ? 131 VAL A CA  1 
ATOM   265  C C   . VAL A 1 38  ? 7.359   -11.610 -9.874  1.00 50.41  ? 131 VAL A C   1 
ATOM   266  O O   . VAL A 1 38  ? 8.582   -11.656 -9.672  1.00 53.79  ? 131 VAL A O   1 
ATOM   267  C CB  . VAL A 1 38  ? 6.727   -9.338  -10.811 1.00 43.94  ? 131 VAL A CB  1 
ATOM   268  C CG1 . VAL A 1 38  ? 8.187   -9.065  -11.256 1.00 46.48  ? 131 VAL A CG1 1 
ATOM   269  C CG2 . VAL A 1 38  ? 5.888   -9.866  -11.964 1.00 49.54  ? 131 VAL A CG2 1 
ATOM   270  N N   . ASN A 1 39  ? 6.615   -12.658 -10.262 1.00 47.07  ? 132 ASN A N   1 
ATOM   271  C CA  . ASN A 1 39  ? 7.237   -13.953 -10.727 1.00 55.22  ? 132 ASN A CA  1 
ATOM   272  C C   . ASN A 1 39  ? 7.652   -13.855 -12.216 1.00 57.46  ? 132 ASN A C   1 
ATOM   273  O O   . ASN A 1 39  ? 7.081   -13.062 -12.968 1.00 55.52  ? 132 ASN A O   1 
ATOM   274  C CB  . ASN A 1 39  ? 6.273   -15.134 -10.574 1.00 52.83  ? 132 ASN A CB  1 
ATOM   275  C CG  . ASN A 1 39  ? 5.952   -15.469 -9.135  1.00 52.46  ? 132 ASN A CG  1 
ATOM   276  O OD1 . ASN A 1 39  ? 6.766   -15.312 -8.232  1.00 60.74  ? 132 ASN A OD1 1 
ATOM   277  N ND2 . ASN A 1 39  ? 4.773   -15.973 -8.917  1.00 44.95  ? 132 ASN A ND2 1 
ATOM   278  N N   . LYS A 1 40  ? 8.647   -14.652 -12.635 1.00 65.72  ? 133 LYS A N   1 
ATOM   279  C CA  . LYS A 1 40  ? 9.022   -14.793 -14.077 1.00 64.84  ? 133 LYS A CA  1 
ATOM   280  C C   . LYS A 1 40  ? 7.788   -14.966 -14.999 1.00 56.22  ? 133 LYS A C   1 
ATOM   281  O O   . LYS A 1 40  ? 6.882   -15.761 -14.707 1.00 58.56  ? 133 LYS A O   1 
ATOM   282  C CB  . LYS A 1 40  ? 10.006  -15.984 -14.281 1.00 68.45  ? 133 LYS A CB  1 
ATOM   283  N N   . GLU A 1 41  ? 7.740   -14.169 -16.068 1.00 58.81  ? 134 GLU A N   1 
ATOM   284  C CA  . GLU A 1 41  ? 6.677   -14.224 -17.077 1.00 69.44  ? 134 GLU A CA  1 
ATOM   285  C C   . GLU A 1 41  ? 5.267   -13.775 -16.579 1.00 71.56  ? 134 GLU A C   1 
ATOM   286  O O   . GLU A 1 41  ? 4.331   -13.770 -17.397 1.00 71.18  ? 134 GLU A O   1 
ATOM   287  C CB  . GLU A 1 41  ? 6.623   -15.619 -17.763 1.00 69.44  ? 134 GLU A CB  1 
ATOM   288  N N   . GLU A 1 42  ? 5.134   -13.309 -15.311 1.00 60.52  ? 135 GLU A N   1 
ATOM   289  C CA  . GLU A 1 42  ? 3.810   -12.904 -14.727 1.00 51.62  ? 135 GLU A CA  1 
ATOM   290  C C   . GLU A 1 42  ? 3.511   -11.455 -15.098 1.00 47.68  ? 135 GLU A C   1 
ATOM   291  O O   . GLU A 1 42  ? 4.396   -10.622 -15.063 1.00 52.30  ? 135 GLU A O   1 
ATOM   292  C CB  . GLU A 1 42  ? 3.796   -13.120 -13.204 1.00 48.24  ? 135 GLU A CB  1 
ATOM   293  C CG  . GLU A 1 42  ? 2.515   -12.705 -12.451 1.00 48.33  ? 135 GLU A CG  1 
ATOM   294  C CD  . GLU A 1 42  ? 2.660   -12.924 -10.964 1.00 45.52  ? 135 GLU A CD  1 
ATOM   295  O OE1 . GLU A 1 42  ? 3.749   -12.595 -10.430 1.00 46.37  ? 135 GLU A OE1 1 
ATOM   296  O OE2 . GLU A 1 42  ? 1.703   -13.456 -10.337 1.00 45.17  ? 135 GLU A OE2 1 
ATOM   297  N N   . ALA A 1 43  ? 2.263   -11.179 -15.498 1.00 49.84  ? 136 ALA A N   1 
ATOM   298  C CA  . ALA A 1 43  ? 1.847   -9.834  -15.911 1.00 48.63  ? 136 ALA A CA  1 
ATOM   299  C C   . ALA A 1 43  ? 1.680   -8.958  -14.630 1.00 44.09  ? 136 ALA A C   1 
ATOM   300  O O   . ALA A 1 43  ? 1.333   -9.484  -13.588 1.00 41.71  ? 136 ALA A O   1 
ATOM   301  C CB  . ALA A 1 43  ? 0.543   -9.881  -16.693 1.00 45.62  ? 136 ALA A CB  1 
ATOM   302  N N   . PRO A 1 44  ? 1.891   -7.654  -14.752 1.00 49.85  ? 137 PRO A N   1 
ATOM   303  C CA  . PRO A 1 44  ? 1.755   -6.772  -13.561 1.00 45.91  ? 137 PRO A CA  1 
ATOM   304  C C   . PRO A 1 44  ? 0.395   -6.907  -12.864 1.00 46.08  ? 137 PRO A C   1 
ATOM   305  O O   . PRO A 1 44  ? 0.348   -7.104  -11.637 1.00 41.33  ? 137 PRO A O   1 
ATOM   306  C CB  . PRO A 1 44  ? 1.981   -5.368  -14.145 1.00 50.80  ? 137 PRO A CB  1 
ATOM   307  C CG  . PRO A 1 44  ? 2.903   -5.591  -15.359 1.00 47.89  ? 137 PRO A CG  1 
ATOM   308  C CD  . PRO A 1 44  ? 2.416   -6.927  -15.934 1.00 49.89  ? 137 PRO A CD  1 
ATOM   309  N N   . HIS A 1 45  ? -0.696  -6.825  -13.618 1.00 46.04  ? 138 HIS A N   1 
ATOM   310  C CA  . HIS A 1 45  ? -2.043  -6.963  -13.010 1.00 45.17  ? 138 HIS A CA  1 
ATOM   311  C C   . HIS A 1 45  ? -2.281  -8.308  -12.295 1.00 43.46  ? 138 HIS A C   1 
ATOM   312  O O   . HIS A 1 45  ? -3.040  -8.391  -11.264 1.00 36.78  ? 138 HIS A O   1 
ATOM   313  C CB  . HIS A 1 45  ? -3.156  -6.609  -14.016 1.00 48.96  ? 138 HIS A CB  1 
ATOM   314  C CG  . HIS A 1 45  ? -3.500  -7.708  -14.969 1.00 66.18  ? 138 HIS A CG  1 
ATOM   315  N ND1 . HIS A 1 45  ? -2.906  -7.829  -16.219 1.00 70.31  ? 138 HIS A ND1 1 
ATOM   316  C CD2 . HIS A 1 45  ? -4.394  -8.728  -14.874 1.00 57.33  ? 138 HIS A CD2 1 
ATOM   317  C CE1 . HIS A 1 45  ? -3.425  -8.873  -16.847 1.00 60.51  ? 138 HIS A CE1 1 
ATOM   318  N NE2 . HIS A 1 45  ? -4.340  -9.423  -16.062 1.00 66.28  ? 138 HIS A NE2 1 
ATOM   319  N N   . ASP A 1 46  ? -1.629  -9.375  -12.790 1.00 41.21  ? 139 ASP A N   1 
ATOM   320  C CA  . ASP A 1 46  ? -1.810  -10.665 -12.166 1.00 42.07  ? 139 ASP A CA  1 
ATOM   321  C C   . ASP A 1 46  ? -0.999  -10.782 -10.859 1.00 36.58  ? 139 ASP A C   1 
ATOM   322  O O   . ASP A 1 46  ? -1.444  -11.397 -9.921  1.00 40.24  ? 139 ASP A O   1 
ATOM   323  C CB  . ASP A 1 46  ? -1.393  -11.799 -13.107 1.00 41.49  ? 139 ASP A CB  1 
ATOM   324  C CG  . ASP A 1 46  ? -2.422  -12.075 -14.196 1.00 48.89  ? 139 ASP A CG  1 
ATOM   325  O OD1 . ASP A 1 46  ? -3.642  -12.007 -13.949 1.00 44.49  ? 139 ASP A OD1 1 
ATOM   326  O OD2 . ASP A 1 46  ? -1.963  -12.386 -15.309 1.00 51.57  ? 139 ASP A OD2 1 
ATOM   327  N N   . CYS A 1 47  ? 0.229   -10.277 -10.852 1.00 36.64  ? 140 CYS A N   1 
ATOM   328  C CA  . CYS A 1 47  ? 1.009   -10.221 -9.652  1.00 34.18  ? 140 CYS A CA  1 
ATOM   329  C C   . CYS A 1 47  ? 0.251   -9.370  -8.556  1.00 31.24  ? 140 CYS A C   1 
ATOM   330  O O   . CYS A 1 47  ? 0.121   -9.799  -7.386  1.00 33.04  ? 140 CYS A O   1 
ATOM   331  C CB  . CYS A 1 47  ? 2.336   -9.568  -9.971  1.00 33.90  ? 140 CYS A CB  1 
ATOM   332  S SG  . CYS A 1 47  ? 3.367   -9.306  -8.488  1.00 38.97  ? 140 CYS A SG  1 
ATOM   333  N N   . ALA A 1 48  ? -0.274  -8.219  -8.948  1.00 34.82  ? 141 ALA A N   1 
ATOM   334  C CA  . ALA A 1 48  ? -0.946  -7.367  -7.951  1.00 32.49  ? 141 ALA A CA  1 
ATOM   335  C C   . ALA A 1 48  ? -2.105  -8.148  -7.303  1.00 31.87  ? 141 ALA A C   1 
ATOM   336  O O   . ALA A 1 48  ? -2.269  -8.154  -6.077  1.00 31.34  ? 141 ALA A O   1 
ATOM   337  C CB  . ALA A 1 48  ? -1.418  -6.081  -8.587  1.00 31.65  ? 141 ALA A CB  1 
ATOM   338  N N   . ALA A 1 49  ? -2.919  -8.820  -8.119  1.00 32.51  ? 142 ALA A N   1 
ATOM   339  C CA  . ALA A 1 49  ? -4.052  -9.580  -7.602  1.00 33.31  ? 142 ALA A CA  1 
ATOM   340  C C   . ALA A 1 49  ? -3.618  -10.759 -6.724  1.00 31.15  ? 142 ALA A C   1 
ATOM   341  O O   . ALA A 1 49  ? -4.190  -10.977 -5.655  1.00 31.14  ? 142 ALA A O   1 
ATOM   342  C CB  . ALA A 1 49  ? -4.953  -10.056 -8.722  1.00 36.24  ? 142 ALA A CB  1 
ATOM   343  N N   . ARG A 1 50  ? -2.566  -11.442 -7.129  1.00 30.66  ? 143 ARG A N   1 
ATOM   344  C CA  . ARG A 1 50  ? -2.041  -12.576 -6.367  1.00 34.68  ? 143 ARG A CA  1 
ATOM   345  C C   . ARG A 1 50  ? -1.532  -12.117 -5.027  1.00 34.24  ? 143 ARG A C   1 
ATOM   346  O O   . ARG A 1 50  ? -1.840  -12.706 -4.007  1.00 33.41  ? 143 ARG A O   1 
ATOM   347  C CB  . ARG A 1 50  ? -0.871  -13.234 -7.140  1.00 37.04  ? 143 ARG A CB  1 
ATOM   348  C CG  . ARG A 1 50  ? -0.270  -14.474 -6.469  1.00 41.64  ? 143 ARG A CG  1 
ATOM   349  C CD  . ARG A 1 50  ? 0.833   -15.140 -7.298  1.00 39.27  ? 143 ARG A CD  1 
ATOM   350  N NE  . ARG A 1 50  ? 1.861   -14.205 -7.779  1.00 43.60  ? 143 ARG A NE  1 
ATOM   351  C CZ  . ARG A 1 50  ? 2.887   -13.703 -7.057  1.00 43.14  ? 143 ARG A CZ  1 
ATOM   352  N NH1 . ARG A 1 50  ? 3.088   -14.062 -5.817  1.00 41.05  ? 143 ARG A NH1 1 
ATOM   353  N NH2 . ARG A 1 50  ? 3.739   -12.855 -7.606  1.00 41.02  ? 143 ARG A NH2 1 
ATOM   354  N N   . GLU A 1 51  ? -0.700  -11.077 -5.041  1.00 33.50  ? 144 GLU A N   1 
ATOM   355  C CA  . GLU A 1 51  ? -0.086  -10.627 -3.766  1.00 31.43  ? 144 GLU A CA  1 
ATOM   356  C C   . GLU A 1 51  ? -1.171  -10.110 -2.836  1.00 30.38  ? 144 GLU A C   1 
ATOM   357  O O   . GLU A 1 51  ? -1.151  -10.353 -1.622  1.00 31.74  ? 144 GLU A O   1 
ATOM   358  C CB  . GLU A 1 51  ? 0.877   -9.550  -4.001  1.00 33.49  ? 144 GLU A CB  1 
ATOM   359  C CG  . GLU A 1 51  ? 2.128   -10.036 -4.711  1.00 35.10  ? 144 GLU A CG  1 
ATOM   360  C CD  . GLU A 1 51  ? 3.045   -10.910 -3.859  1.00 44.63  ? 144 GLU A CD  1 
ATOM   361  O OE1 . GLU A 1 51  ? 2.863   -10.968 -2.632  1.00 43.14  ? 144 GLU A OE1 1 
ATOM   362  O OE2 . GLU A 1 51  ? 4.027   -11.473 -4.409  1.00 46.55  ? 144 GLU A OE2 1 
ATOM   363  N N   . VAL A 1 52  ? -2.101  -9.388  -3.409  1.00 29.03  ? 145 VAL A N   1 
ATOM   364  C CA  . VAL A 1 52  ? -3.175  -8.818  -2.567  1.00 27.29  ? 145 VAL A CA  1 
ATOM   365  C C   . VAL A 1 52  ? -4.055  -9.924  -1.997  1.00 32.23  ? 145 VAL A C   1 
ATOM   366  O O   . VAL A 1 52  ? -4.512  -9.804  -0.800  1.00 32.69  ? 145 VAL A O   1 
ATOM   367  C CB  . VAL A 1 52  ? -3.935  -7.710  -3.292  1.00 27.39  ? 145 VAL A CB  1 
ATOM   368  C CG1 . VAL A 1 52  ? -5.126  -7.269  -2.456  1.00 32.10  ? 145 VAL A CG1 1 
ATOM   369  C CG2 . VAL A 1 52  ? -3.050  -6.526  -3.530  1.00 30.20  ? 145 VAL A CG2 1 
ATOM   370  N N   . PHE A 1 53  ? -4.340  -10.955 -2.825  1.00 31.65  ? 146 PHE A N   1 
ATOM   371  C CA  . PHE A 1 53  ? -5.194  -12.037 -2.365  1.00 31.68  ? 146 PHE A CA  1 
ATOM   372  C C   . PHE A 1 53  ? -4.444  -12.836 -1.252  1.00 32.07  ? 146 PHE A C   1 
ATOM   373  O O   . PHE A 1 53  ? -5.018  -13.178 -0.242  1.00 34.44  ? 146 PHE A O   1 
ATOM   374  C CB  . PHE A 1 53  ? -5.629  -12.972 -3.518  1.00 34.29  ? 146 PHE A CB  1 
ATOM   375  C CG  . PHE A 1 53  ? -6.624  -13.984 -3.077  1.00 36.38  ? 146 PHE A CG  1 
ATOM   376  C CD1 . PHE A 1 53  ? -7.915  -13.618 -2.866  1.00 38.11  ? 146 PHE A CD1 1 
ATOM   377  C CD2 . PHE A 1 53  ? -6.234  -15.275 -2.786  1.00 45.85  ? 146 PHE A CD2 1 
ATOM   378  C CE1 . PHE A 1 53  ? -8.848  -14.534 -2.404  1.00 48.92  ? 146 PHE A CE1 1 
ATOM   379  C CE2 . PHE A 1 53  ? -7.149  -16.207 -2.323  1.00 49.28  ? 146 PHE A CE2 1 
ATOM   380  C CZ  . PHE A 1 53  ? -8.466  -15.831 -2.140  1.00 48.80  ? 146 PHE A CZ  1 
ATOM   381  N N   . GLU A 1 54  ? -3.172  -13.094 -1.465  1.00 31.27  ? 147 GLU A N   1 
ATOM   382  C CA  . GLU A 1 54  ? -2.328  -13.815 -0.431  1.00 38.64  ? 147 GLU A CA  1 
ATOM   383  C C   . GLU A 1 54  ? -2.221  -13.084 0.866   1.00 39.58  ? 147 GLU A C   1 
ATOM   384  O O   . GLU A 1 54  ? -2.259  -13.692 1.931   1.00 36.87  ? 147 GLU A O   1 
ATOM   385  C CB  . GLU A 1 54  ? -0.877  -13.976 -0.918  1.00 45.18  ? 147 GLU A CB  1 
ATOM   386  C CG  . GLU A 1 54  ? -0.651  -14.930 -2.086  1.00 55.56  ? 147 GLU A CG  1 
ATOM   387  C CD  . GLU A 1 54  ? 0.842   -14.999 -2.573  1.00 64.93  ? 147 GLU A CD  1 
ATOM   388  O OE1 . GLU A 1 54  ? 1.738   -14.266 -2.011  1.00 65.27  ? 147 GLU A OE1 1 
ATOM   389  O OE2 . GLU A 1 54  ? 1.124   -15.812 -3.528  1.00 60.97  ? 147 GLU A OE2 1 
ATOM   390  N N   . GLU A 1 55  ? -2.084  -11.752 0.784   1.00 35.83  ? 148 GLU A N   1 
ATOM   391  C CA  . GLU A 1 55  ? -1.945  -10.928 1.992   1.00 36.05  ? 148 GLU A CA  1 
ATOM   392  C C   . GLU A 1 55  ? -3.239  -10.456 2.695   1.00 34.02  ? 148 GLU A C   1 
ATOM   393  O O   . GLU A 1 55  ? -3.121  -10.018 3.819   1.00 35.58  ? 148 GLU A O   1 
ATOM   394  C CB  . GLU A 1 55  ? -1.046  -9.736  1.682   1.00 34.83  ? 148 GLU A CB  1 
ATOM   395  C CG  . GLU A 1 55  ? 0.362   -10.184 1.317   1.00 38.57  ? 148 GLU A CG  1 
ATOM   396  C CD  . GLU A 1 55  ? 1.237   -9.086  0.753   1.00 44.32  ? 148 GLU A CD  1 
ATOM   397  O OE1 . GLU A 1 55  ? 0.941   -7.895  0.985   1.00 39.04  ? 148 GLU A OE1 1 
ATOM   398  O OE2 . GLU A 1 55  ? 2.196   -9.463  0.036   1.00 47.60  ? 148 GLU A OE2 1 
ATOM   399  N N   . THR A 1 56  ? -4.388  -10.469 2.012   1.00 34.06  ? 149 THR A N   1 
ATOM   400  C CA  . THR A 1 56  ? -5.658  -9.871  2.524   1.00 34.54  ? 149 THR A CA  1 
ATOM   401  C C   . THR A 1 56  ? -6.833  -10.794 2.376   1.00 34.38  ? 149 THR A C   1 
ATOM   402  O O   . THR A 1 56  ? -7.888  -10.547 2.958   1.00 35.65  ? 149 THR A O   1 
ATOM   403  C CB  . THR A 1 56  ? -6.038  -8.548  1.788   1.00 38.20  ? 149 THR A CB  1 
ATOM   404  O OG1 . THR A 1 56  ? -6.449  -8.806  0.414   1.00 31.14  ? 149 THR A OG1 1 
ATOM   405  C CG2 . THR A 1 56  ? -4.848  -7.558  1.771   1.00 35.98  ? 149 THR A CG2 1 
ATOM   406  N N   . GLY A 1 57  ? -6.734  -11.766 1.497   1.00 34.28  ? 150 GLY A N   1 
ATOM   407  C CA  . GLY A 1 57  ? -7.892  -12.616 1.176   1.00 40.65  ? 150 GLY A CA  1 
ATOM   408  C C   . GLY A 1 57  ? -8.954  -11.945 0.291   1.00 41.04  ? 150 GLY A C   1 
ATOM   409  O O   . GLY A 1 57  ? -10.058 -12.444 0.190   1.00 37.43  ? 150 GLY A O   1 
ATOM   410  N N   . PHE A 1 58  ? -8.649  -10.793 -0.305  1.00 34.95  ? 151 PHE A N   1 
ATOM   411  C CA  . PHE A 1 58  ? -9.619  -10.075 -1.077  1.00 33.30  ? 151 PHE A CA  1 
ATOM   412  C C   . PHE A 1 58  ? -9.148  -10.100 -2.482  1.00 33.56  ? 151 PHE A C   1 
ATOM   413  O O   . PHE A 1 58  ? -7.933  -9.850  -2.759  1.00 35.16  ? 151 PHE A O   1 
ATOM   414  C CB  . PHE A 1 58  ? -9.852  -8.668  -0.575  1.00 35.30  ? 151 PHE A CB  1 
ATOM   415  C CG  . PHE A 1 58  ? -10.872 -7.906  -1.403  1.00 34.90  ? 151 PHE A CG  1 
ATOM   416  C CD1 . PHE A 1 58  ? -12.222 -8.083  -1.162  1.00 39.21  ? 151 PHE A CD1 1 
ATOM   417  C CD2 . PHE A 1 58  ? -10.481 -7.048  -2.423  1.00 38.32  ? 151 PHE A CD2 1 
ATOM   418  C CE1 . PHE A 1 58  ? -13.173 -7.430  -1.911  1.00 39.66  ? 151 PHE A CE1 1 
ATOM   419  C CE2 . PHE A 1 58  ? -11.437 -6.348  -3.152  1.00 37.69  ? 151 PHE A CE2 1 
ATOM   420  C CZ  . PHE A 1 58  ? -12.783 -6.579  -2.908  1.00 37.26  ? 151 PHE A CZ  1 
ATOM   421  N N   . ASP A 1 59  ? -10.060 -10.423 -3.422  1.00 32.97  ? 152 ASP A N   1 
ATOM   422  C CA  . ASP A 1 59  ? -9.668  -10.608 -4.820  1.00 38.46  ? 152 ASP A CA  1 
ATOM   423  C C   . ASP A 1 59  ? -10.007 -9.348  -5.580  1.00 39.94  ? 152 ASP A C   1 
ATOM   424  O O   . ASP A 1 59  ? -11.199 -8.964  -5.749  1.00 35.42  ? 152 ASP A O   1 
ATOM   425  C CB  . ASP A 1 59  ? -10.393 -11.840 -5.417  1.00 40.56  ? 152 ASP A CB  1 
ATOM   426  C CG  . ASP A 1 59  ? -10.007 -12.155 -6.872  1.00 45.74  ? 152 ASP A CG  1 
ATOM   427  O OD1 . ASP A 1 59  ? -9.110  -11.540 -7.510  1.00 42.46  ? 152 ASP A OD1 1 
ATOM   428  O OD2 . ASP A 1 59  ? -10.649 -13.076 -7.416  1.00 50.97  ? 152 ASP A OD2 1 
ATOM   429  N N   . ILE A 1 60  ? -8.968  -8.711  -6.079  1.00 32.43  ? 153 ILE A N   1 
ATOM   430  C CA  . ILE A 1 60  ? -9.152  -7.465  -6.792  1.00 35.35  ? 153 ILE A CA  1 
ATOM   431  C C   . ILE A 1 60  ? -9.315  -7.601  -8.295  1.00 32.78  ? 153 ILE A C   1 
ATOM   432  O O   . ILE A 1 60  ? -9.448  -6.630  -8.986  1.00 31.28  ? 153 ILE A O   1 
ATOM   433  C CB  . ILE A 1 60  ? -8.015  -6.467  -6.561  1.00 34.45  ? 153 ILE A CB  1 
ATOM   434  C CG1 . ILE A 1 60  ? -6.679  -6.946  -7.119  1.00 34.65  ? 153 ILE A CG1 1 
ATOM   435  C CG2 . ILE A 1 60  ? -7.909  -6.033  -5.118  1.00 35.78  ? 153 ILE A CG2 1 
ATOM   436  C CD1 . ILE A 1 60  ? -5.624  -5.857  -6.924  1.00 35.71  ? 153 ILE A CD1 1 
ATOM   437  N N   . LYS A 1 61  ? -9.277  -8.802  -8.816  1.00 35.02  ? 154 LYS A N   1 
ATOM   438  C CA  . LYS A 1 61  ? -9.063  -8.964  -10.230 1.00 41.72  ? 154 LYS A CA  1 
ATOM   439  C C   . LYS A 1 61  ? -10.206 -8.296  -11.034 1.00 36.61  ? 154 LYS A C   1 
ATOM   440  O O   . LYS A 1 61  ? -9.941  -7.649  -12.045 1.00 38.50  ? 154 LYS A O   1 
ATOM   441  C CB  . LYS A 1 61  ? -8.851  -10.466 -10.573 1.00 42.23  ? 154 LYS A CB  1 
ATOM   442  C CG  . LYS A 1 61  ? -9.768  -11.086 -11.619 1.00 58.25  ? 154 LYS A CG  1 
ATOM   443  C CD  . LYS A 1 61  ? -9.475  -12.575 -11.892 1.00 66.44  ? 154 LYS A CD  1 
ATOM   444  C CE  . LYS A 1 61  ? -9.922  -13.520 -10.761 1.00 73.89  ? 154 LYS A CE  1 
ATOM   445  N NZ  . LYS A 1 61  ? -11.406 -13.644 -10.548 1.00 78.84  ? 154 LYS A NZ  1 
ATOM   446  N N   . ASP A 1 62  ? -11.435 -8.383  -10.531 1.00 37.79  ? 155 ASP A N   1 
ATOM   447  C CA  . ASP A 1 62  ? -12.550 -7.770  -11.271 1.00 36.96  ? 155 ASP A CA  1 
ATOM   448  C C   . ASP A 1 62  ? -12.633 -6.273  -11.139 1.00 37.93  ? 155 ASP A C   1 
ATOM   449  O O   . ASP A 1 62  ? -13.413 -5.659  -11.884 1.00 39.07  ? 155 ASP A O   1 
ATOM   450  C CB  . ASP A 1 62  ? -13.862 -8.377  -10.815 1.00 43.71  ? 155 ASP A CB  1 
ATOM   451  C CG  . ASP A 1 62  ? -14.025 -9.851  -11.254 1.00 44.81  ? 155 ASP A CG  1 
ATOM   452  O OD1 . ASP A 1 62  ? -13.312 -10.344 -12.145 1.00 49.43  ? 155 ASP A OD1 1 
ATOM   453  O OD2 . ASP A 1 62  ? -14.847 -10.497 -10.636 1.00 45.43  ? 155 ASP A OD2 1 
ATOM   454  N N   . TYR A 1 63  ? -11.829 -5.658  -10.236 1.00 35.01  ? 156 TYR A N   1 
ATOM   455  C CA  . TYR A 1 63  ? -11.856 -4.186  -9.979  1.00 32.29  ? 156 TYR A CA  1 
ATOM   456  C C   . TYR A 1 63  ? -10.640 -3.416  -10.504 1.00 34.60  ? 156 TYR A C   1 
ATOM   457  O O   . TYR A 1 63  ? -10.632 -2.189  -10.721 1.00 37.08  ? 156 TYR A O   1 
ATOM   458  C CB  . TYR A 1 63  ? -11.987 -3.981  -8.516  1.00 34.69  ? 156 TYR A CB  1 
ATOM   459  C CG  . TYR A 1 63  ? -13.076 -4.736  -8.002  1.00 34.30  ? 156 TYR A CG  1 
ATOM   460  C CD1 . TYR A 1 63  ? -14.354 -4.597  -8.589  1.00 41.43  ? 156 TYR A CD1 1 
ATOM   461  C CD2 . TYR A 1 63  ? -12.881 -5.726  -7.094  1.00 37.71  ? 156 TYR A CD2 1 
ATOM   462  C CE1 . TYR A 1 63  ? -15.434 -5.358  -8.157  1.00 41.12  ? 156 TYR A CE1 1 
ATOM   463  C CE2 . TYR A 1 63  ? -13.924 -6.521  -6.660  1.00 39.57  ? 156 TYR A CE2 1 
ATOM   464  C CZ  . TYR A 1 63  ? -15.195 -6.307  -7.174  1.00 45.14  ? 156 TYR A CZ  1 
ATOM   465  O OH  . TYR A 1 63  ? -16.196 -7.087  -6.752  1.00 50.65  ? 156 TYR A OH  1 
ATOM   466  N N   . ILE A 1 64  ? -9.603  -4.144  -10.836 1.00 32.46  ? 157 ILE A N   1 
ATOM   467  C CA  . ILE A 1 64  ? -8.411  -3.444  -11.370 1.00 34.68  ? 157 ILE A CA  1 
ATOM   468  C C   . ILE A 1 64  ? -8.683  -2.704  -12.626 1.00 42.13  ? 157 ILE A C   1 
ATOM   469  O O   . ILE A 1 64  ? -9.284  -3.272  -13.574 1.00 39.86  ? 157 ILE A O   1 
ATOM   470  C CB  . ILE A 1 64  ? -7.263  -4.430  -11.720 1.00 40.29  ? 157 ILE A CB  1 
ATOM   471  C CG1 . ILE A 1 64  ? -6.566  -4.870  -10.458 1.00 49.73  ? 157 ILE A CG1 1 
ATOM   472  C CG2 . ILE A 1 64  ? -6.143  -3.737  -12.535 1.00 42.68  ? 157 ILE A CG2 1 
ATOM   473  C CD1 . ILE A 1 64  ? -5.509  -5.964  -10.649 1.00 50.65  ? 157 ILE A CD1 1 
ATOM   474  N N   A CYS A 1 65  ? -8.282  -1.438  -12.653 0.25 35.64  ? 158 CYS A N   1 
ATOM   475  N N   B CYS A 1 65  ? -8.220  -1.462  -12.691 0.25 40.98  ? 158 CYS A N   1 
ATOM   476  C CA  A CYS A 1 65  ? -8.293  -0.647  -13.867 0.25 36.20  ? 158 CYS A CA  1 
ATOM   477  C CA  B CYS A 1 65  ? -8.376  -0.622  -13.867 0.25 45.06  ? 158 CYS A CA  1 
ATOM   478  C C   A CYS A 1 65  ? -6.862  -0.466  -14.286 0.25 38.65  ? 158 CYS A C   1 
ATOM   479  C C   B CYS A 1 65  ? -6.964  -0.285  -14.351 0.25 43.93  ? 158 CYS A C   1 
ATOM   480  O O   A CYS A 1 65  ? -6.000  -0.087  -13.486 0.25 36.76  ? 158 CYS A O   1 
ATOM   481  O O   B CYS A 1 65  ? -6.231  0.421   -13.659 0.25 45.05  ? 158 CYS A O   1 
ATOM   482  C CB  A CYS A 1 65  ? -8.946  0.690   -13.654 0.25 34.17  ? 158 CYS A CB  1 
ATOM   483  C CB  B CYS A 1 65  ? -9.191  0.615   -13.499 0.25 48.60  ? 158 CYS A CB  1 
ATOM   484  S SG  A CYS A 1 65  ? -10.682 0.551   -13.261 0.25 29.97  ? 158 CYS A SG  1 
ATOM   485  S SG  B CYS A 1 65  ? -9.380  1.859   -14.796 0.25 60.51  ? 158 CYS A SG  1 
ATOM   486  N N   . LYS A 1 66  ? -6.600  -0.792  -15.537 1.00 42.09  ? 159 LYS A N   1 
ATOM   487  C CA  . LYS A 1 66  ? -5.234  -0.815  -16.052 1.00 44.79  ? 159 LYS A CA  1 
ATOM   488  C C   . LYS A 1 66  ? -4.399  0.434   -15.977 1.00 39.70  ? 159 LYS A C   1 
ATOM   489  O O   . LYS A 1 66  ? -3.153  0.342   -15.804 1.00 43.79  ? 159 LYS A O   1 
ATOM   490  C CB  . LYS A 1 66  ? -5.247  -1.329  -17.511 1.00 47.15  ? 159 LYS A CB  1 
ATOM   491  C CG  . LYS A 1 66  ? -5.870  -0.351  -18.483 1.00 51.98  ? 159 LYS A CG  1 
ATOM   492  N N   . ASP A 1 67  ? -5.040  1.583   -16.096 1.00 40.64  ? 160 ASP A N   1 
ATOM   493  C CA  . ASP A 1 67  ? -4.316  2.851   -16.031 1.00 45.99  ? 160 ASP A CA  1 
ATOM   494  C C   . ASP A 1 67  ? -4.406  3.528   -14.703 1.00 48.15  ? 160 ASP A C   1 
ATOM   495  O O   . ASP A 1 67  ? -3.904  4.624   -14.586 1.00 46.11  ? 160 ASP A O   1 
ATOM   496  C CB  . ASP A 1 67  ? -4.877  3.807   -17.075 1.00 55.14  ? 160 ASP A CB  1 
ATOM   497  C CG  . ASP A 1 67  ? -4.736  3.244   -18.472 1.00 67.29  ? 160 ASP A CG  1 
ATOM   498  O OD1 . ASP A 1 67  ? -3.602  2.780   -18.804 1.00 65.04  ? 160 ASP A OD1 1 
ATOM   499  O OD2 . ASP A 1 67  ? -5.760  3.207   -19.183 1.00 69.11  ? 160 ASP A OD2 1 
ATOM   500  N N   . ASP A 1 68  ? -5.046  2.903   -13.706 1.00 40.75  ? 161 ASP A N   1 
ATOM   501  C CA  . ASP A 1 68  ? -5.226  3.543   -12.412 1.00 36.78  ? 161 ASP A CA  1 
ATOM   502  C C   . ASP A 1 68  ? -4.282  2.947   -11.380 1.00 35.78  ? 161 ASP A C   1 
ATOM   503  O O   . ASP A 1 68  ? -4.614  1.972   -10.702 1.00 33.10  ? 161 ASP A O   1 
ATOM   504  C CB  . ASP A 1 68  ? -6.643  3.365   -11.900 1.00 37.59  ? 161 ASP A CB  1 
ATOM   505  C CG  . ASP A 1 68  ? -7.671  4.086   -12.704 1.00 44.63  ? 161 ASP A CG  1 
ATOM   506  O OD1 . ASP A 1 68  ? -7.315  4.785   -13.613 1.00 41.19  ? 161 ASP A OD1 1 
ATOM   507  O OD2 . ASP A 1 68  ? -8.875  4.005   -12.365 1.00 35.04  ? 161 ASP A OD2 1 
ATOM   508  N N   . TYR A 1 69  ? -3.077  3.489   -11.306 1.00 35.40  ? 162 TYR A N   1 
ATOM   509  C CA  . TYR A 1 69  ? -2.060  3.031   -10.349 1.00 33.30  ? 162 TYR A CA  1 
ATOM   510  C C   . TYR A 1 69  ? -1.149  4.202   -9.974  1.00 37.39  ? 162 TYR A C   1 
ATOM   511  O O   . TYR A 1 69  ? -1.176  5.235   -10.627 1.00 36.91  ? 162 TYR A O   1 
ATOM   512  C CB  . TYR A 1 69  ? -1.263  1.835   -10.912 1.00 33.82  ? 162 TYR A CB  1 
ATOM   513  C CG  . TYR A 1 69  ? -0.559  2.152   -12.225 1.00 40.87  ? 162 TYR A CG  1 
ATOM   514  C CD1 . TYR A 1 69  ? 0.681   2.836   -12.248 1.00 45.54  ? 162 TYR A CD1 1 
ATOM   515  C CD2 . TYR A 1 69  ? -1.148  1.824   -13.442 1.00 43.53  ? 162 TYR A CD2 1 
ATOM   516  C CE1 . TYR A 1 69  ? 1.303   3.158   -13.427 1.00 46.12  ? 162 TYR A CE1 1 
ATOM   517  C CE2 . TYR A 1 69  ? -0.525  2.139   -14.640 1.00 49.73  ? 162 TYR A CE2 1 
ATOM   518  C CZ  . TYR A 1 69  ? 0.688   2.801   -14.626 1.00 54.20  ? 162 TYR A CZ  1 
ATOM   519  O OH  . TYR A 1 69  ? 1.285   3.114   -15.802 1.00 59.56  ? 162 TYR A OH  1 
ATOM   520  N N   . ILE A 1 70  ? -0.390  4.045   -8.899  1.00 39.91  ? 163 ILE A N   1 
ATOM   521  C CA  . ILE A 1 70  ? 0.753   4.890   -8.569  1.00 39.79  ? 163 ILE A CA  1 
ATOM   522  C C   . ILE A 1 70  ? 1.980   4.050   -8.562  1.00 38.10  ? 163 ILE A C   1 
ATOM   523  O O   . ILE A 1 70  ? 2.001   2.986   -7.964  1.00 33.46  ? 163 ILE A O   1 
ATOM   524  C CB  . ILE A 1 70  ? 0.553   5.491   -7.182  1.00 45.91  ? 163 ILE A CB  1 
ATOM   525  C CG1 . ILE A 1 70  ? -0.505  6.566   -7.311  1.00 48.86  ? 163 ILE A CG1 1 
ATOM   526  C CG2 . ILE A 1 70  ? 1.840   6.161   -6.683  1.00 52.41  ? 163 ILE A CG2 1 
ATOM   527  C CD1 . ILE A 1 70  ? -1.071  6.928   -5.976  1.00 53.61  ? 163 ILE A CD1 1 
ATOM   528  N N   . GLU A 1 71  ? 3.021   4.530   -9.241  1.00 37.08  ? 164 GLU A N   1 
ATOM   529  C CA  . GLU A 1 71  ? 4.241   3.767   -9.410  1.00 40.25  ? 164 GLU A CA  1 
ATOM   530  C C   . GLU A 1 71  ? 5.406   4.596   -8.870  1.00 44.75  ? 164 GLU A C   1 
ATOM   531  O O   . GLU A 1 71  ? 5.492   5.767   -9.197  1.00 47.82  ? 164 GLU A O   1 
ATOM   532  C CB  . GLU A 1 71  ? 4.457   3.528   -10.873 1.00 43.85  ? 164 GLU A CB  1 
ATOM   533  C CG  . GLU A 1 71  ? 5.676   2.702   -11.218 1.00 55.48  ? 164 GLU A CG  1 
ATOM   534  C CD  . GLU A 1 71  ? 5.614   2.260   -12.679 1.00 63.90  ? 164 GLU A CD  1 
ATOM   535  O OE1 . GLU A 1 71  ? 5.848   3.116   -13.573 1.00 68.99  ? 164 GLU A OE1 1 
ATOM   536  O OE2 . GLU A 1 71  ? 5.276   1.084   -12.918 1.00 62.40  ? 164 GLU A OE2 1 
ATOM   537  N N   . LEU A 1 72  ? 6.237   4.012   -8.027  1.00 37.80  ? 165 LEU A N   1 
ATOM   538  C CA  . LEU A 1 72  ? 7.402   4.686   -7.476  1.00 40.11  ? 165 LEU A CA  1 
ATOM   539  C C   . LEU A 1 72  ? 8.653   3.837   -7.637  1.00 45.52  ? 165 LEU A C   1 
ATOM   540  O O   . LEU A 1 72  ? 8.667   2.638   -7.405  1.00 42.90  ? 165 LEU A O   1 
ATOM   541  C CB  . LEU A 1 72  ? 7.243   5.017   -5.993  1.00 41.54  ? 165 LEU A CB  1 
ATOM   542  C CG  . LEU A 1 72  ? 6.134   5.969   -5.616  1.00 43.60  ? 165 LEU A CG  1 
ATOM   543  C CD1 . LEU A 1 72  ? 6.062   6.115   -4.093  1.00 43.53  ? 165 LEU A CD1 1 
ATOM   544  C CD2 . LEU A 1 72  ? 6.314   7.326   -6.318  1.00 50.31  ? 165 LEU A CD2 1 
ATOM   545  N N   . ARG A 1 73  ? 9.751   4.493   -7.971  1.00 52.59  ? 166 ARG A N   1 
ATOM   546  C CA  . ARG A 1 73  ? 11.011  3.801   -7.997  1.00 53.00  ? 166 ARG A CA  1 
ATOM   547  C C   . ARG A 1 73  ? 11.688  4.247   -6.716  1.00 49.11  ? 166 ARG A C   1 
ATOM   548  O O   . ARG A 1 73  ? 11.980  5.420   -6.504  1.00 52.26  ? 166 ARG A O   1 
ATOM   549  C CB  . ARG A 1 73  ? 11.827  4.119   -9.270  1.00 57.96  ? 166 ARG A CB  1 
ATOM   550  C CG  . ARG A 1 73  ? 13.104  3.290   -9.360  1.00 66.48  ? 166 ARG A CG  1 
ATOM   551  C CD  . ARG A 1 73  ? 14.066  3.764   -10.467 1.00 78.42  ? 166 ARG A CD  1 
ATOM   552  N NE  . ARG A 1 73  ? 14.484  5.186   -10.335 1.00 74.19  ? 166 ARG A NE  1 
ATOM   553  C CZ  . ARG A 1 73  ? 14.376  6.137   -11.283 1.00 77.07  ? 166 ARG A CZ  1 
ATOM   554  N NH1 . ARG A 1 73  ? 13.896  5.882   -12.500 1.00 75.66  ? 166 ARG A NH1 1 
ATOM   555  N NH2 . ARG A 1 73  ? 14.786  7.380   -11.025 1.00 83.10  ? 166 ARG A NH2 1 
ATOM   556  N N   . ILE A 1 74  ? 11.928  3.294   -5.857  1.00 43.10  ? 167 ILE A N   1 
ATOM   557  C CA  . ILE A 1 74  ? 12.518  3.535   -4.571  1.00 54.70  ? 167 ILE A CA  1 
ATOM   558  C C   . ILE A 1 74  ? 13.821  2.746   -4.602  1.00 56.31  ? 167 ILE A C   1 
ATOM   559  O O   . ILE A 1 74  ? 13.773  1.516   -4.706  1.00 48.86  ? 167 ILE A O   1 
ATOM   560  C CB  . ILE A 1 74  ? 11.567  3.000   -3.484  1.00 63.08  ? 167 ILE A CB  1 
ATOM   561  C CG1 . ILE A 1 74  ? 10.418  4.020   -3.289  1.00 62.82  ? 167 ILE A CG1 1 
ATOM   562  C CG2 . ILE A 1 74  ? 12.299  2.747   -2.163  1.00 65.57  ? 167 ILE A CG2 1 
ATOM   563  C CD1 . ILE A 1 74  ? 9.181   3.391   -2.695  1.00 71.26  ? 167 ILE A CD1 1 
ATOM   564  N N   . ASN A 1 75  ? 14.968  3.437   -4.574  1.00 51.08  ? 168 ASN A N   1 
ATOM   565  C CA  . ASN A 1 75  ? 16.272  2.753   -4.566  1.00 52.31  ? 168 ASN A CA  1 
ATOM   566  C C   . ASN A 1 75  ? 16.419  1.750   -5.643  1.00 47.04  ? 168 ASN A C   1 
ATOM   567  O O   . ASN A 1 75  ? 16.814  0.607   -5.400  1.00 55.96  ? 168 ASN A O   1 
ATOM   568  C CB  . ASN A 1 75  ? 16.496  2.067   -3.212  1.00 53.89  ? 168 ASN A CB  1 
ATOM   569  C CG  . ASN A 1 75  ? 16.560  3.080   -2.100  1.00 60.90  ? 168 ASN A CG  1 
ATOM   570  O OD1 . ASN A 1 75  ? 17.054  4.213   -2.312  1.00 65.61  ? 168 ASN A OD1 1 
ATOM   571  N ND2 . ASN A 1 75  ? 16.006  2.733   -0.944  1.00 57.36  ? 168 ASN A ND2 1 
ATOM   572  N N   . ASP A 1 76  ? 16.065  2.195   -6.828  1.00 44.22  ? 169 ASP A N   1 
ATOM   573  C CA  . ASP A 1 76  ? 16.194  1.427   -8.043  1.00 65.31  ? 169 ASP A CA  1 
ATOM   574  C C   . ASP A 1 76  ? 15.335  0.149   -8.064  1.00 63.84  ? 169 ASP A C   1 
ATOM   575  O O   . ASP A 1 76  ? 15.684  -0.838  -8.707  1.00 79.54  ? 169 ASP A O   1 
ATOM   576  C CB  . ASP A 1 76  ? 17.679  1.187   -8.360  1.00 69.05  ? 169 ASP A CB  1 
ATOM   577  C CG  . ASP A 1 76  ? 18.018  1.656   -9.751  1.00 82.32  ? 169 ASP A CG  1 
ATOM   578  O OD1 . ASP A 1 76  ? 18.205  2.904   -9.967  1.00 87.21  ? 169 ASP A OD1 1 
ATOM   579  O OD2 . ASP A 1 76  ? 18.012  0.780   -10.635 1.00 79.97  ? 169 ASP A OD2 1 
ATOM   580  N N   . GLN A 1 77  ? 14.199  0.203   -7.365  1.00 63.91  ? 170 GLN A N   1 
ATOM   581  C CA  . GLN A 1 77  ? 13.187  -0.857  -7.409  1.00 60.43  ? 170 GLN A CA  1 
ATOM   582  C C   . GLN A 1 77  ? 11.827  -0.226  -7.684  1.00 59.35  ? 170 GLN A C   1 
ATOM   583  O O   . GLN A 1 77  ? 11.429  0.752   -7.051  1.00 49.73  ? 170 GLN A O   1 
ATOM   584  C CB  . GLN A 1 77  ? 13.166  -1.635  -6.117  1.00 64.85  ? 170 GLN A CB  1 
ATOM   585  C CG  . GLN A 1 77  ? 12.936  -3.127  -6.341  1.00 80.22  ? 170 GLN A CG  1 
ATOM   586  C CD  . GLN A 1 77  ? 11.810  -3.711  -5.509  1.00 85.99  ? 170 GLN A CD  1 
ATOM   587  O OE1 . GLN A 1 77  ? 10.677  -3.183  -5.499  1.00 89.12  ? 170 GLN A OE1 1 
ATOM   588  N NE2 . GLN A 1 77  ? 12.098  -4.839  -4.842  1.00 82.89  ? 170 GLN A NE2 1 
ATOM   589  N N   . LEU A 1 78  ? 11.121  -0.776  -8.645  1.00 45.60  ? 171 LEU A N   1 
ATOM   590  C CA  . LEU A 1 78  ? 9.897   -0.216  -9.082  1.00 49.97  ? 171 LEU A CA  1 
ATOM   591  C C   . LEU A 1 78  ? 8.794   -0.837  -8.196  1.00 44.51  ? 171 LEU A C   1 
ATOM   592  O O   . LEU A 1 78  ? 8.857   -2.004  -7.915  1.00 48.04  ? 171 LEU A O   1 
ATOM   593  C CB  . LEU A 1 78  ? 9.705   -0.556  -10.533 1.00 56.34  ? 171 LEU A CB  1 
ATOM   594  C CG  . LEU A 1 78  ? 8.636   0.259   -11.233 1.00 69.43  ? 171 LEU A CG  1 
ATOM   595  C CD1 . LEU A 1 78  ? 9.254   1.518   -11.835 1.00 81.26  ? 171 LEU A CD1 1 
ATOM   596  C CD2 . LEU A 1 78  ? 7.947   -0.612  -12.285 1.00 76.23  ? 171 LEU A CD2 1 
ATOM   597  N N   . ALA A 1 79  ? 7.865   -0.018  -7.697  1.00 41.94  ? 172 ALA A N   1 
ATOM   598  C CA  . ALA A 1 79  ? 6.658   -0.527  -6.949  1.00 36.93  ? 172 ALA A CA  1 
ATOM   599  C C   . ALA A 1 79  ? 5.473   0.126   -7.545  1.00 39.84  ? 172 ALA A C   1 
ATOM   600  O O   . ALA A 1 79  ? 5.410   1.365   -7.632  1.00 40.29  ? 172 ALA A O   1 
ATOM   601  C CB  . ALA A 1 79  ? 6.770   -0.305  -5.423  1.00 38.66  ? 172 ALA A CB  1 
ATOM   602  N N   . ARG A 1 80  ? 4.506   -0.692  -8.016  1.00 34.40  ? 173 ARG A N   1 
ATOM   603  C CA  . ARG A 1 80  ? 3.362   -0.171  -8.660  1.00 32.24  ? 173 ARG A CA  1 
ATOM   604  C C   . ARG A 1 80  ? 2.139   -0.685  -7.908  1.00 30.48  ? 173 ARG A C   1 
ATOM   605  O O   . ARG A 1 80  ? 2.011   -1.905  -7.720  1.00 32.07  ? 173 ARG A O   1 
ATOM   606  C CB  . ARG A 1 80  ? 3.293   -0.575  -10.120 1.00 35.74  ? 173 ARG A CB  1 
ATOM   607  C CG  . ARG A 1 80  ? 1.965   -0.117  -10.698 1.00 38.15  ? 173 ARG A CG  1 
ATOM   608  C CD  . ARG A 1 80  ? 1.690   -0.768  -12.004 1.00 39.88  ? 173 ARG A CD  1 
ATOM   609  N NE  . ARG A 1 80  ? 2.676   -0.316  -12.981 1.00 45.26  ? 173 ARG A NE  1 
ATOM   610  C CZ  . ARG A 1 80  ? 2.691   -0.711  -14.257 1.00 53.13  ? 173 ARG A CZ  1 
ATOM   611  N NH1 . ARG A 1 80  ? 1.791   -1.584  -14.733 1.00 52.14  ? 173 ARG A NH1 1 
ATOM   612  N NH2 . ARG A 1 80  ? 3.620   -0.235  -15.039 1.00 50.46  ? 173 ARG A NH2 1 
ATOM   613  N N   . LEU A 1 81  ? 1.284   0.245   -7.454  1.00 31.25  ? 174 LEU A N   1 
ATOM   614  C CA  . LEU A 1 81  ? 0.075   -0.123  -6.663  1.00 30.51  ? 174 LEU A CA  1 
ATOM   615  C C   . LEU A 1 81  ? -1.084  0.345   -7.454  1.00 31.36  ? 174 LEU A C   1 
ATOM   616  O O   . LEU A 1 81  ? -1.224  1.556   -7.671  1.00 30.74  ? 174 LEU A O   1 
ATOM   617  C CB  . LEU A 1 81  ? 0.011   0.569   -5.290  1.00 30.84  ? 174 LEU A CB  1 
ATOM   618  C CG  . LEU A 1 81  ? 1.214   0.230   -4.369  1.00 32.07  ? 174 LEU A CG  1 
ATOM   619  C CD1 . LEU A 1 81  ? 1.120   1.042   -3.079  1.00 33.50  ? 174 LEU A CD1 1 
ATOM   620  C CD2 . LEU A 1 81  ? 1.364   -1.284  -4.071  1.00 32.58  ? 174 LEU A CD2 1 
ATOM   621  N N   . TYR A 1 82  ? -1.961  -0.591  -7.829  1.00 30.62  ? 175 TYR A N   1 
ATOM   622  C CA  . TYR A 1 82  ? -3.180  -0.285  -8.516  1.00 27.21  ? 175 TYR A CA  1 
ATOM   623  C C   . TYR A 1 82  ? -4.155  0.296   -7.519  1.00 31.08  ? 175 TYR A C   1 
ATOM   624  O O   . TYR A 1 82  ? -4.256  -0.213  -6.415  1.00 30.54  ? 175 TYR A O   1 
ATOM   625  C CB  . TYR A 1 82  ? -3.800  -1.557  -9.119  1.00 28.93  ? 175 TYR A CB  1 
ATOM   626  C CG  . TYR A 1 82  ? -2.995  -1.974  -10.285 1.00 31.80  ? 175 TYR A CG  1 
ATOM   627  C CD1 . TYR A 1 82  ? -3.261  -1.435  -11.548 1.00 36.64  ? 175 TYR A CD1 1 
ATOM   628  C CD2 . TYR A 1 82  ? -1.907  -2.789  -10.132 1.00 34.66  ? 175 TYR A CD2 1 
ATOM   629  C CE1 . TYR A 1 82  ? -2.483  -1.797  -12.666 1.00 37.09  ? 175 TYR A CE1 1 
ATOM   630  C CE2 . TYR A 1 82  ? -1.124  -3.109  -11.216 1.00 35.63  ? 175 TYR A CE2 1 
ATOM   631  C CZ  . TYR A 1 82  ? -1.447  -2.631  -12.488 1.00 39.10  ? 175 TYR A CZ  1 
ATOM   632  O OH  . TYR A 1 82  ? -0.604  -2.946  -13.540 1.00 42.40  ? 175 TYR A OH  1 
ATOM   633  N N   . ILE A 1 83  ? -4.880  1.333   -7.936  1.00 27.96  ? 176 ILE A N   1 
ATOM   634  C CA  . ILE A 1 83  ? -5.841  1.980   -7.083  1.00 29.45  ? 176 ILE A CA  1 
ATOM   635  C C   . ILE A 1 83  ? -7.190  1.305   -7.241  1.00 27.44  ? 176 ILE A C   1 
ATOM   636  O O   . ILE A 1 83  ? -7.762  1.237   -8.315  1.00 30.76  ? 176 ILE A O   1 
ATOM   637  C CB  . ILE A 1 83  ? -5.847  3.485   -7.367  1.00 32.00  ? 176 ILE A CB  1 
ATOM   638  C CG1 . ILE A 1 83  ? -4.444  4.048   -7.062  1.00 36.20  ? 176 ILE A CG1 1 
ATOM   639  C CG2 . ILE A 1 83  ? -6.834  4.220   -6.507  1.00 31.21  ? 176 ILE A CG2 1 
ATOM   640  C CD1 . ILE A 1 83  ? -4.243  5.411   -7.683  1.00 46.75  ? 176 ILE A CD1 1 
ATOM   641  N N   . ILE A 1 84  ? -7.764  0.898   -6.096  1.00 31.64  ? 177 ILE A N   1 
ATOM   642  C CA  . ILE A 1 84  ? -8.990  0.144   -6.025  1.00 28.13  ? 177 ILE A CA  1 
ATOM   643  C C   . ILE A 1 84  ? -10.000 0.795   -5.070  1.00 28.93  ? 177 ILE A C   1 
ATOM   644  O O   . ILE A 1 84  ? -10.074 0.397   -3.932  1.00 30.64  ? 177 ILE A O   1 
ATOM   645  C CB  . ILE A 1 84  ? -8.736  -1.279  -5.575  1.00 29.67  ? 177 ILE A CB  1 
ATOM   646  C CG1 . ILE A 1 84  ? -7.588  -1.927  -6.407  1.00 31.72  ? 177 ILE A CG1 1 
ATOM   647  C CG2 . ILE A 1 84  ? -10.004 -2.104  -5.747  1.00 33.53  ? 177 ILE A CG2 1 
ATOM   648  C CD1 . ILE A 1 84  ? -7.909  -2.257  -7.807  1.00 34.82  ? 177 ILE A CD1 1 
ATOM   649  N N   . PRO A 1 85  ? -10.816 1.738   -5.562  1.00 29.93  ? 178 PRO A N   1 
ATOM   650  C CA  . PRO A 1 85  ? -11.732 2.476   -4.649  1.00 30.28  ? 178 PRO A CA  1 
ATOM   651  C C   . PRO A 1 85  ? -12.959 1.710   -4.420  1.00 30.47  ? 178 PRO A C   1 
ATOM   652  O O   . PRO A 1 85  ? -13.283 0.778   -5.165  1.00 32.35  ? 178 PRO A O   1 
ATOM   653  C CB  . PRO A 1 85  ? -12.132 3.699   -5.454  1.00 33.94  ? 178 PRO A CB  1 
ATOM   654  C CG  . PRO A 1 85  ? -11.134 3.797   -6.508  1.00 35.68  ? 178 PRO A CG  1 
ATOM   655  C CD  . PRO A 1 85  ? -10.671 2.427   -6.855  1.00 32.60  ? 178 PRO A CD  1 
ATOM   656  N N   . GLY A 1 86  ? -13.728 2.183   -3.474  1.00 33.50  ? 179 GLY A N   1 
ATOM   657  C CA  . GLY A 1 86  ? -15.079 1.689   -3.251  1.00 35.92  ? 179 GLY A CA  1 
ATOM   658  C C   . GLY A 1 86  ? -15.290 0.346   -2.621  1.00 36.79  ? 179 GLY A C   1 
ATOM   659  O O   . GLY A 1 86  ? -16.300 -0.292  -2.897  1.00 38.52  ? 179 GLY A O   1 
ATOM   660  N N   . ILE A 1 87  ? -14.321 -0.163  -1.885  1.00 35.59  ? 180 ILE A N   1 
ATOM   661  C CA  . ILE A 1 87  ? -14.436 -1.493  -1.309  1.00 34.46  ? 180 ILE A CA  1 
ATOM   662  C C   . ILE A 1 87  ? -15.081 -1.373  0.074   1.00 34.56  ? 180 ILE A C   1 
ATOM   663  O O   . ILE A 1 87  ? -14.588 -0.670  0.888   1.00 34.17  ? 180 ILE A O   1 
ATOM   664  C CB  . ILE A 1 87  ? -13.091 -2.207  -1.210  1.00 32.56  ? 180 ILE A CB  1 
ATOM   665  C CG1 . ILE A 1 87  ? -12.517 -2.409  -2.608  1.00 33.35  ? 180 ILE A CG1 1 
ATOM   666  C CG2 . ILE A 1 87  ? -13.206 -3.522  -0.496  1.00 37.52  ? 180 ILE A CG2 1 
ATOM   667  C CD1 . ILE A 1 87  ? -13.472 -2.973  -3.656  1.00 32.47  ? 180 ILE A CD1 1 
ATOM   668  N N   . PRO A 1 88  ? -16.190 -2.111  0.335   1.00 41.19  ? 181 PRO A N   1 
ATOM   669  C CA  . PRO A 1 88  ? -16.886 -1.779  1.605   1.00 38.10  ? 181 PRO A CA  1 
ATOM   670  C C   . PRO A 1 88  ? -16.033 -2.007  2.842   1.00 40.96  ? 181 PRO A C   1 
ATOM   671  O O   . PRO A 1 88  ? -15.282 -3.029  2.939   1.00 39.94  ? 181 PRO A O   1 
ATOM   672  C CB  . PRO A 1 88  ? -18.120 -2.746  1.608   1.00 42.37  ? 181 PRO A CB  1 
ATOM   673  C CG  . PRO A 1 88  ? -18.362 -3.024  0.144   1.00 47.68  ? 181 PRO A CG  1 
ATOM   674  C CD  . PRO A 1 88  ? -16.993 -3.010  -0.529  1.00 44.53  ? 181 PRO A CD  1 
ATOM   675  N N   . LYS A 1 89  ? -16.160 -1.063  3.785   1.00 44.93  ? 182 LYS A N   1 
ATOM   676  C CA  . LYS A 1 89  ? -15.474 -1.097  5.056   1.00 44.66  ? 182 LYS A CA  1 
ATOM   677  C C   . LYS A 1 89  ? -15.755 -2.346  5.887   1.00 44.74  ? 182 LYS A C   1 
ATOM   678  O O   . LYS A 1 89  ? -14.910 -2.735  6.696   1.00 46.58  ? 182 LYS A O   1 
ATOM   679  C CB  . LYS A 1 89  ? -15.742 0.197   5.893   1.00 55.59  ? 182 LYS A CB  1 
ATOM   680  C CG  . LYS A 1 89  ? -14.464 0.994   6.194   1.00 63.84  ? 182 LYS A CG  1 
ATOM   681  C CD  . LYS A 1 89  ? -14.591 2.079   7.264   1.00 72.24  ? 182 LYS A CD  1 
ATOM   682  C CE  . LYS A 1 89  ? -15.815 2.993   7.079   1.00 81.73  ? 182 LYS A CE  1 
ATOM   683  N NZ  . LYS A 1 89  ? -15.980 3.722   5.763   1.00 74.25  ? 182 LYS A NZ  1 
ATOM   684  N N   . ASP A 1 90  ? -16.895 -2.999  5.685   1.00 46.24  ? 183 ASP A N   1 
ATOM   685  C CA  . ASP A 1 90  ? -17.187 -4.250  6.397   1.00 49.05  ? 183 ASP A CA  1 
ATOM   686  C C   . ASP A 1 90  ? -16.705 -5.523  5.690   1.00 46.10  ? 183 ASP A C   1 
ATOM   687  O O   . ASP A 1 90  ? -16.928 -6.616  6.172   1.00 46.40  ? 183 ASP A O   1 
ATOM   688  C CB  . ASP A 1 90  ? -18.670 -4.341  6.772   1.00 50.52  ? 183 ASP A CB  1 
ATOM   689  C CG  . ASP A 1 90  ? -19.598 -4.328  5.575   1.00 60.73  ? 183 ASP A CG  1 
ATOM   690  O OD1 . ASP A 1 90  ? -19.176 -4.341  4.389   1.00 59.74  ? 183 ASP A OD1 1 
ATOM   691  O OD2 . ASP A 1 90  ? -20.800 -4.282  5.832   1.00 66.29  ? 183 ASP A OD2 1 
ATOM   692  N N   . THR A 1 91  ? -15.988 -5.392  4.581   1.00 44.56  ? 184 THR A N   1 
ATOM   693  C CA  . THR A 1 91  ? -15.325 -6.541  3.981   1.00 39.35  ? 184 THR A CA  1 
ATOM   694  C C   . THR A 1 91  ? -14.450 -7.323  4.983   1.00 46.26  ? 184 THR A C   1 
ATOM   695  O O   . THR A 1 91  ? -13.676 -6.760  5.731   1.00 53.54  ? 184 THR A O   1 
ATOM   696  C CB  . THR A 1 91  ? -14.459 -6.109  2.802   1.00 39.09  ? 184 THR A CB  1 
ATOM   697  O OG1 . THR A 1 91  ? -15.255 -5.343  1.851   1.00 40.34  ? 184 THR A OG1 1 
ATOM   698  C CG2 . THR A 1 91  ? -13.840 -7.307  2.121   1.00 37.72  ? 184 THR A CG2 1 
ATOM   699  N N   . LYS A 1 92  ? -14.574 -8.637  4.993   1.00 48.99  ? 185 LYS A N   1 
ATOM   700  C CA  . LYS A 1 92  ? -13.768 -9.501  5.845   1.00 50.18  ? 185 LYS A CA  1 
ATOM   701  C C   . LYS A 1 92  ? -12.494 -9.898  5.126   1.00 45.33  ? 185 LYS A C   1 
ATOM   702  O O   . LYS A 1 92  ? -12.527 -10.523 4.102   1.00 49.83  ? 185 LYS A O   1 
ATOM   703  C CB  . LYS A 1 92  ? -14.579 -10.773 6.237   1.00 55.82  ? 185 LYS A CB  1 
ATOM   704  C CG  . LYS A 1 92  ? -15.769 -10.477 7.151   1.00 56.18  ? 185 LYS A CG  1 
ATOM   705  C CD  . LYS A 1 92  ? -15.579 -9.269  8.094   1.00 63.62  ? 185 LYS A CD  1 
ATOM   706  N N   . PHE A 1 93  ? -11.377 -9.502  5.692   1.00 45.03  ? 186 PHE A N   1 
ATOM   707  C CA  . PHE A 1 93  ? -10.089 -9.658  5.089   1.00 40.66  ? 186 PHE A CA  1 
ATOM   708  C C   . PHE A 1 93  ? -9.418  -10.696 5.952   1.00 45.84  ? 186 PHE A C   1 
ATOM   709  O O   . PHE A 1 93  ? -9.480  -10.602 7.149   1.00 50.57  ? 186 PHE A O   1 
ATOM   710  C CB  . PHE A 1 93  ? -9.306  -8.361  5.174   1.00 37.42  ? 186 PHE A CB  1 
ATOM   711  C CG  . PHE A 1 93  ? -9.842  -7.275  4.296   1.00 36.82  ? 186 PHE A CG  1 
ATOM   712  C CD1 . PHE A 1 93  ? -9.695  -7.364  2.925   1.00 37.48  ? 186 PHE A CD1 1 
ATOM   713  C CD2 . PHE A 1 93  ? -10.526 -6.181  4.831   1.00 33.85  ? 186 PHE A CD2 1 
ATOM   714  C CE1 . PHE A 1 93  ? -10.191 -6.391  2.085   1.00 36.54  ? 186 PHE A CE1 1 
ATOM   715  C CE2 . PHE A 1 93  ? -11.024 -5.178  4.010   1.00 34.45  ? 186 PHE A CE2 1 
ATOM   716  C CZ  . PHE A 1 93  ? -10.853 -5.267  2.641   1.00 34.13  ? 186 PHE A CZ  1 
ATOM   717  N N   . ASN A 1 94  ? -8.748  -11.651 5.336   1.00 50.29  ? 187 ASN A N   1 
ATOM   718  C CA  . ASN A 1 94  ? -8.050  -12.717 6.030   1.00 53.12  ? 187 ASN A CA  1 
ATOM   719  C C   . ASN A 1 94  ? -6.839  -13.166 5.204   1.00 45.99  ? 187 ASN A C   1 
ATOM   720  O O   . ASN A 1 94  ? -7.008  -13.642 4.110   1.00 45.44  ? 187 ASN A O   1 
ATOM   721  C CB  . ASN A 1 94  ? -9.032  -13.864 6.176   1.00 59.98  ? 187 ASN A CB  1 
ATOM   722  C CG  . ASN A 1 94  ? -9.993  -13.633 7.320   1.00 74.39  ? 187 ASN A CG  1 
ATOM   723  O OD1 . ASN A 1 94  ? -11.212 -13.460 7.125   1.00 68.75  ? 187 ASN A OD1 1 
ATOM   724  N ND2 . ASN A 1 94  ? -9.440  -13.592 8.535   1.00 80.06  ? 187 ASN A ND2 1 
ATOM   725  N N   . PRO A 1 95  ? -5.612  -13.022 5.738   1.00 47.52  ? 188 PRO A N   1 
ATOM   726  C CA  . PRO A 1 95  ? -4.509  -13.502 4.910   1.00 46.81  ? 188 PRO A CA  1 
ATOM   727  C C   . PRO A 1 95  ? -4.559  -15.014 4.817   1.00 54.71  ? 188 PRO A C   1 
ATOM   728  O O   . PRO A 1 95  ? -5.137  -15.693 5.661   1.00 49.63  ? 188 PRO A O   1 
ATOM   729  C CB  . PRO A 1 95  ? -3.280  -13.022 5.638   1.00 46.64  ? 188 PRO A CB  1 
ATOM   730  C CG  . PRO A 1 95  ? -3.704  -13.036 7.053   1.00 50.85  ? 188 PRO A CG  1 
ATOM   731  C CD  . PRO A 1 95  ? -5.144  -12.609 7.075   1.00 51.31  ? 188 PRO A CD  1 
ATOM   732  N N   . LYS A 1 96  ? -3.987  -15.507 3.737   1.00 58.04  ? 189 LYS A N   1 
ATOM   733  C CA  . LYS A 1 96  ? -3.755  -16.922 3.558   1.00 68.28  ? 189 LYS A CA  1 
ATOM   734  C C   . LYS A 1 96  ? -2.689  -17.416 4.559   1.00 72.18  ? 189 LYS A C   1 
ATOM   735  O O   . LYS A 1 96  ? -2.773  -18.521 5.065   1.00 65.09  ? 189 LYS A O   1 
ATOM   736  C CB  . LYS A 1 96  ? -3.229  -17.181 2.140   1.00 73.16  ? 189 LYS A CB  1 
ATOM   737  C CG  . LYS A 1 96  ? -4.124  -16.676 0.982   1.00 85.01  ? 189 LYS A CG  1 
ATOM   738  C CD  . LYS A 1 96  ? -5.599  -17.061 1.067   1.00 88.04  ? 189 LYS A CD  1 
ATOM   739  C CE  . LYS A 1 96  ? -6.467  -16.029 1.782   1.00 84.81  ? 189 LYS A CE  1 
ATOM   740  N NZ  . LYS A 1 96  ? -7.911  -16.340 1.608   1.00 83.32  ? 189 LYS A NZ  1 
ATOM   741  N N   . THR A 1 97  ? -1.742  -16.517 4.823   0.50 74.09  ? 190 THR A N   1 
ATOM   742  C CA  . THR A 1 97  ? -0.455  -16.777 5.411   0.50 73.00  ? 190 THR A CA  1 
ATOM   743  C C   . THR A 1 97  ? -0.248  -15.898 6.643   0.50 68.90  ? 190 THR A C   1 
ATOM   744  O O   . THR A 1 97  ? 0.339   -14.802 6.529   0.50 55.12  ? 190 THR A O   1 
ATOM   745  C CB  . THR A 1 97  ? 0.608   -16.335 4.384   0.50 78.76  ? 190 THR A CB  1 
ATOM   746  O OG1 . THR A 1 97  ? 0.240   -15.045 3.848   0.50 74.56  ? 190 THR A OG1 1 
ATOM   747  C CG2 . THR A 1 97  ? 0.705   -17.332 3.231   0.50 79.30  ? 190 THR A CG2 1 
ATOM   748  N N   . ARG A 1 98  ? -0.707  -16.345 7.813   0.50 61.24  ? 191 ARG A N   1 
ATOM   749  C CA  . ARG A 1 98  ? -0.487  -15.543 9.019   0.50 58.04  ? 191 ARG A CA  1 
ATOM   750  C C   . ARG A 1 98  ? 0.919   -15.692 9.606   0.50 52.37  ? 191 ARG A C   1 
ATOM   751  O O   . ARG A 1 98  ? 1.271   -14.996 10.567  0.50 50.57  ? 191 ARG A O   1 
ATOM   752  C CB  . ARG A 1 98  ? -1.595  -15.729 10.068  0.50 59.71  ? 191 ARG A CB  1 
ATOM   753  C CG  . ARG A 1 98  ? -2.791  -14.822 9.774   0.50 59.88  ? 191 ARG A CG  1 
ATOM   754  C CD  . ARG A 1 98  ? -3.537  -14.343 11.009  0.50 57.38  ? 191 ARG A CD  1 
ATOM   755  N NE  . ARG A 1 98  ? -2.849  -13.276 11.746  0.50 52.96  ? 191 ARG A NE  1 
ATOM   756  C CZ  . ARG A 1 98  ? -2.928  -13.145 13.069  0.50 53.38  ? 191 ARG A CZ  1 
ATOM   757  N NH1 . ARG A 1 98  ? -3.640  -14.020 13.765  0.50 54.08  ? 191 ARG A NH1 1 
ATOM   758  N NH2 . ARG A 1 98  ? -2.290  -12.176 13.705  0.50 49.76  ? 191 ARG A NH2 1 
ATOM   759  N N   . ARG A 1 99  ? 1.733   -16.562 9.002   1.00 47.00  ? 192 ARG A N   1 
ATOM   760  C CA  . ARG A 1 99  ? 3.177   -16.537 9.181   1.00 46.82  ? 192 ARG A CA  1 
ATOM   761  C C   . ARG A 1 99  ? 3.798   -15.320 8.539   1.00 40.31  ? 192 ARG A C   1 
ATOM   762  O O   . ARG A 1 99  ? 4.934   -15.025 8.869   1.00 36.57  ? 192 ARG A O   1 
ATOM   763  C CB  . ARG A 1 99  ? 3.871   -17.836 8.634   1.00 52.55  ? 192 ARG A CB  1 
ATOM   764  C CG  . ARG A 1 99  ? 3.555   -19.119 9.412   1.00 55.22  ? 192 ARG A CG  1 
ATOM   765  C CD  . ARG A 1 99  ? 4.131   -20.368 8.694   1.00 59.65  ? 192 ARG A CD  1 
ATOM   766  N NE  . ARG A 1 99  ? 4.834   -21.241 9.621   1.00 74.24  ? 192 ARG A NE  1 
ATOM   767  C CZ  . ARG A 1 99  ? 4.259   -22.124 10.437  1.00 83.20  ? 192 ARG A CZ  1 
ATOM   768  N NH1 . ARG A 1 99  ? 2.940   -22.319 10.433  1.00 88.74  ? 192 ARG A NH1 1 
ATOM   769  N NH2 . ARG A 1 99  ? 5.017   -22.848 11.253  1.00 82.18  ? 192 ARG A NH2 1 
ATOM   770  N N   . GLU A 1 100 ? 3.068   -14.565 7.650   1.00 39.40  ? 193 GLU A N   1 
ATOM   771  C CA  . GLU A 1 100 ? 3.617   -13.337 7.019   1.00 39.80  ? 193 GLU A CA  1 
ATOM   772  C C   . GLU A 1 100 ? 2.930   -12.031 7.371   1.00 32.35  ? 193 GLU A C   1 
ATOM   773  O O   . GLU A 1 100 ? 3.592   -11.016 7.372   1.00 35.92  ? 193 GLU A O   1 
ATOM   774  C CB  . GLU A 1 100 ? 3.609   -13.486 5.489   1.00 53.93  ? 193 GLU A CB  1 
ATOM   775  C CG  . GLU A 1 100 ? 4.183   -14.860 5.114   1.00 72.86  ? 193 GLU A CG  1 
ATOM   776  C CD  . GLU A 1 100 ? 4.422   -15.077 3.631   1.00 81.44  ? 193 GLU A CD  1 
ATOM   777  O OE1 . GLU A 1 100 ? 5.268   -14.341 3.069   1.00 84.72  ? 193 GLU A OE1 1 
ATOM   778  O OE2 . GLU A 1 100 ? 3.776   -16.003 3.059   1.00 86.72  ? 193 GLU A OE2 1 
ATOM   779  N N   . ILE A 1 101 ? 1.656   -12.110 7.739   1.00 28.89  ? 194 ILE A N   1 
ATOM   780  C CA  . ILE A 1 101 ? 0.810   -10.950 7.987   1.00 33.34  ? 194 ILE A CA  1 
ATOM   781  C C   . ILE A 1 101 ? 0.256   -11.023 9.408   1.00 32.72  ? 194 ILE A C   1 
ATOM   782  O O   . ILE A 1 101 ? -0.495  -11.957 9.755   1.00 33.58  ? 194 ILE A O   1 
ATOM   783  C CB  . ILE A 1 101 ? -0.403  -10.869 7.022   1.00 34.65  ? 194 ILE A CB  1 
ATOM   784  C CG1 . ILE A 1 101 ? 0.080   -10.681 5.549   1.00 33.24  ? 194 ILE A CG1 1 
ATOM   785  C CG2 . ILE A 1 101 ? -1.352  -9.718  7.387   1.00 34.79  ? 194 ILE A CG2 1 
ATOM   786  C CD1 . ILE A 1 101 ? 1.040   -9.548  5.293   1.00 35.55  ? 194 ILE A CD1 1 
ATOM   787  N N   . ARG A 1 102 ? 0.658   -10.046 10.218  1.00 31.79  ? 195 ARG A N   1 
ATOM   788  C CA  . ARG A 1 102 ? 0.166   -9.916  11.597  1.00 35.32  ? 195 ARG A CA  1 
ATOM   789  C C   . ARG A 1 102 ? -1.242  -9.400  11.655  1.00 34.87  ? 195 ARG A C   1 
ATOM   790  O O   . ARG A 1 102 ? -2.038  -9.867  12.467  1.00 36.50  ? 195 ARG A O   1 
ATOM   791  C CB  . ARG A 1 102 ? 1.092   -9.009  12.436  1.00 33.30  ? 195 ARG A CB  1 
ATOM   792  C CG  . ARG A 1 102 ? 0.841   -9.107  13.939  1.00 32.30  ? 195 ARG A CG  1 
ATOM   793  C CD  . ARG A 1 102 ? 1.421   -8.010  14.741  1.00 30.03  ? 195 ARG A CD  1 
ATOM   794  N NE  . ARG A 1 102 ? 2.862   -8.050  14.740  1.00 33.45  ? 195 ARG A NE  1 
ATOM   795  C CZ  . ARG A 1 102 ? 3.575   -8.895  15.498  1.00 36.16  ? 195 ARG A CZ  1 
ATOM   796  N NH1 . ARG A 1 102 ? 2.963   -9.704  16.376  1.00 33.66  ? 195 ARG A NH1 1 
ATOM   797  N NH2 . ARG A 1 102 ? 4.882   -8.910  15.414  1.00 36.51  ? 195 ARG A NH2 1 
ATOM   798  N N   . ASN A 1 103 ? -1.567  -8.389  10.846  1.00 35.13  ? 196 ASN A N   1 
ATOM   799  C CA  . ASN A 1 103 ? -2.786  -7.652  11.018  1.00 33.98  ? 196 ASN A CA  1 
ATOM   800  C C   . ASN A 1 103 ? -3.073  -6.857  9.742   1.00 35.00  ? 196 ASN A C   1 
ATOM   801  O O   . ASN A 1 103 ? -2.202  -6.639  8.937   1.00 28.62  ? 196 ASN A O   1 
ATOM   802  C CB  . ASN A 1 103 ? -2.621  -6.618  12.166  1.00 32.91  ? 196 ASN A CB  1 
ATOM   803  C CG  . ASN A 1 103 ? -3.933  -6.324  12.833  1.00 39.65  ? 196 ASN A CG  1 
ATOM   804  O OD1 . ASN A 1 103 ? -4.985  -6.749  12.329  1.00 38.46  ? 196 ASN A OD1 1 
ATOM   805  N ND2 . ASN A 1 103 ? -3.909  -5.501  13.902  1.00 41.95  ? 196 ASN A ND2 1 
ATOM   806  N N   . ILE A 1 104 ? -4.327  -6.518  9.551   1.00 29.87  ? 197 ILE A N   1 
ATOM   807  C CA  . ILE A 1 104 ? -4.863  -5.870  8.358   1.00 29.98  ? 197 ILE A CA  1 
ATOM   808  C C   . ILE A 1 104 ? -5.859  -4.860  8.919   1.00 33.78  ? 197 ILE A C   1 
ATOM   809  O O   . ILE A 1 104 ? -6.752  -5.264  9.596   1.00 32.58  ? 197 ILE A O   1 
ATOM   810  C CB  . ILE A 1 104 ? -5.657  -6.830  7.453   1.00 29.86  ? 197 ILE A CB  1 
ATOM   811  C CG1 . ILE A 1 104 ? -4.771  -7.898  6.859   1.00 31.92  ? 197 ILE A CG1 1 
ATOM   812  C CG2 . ILE A 1 104 ? -6.311  -6.060  6.315   1.00 29.67  ? 197 ILE A CG2 1 
ATOM   813  C CD1 . ILE A 1 104 ? -5.483  -9.107  6.307   1.00 37.62  ? 197 ILE A CD1 1 
ATOM   814  N N   . GLU A 1 105 ? -5.712  -3.591  8.602   1.00 34.14  ? 198 GLU A N   1 
ATOM   815  C CA  . GLU A 1 105 ? -6.569  -2.513  9.151   1.00 34.91  ? 198 GLU A CA  1 
ATOM   816  C C   . GLU A 1 105 ? -6.831  -1.410  8.150   1.00 31.10  ? 198 GLU A C   1 
ATOM   817  O O   . GLU A 1 105 ? -5.964  -1.058  7.303   1.00 30.14  ? 198 GLU A O   1 
ATOM   818  C CB  . GLU A 1 105 ? -5.994  -1.893  10.406  1.00 35.03  ? 198 GLU A CB  1 
ATOM   819  C CG  . GLU A 1 105 ? -6.030  -2.743  11.658  1.00 40.31  ? 198 GLU A CG  1 
ATOM   820  C CD  . GLU A 1 105 ? -5.403  -2.050  12.905  1.00 44.90  ? 198 GLU A CD  1 
ATOM   821  O OE1 . GLU A 1 105 ? -5.154  -0.806  12.914  1.00 43.17  ? 198 GLU A OE1 1 
ATOM   822  O OE2 . GLU A 1 105 ? -5.156  -2.777  13.913  1.00 57.09  ? 198 GLU A OE2 1 
ATOM   823  N N   . TRP A 1 106 ? -7.964  -0.729  8.352   1.00 28.48  ? 199 TRP A N   1 
ATOM   824  C CA  . TRP A 1 106 ? -8.227  0.526   7.673   1.00 30.47  ? 199 TRP A CA  1 
ATOM   825  C C   . TRP A 1 106 ? -7.584  1.703   8.393   1.00 33.01  ? 199 TRP A C   1 
ATOM   826  O O   . TRP A 1 106 ? -7.645  1.774   9.616   1.00 36.35  ? 199 TRP A O   1 
ATOM   827  C CB  . TRP A 1 106 ? -9.758  0.836   7.555   1.00 33.46  ? 199 TRP A CB  1 
ATOM   828  C CG  . TRP A 1 106 ? -10.505 -0.103  6.699   1.00 30.59  ? 199 TRP A CG  1 
ATOM   829  C CD1 . TRP A 1 106 ? -11.308 -1.189  7.119   1.00 36.60  ? 199 TRP A CD1 1 
ATOM   830  C CD2 . TRP A 1 106 ? -10.579 -0.105  5.259   1.00 31.91  ? 199 TRP A CD2 1 
ATOM   831  N NE1 . TRP A 1 106 ? -11.804 -1.844  6.019   1.00 37.96  ? 199 TRP A NE1 1 
ATOM   832  C CE2 . TRP A 1 106 ? -11.380 -1.218  4.873   1.00 33.28  ? 199 TRP A CE2 1 
ATOM   833  C CE3 . TRP A 1 106 ? -9.995  0.644   4.270   1.00 31.90  ? 199 TRP A CE3 1 
ATOM   834  C CZ2 . TRP A 1 106 ? -11.680 -1.504  3.531   1.00 34.90  ? 199 TRP A CZ2 1 
ATOM   835  C CZ3 . TRP A 1 106 ? -10.304 0.371   2.921   1.00 33.47  ? 199 TRP A CZ3 1 
ATOM   836  C CH2 . TRP A 1 106 ? -11.150 -0.696  2.562   1.00 36.65  ? 199 TRP A CH2 1 
ATOM   837  N N   . PHE A 1 107 ? -6.986  2.627   7.646   1.00 31.27  ? 200 PHE A N   1 
ATOM   838  C CA  . PHE A 1 107 ? -6.407  3.841   8.188   1.00 32.52  ? 200 PHE A CA  1 
ATOM   839  C C   . PHE A 1 107 ? -6.952  5.003   7.482   1.00 35.71  ? 200 PHE A C   1 
ATOM   840  O O   . PHE A 1 107 ? -7.115  4.959   6.265   1.00 34.16  ? 200 PHE A O   1 
ATOM   841  C CB  . PHE A 1 107 ? -4.855  3.856   8.173   1.00 31.84  ? 200 PHE A CB  1 
ATOM   842  C CG  . PHE A 1 107 ? -4.239  2.820   9.098   1.00 27.32  ? 200 PHE A CG  1 
ATOM   843  C CD1 . PHE A 1 107 ? -4.057  1.477   8.677   1.00 32.64  ? 200 PHE A CD1 1 
ATOM   844  C CD2 . PHE A 1 107 ? -3.890  3.135   10.426  1.00 32.10  ? 200 PHE A CD2 1 
ATOM   845  C CE1 . PHE A 1 107 ? -3.505  0.524   9.552   1.00 34.18  ? 200 PHE A CE1 1 
ATOM   846  C CE2 . PHE A 1 107 ? -3.354  2.181   11.290  1.00 32.98  ? 200 PHE A CE2 1 
ATOM   847  C CZ  . PHE A 1 107 ? -3.170  0.859   10.854  1.00 30.80  ? 200 PHE A CZ  1 
ATOM   848  N N   . SER A 1 108 ? -7.246  6.065   8.254   1.00 30.97  ? 201 SER A N   1 
ATOM   849  C CA  . SER A 1 108 ? -7.689  7.336   7.701   1.00 33.97  ? 201 SER A CA  1 
ATOM   850  C C   . SER A 1 108 ? -6.553  7.921   6.908   1.00 31.75  ? 201 SER A C   1 
ATOM   851  O O   . SER A 1 108 ? -5.465  8.188   7.454   1.00 33.50  ? 201 SER A O   1 
ATOM   852  C CB  . SER A 1 108 ? -8.109  8.372   8.789   1.00 33.36  ? 201 SER A CB  1 
ATOM   853  O OG  . SER A 1 108 ? -7.974  9.642   8.243   1.00 39.48  ? 201 SER A OG  1 
ATOM   854  N N   . ILE A 1 109 ? -6.836  8.258   5.647   1.00 31.28  ? 202 ILE A N   1 
ATOM   855  C CA  . ILE A 1 109 ? -5.813  8.888   4.809   1.00 35.53  ? 202 ILE A CA  1 
ATOM   856  C C   . ILE A 1 109 ? -5.348  10.227  5.337   1.00 41.86  ? 202 ILE A C   1 
ATOM   857  O O   . ILE A 1 109 ? -4.151  10.608  5.273   1.00 40.66  ? 202 ILE A O   1 
ATOM   858  C CB  . ILE A 1 109 ? -6.300  9.097   3.358   1.00 40.24  ? 202 ILE A CB  1 
ATOM   859  C CG1 . ILE A 1 109 ? -6.542  7.795   2.650   1.00 49.06  ? 202 ILE A CG1 1 
ATOM   860  C CG2 . ILE A 1 109 ? -5.169  9.748   2.548   1.00 46.56  ? 202 ILE A CG2 1 
ATOM   861  C CD1 . ILE A 1 109 ? -7.212  7.948   1.277   1.00 50.48  ? 202 ILE A CD1 1 
ATOM   862  N N   . GLU A 1 110 ? -6.286  10.994  5.883   1.00 41.04  ? 203 GLU A N   1 
ATOM   863  C CA  . GLU A 1 110 ? -5.890  12.349  6.214   1.00 43.38  ? 203 GLU A CA  1 
ATOM   864  C C   . GLU A 1 110 ? -5.012  12.361  7.480   1.00 38.72  ? 203 GLU A C   1 
ATOM   865  O O   . GLU A 1 110 ? -4.199  13.260  7.655   1.00 43.77  ? 203 GLU A O   1 
ATOM   866  C CB  . GLU A 1 110 ? -7.104  13.277  6.199   1.00 47.37  ? 203 GLU A CB  1 
ATOM   867  C CG  . GLU A 1 110 ? -8.063  13.111  7.335   1.00 50.48  ? 203 GLU A CG  1 
ATOM   868  C CD  . GLU A 1 110 ? -9.181  14.152  7.234   1.00 60.98  ? 203 GLU A CD  1 
ATOM   869  O OE1 . GLU A 1 110 ? -9.505  14.590  6.102   1.00 78.32  ? 203 GLU A OE1 1 
ATOM   870  O OE2 . GLU A 1 110 ? -9.683  14.571  8.283   1.00 62.55  ? 203 GLU A OE2 1 
ATOM   871  N N   . LYS A 1 111 ? -5.094  11.282  8.270   1.00 35.55  ? 204 LYS A N   1 
ATOM   872  C CA  . LYS A 1 111 ? -4.249  11.099  9.465   1.00 38.50  ? 204 LYS A CA  1 
ATOM   873  C C   . LYS A 1 111 ? -2.895  10.418  9.232   1.00 39.36  ? 204 LYS A C   1 
ATOM   874  O O   . LYS A 1 111 ? -2.068  10.431  10.124  1.00 35.41  ? 204 LYS A O   1 
ATOM   875  C CB  . LYS A 1 111 ? -4.935  10.270  10.480  1.00 44.45  ? 204 LYS A CB  1 
ATOM   876  C CG  . LYS A 1 111 ? -6.210  10.925  11.003  1.00 55.55  ? 204 LYS A CG  1 
ATOM   877  C CD  . LYS A 1 111 ? -6.639  10.163  12.238  1.00 61.73  ? 204 LYS A CD  1 
ATOM   878  C CE  . LYS A 1 111 ? -8.115  10.297  12.504  1.00 72.70  ? 204 LYS A CE  1 
ATOM   879  N NZ  . LYS A 1 111 ? -8.442  9.203   13.463  1.00 87.15  ? 204 LYS A NZ  1 
ATOM   880  N N   . LEU A 1 112 ? -2.694  9.786   8.082   1.00 36.83  ? 205 LEU A N   1 
ATOM   881  C CA  . LEU A 1 112 ? -1.424  9.115   7.795   1.00 34.41  ? 205 LEU A CA  1 
ATOM   882  C C   . LEU A 1 112 ? -0.450  10.181  7.435   1.00 38.71  ? 205 LEU A C   1 
ATOM   883  O O   . LEU A 1 112 ? -0.801  11.195  6.798   1.00 40.53  ? 205 LEU A O   1 
ATOM   884  C CB  . LEU A 1 112 ? -1.542  8.124   6.634   1.00 34.98  ? 205 LEU A CB  1 
ATOM   885  C CG  . LEU A 1 112 ? -2.379  6.866   6.910   1.00 32.30  ? 205 LEU A CG  1 
ATOM   886  C CD1 . LEU A 1 112 ? -2.685  6.146   5.573   1.00 32.52  ? 205 LEU A CD1 1 
ATOM   887  C CD2 . LEU A 1 112 ? -1.607  5.980   7.880   1.00 34.51  ? 205 LEU A CD2 1 
ATOM   888  N N   . PRO A 1 113 ? 0.804   9.987   7.851   1.00 40.25  ? 206 PRO A N   1 
ATOM   889  C CA  . PRO A 1 113 ? 1.821   10.959  7.506   1.00 43.88  ? 206 PRO A CA  1 
ATOM   890  C C   . PRO A 1 113 ? 2.236   10.846  6.043   1.00 46.35  ? 206 PRO A C   1 
ATOM   891  O O   . PRO A 1 113 ? 2.163   9.756   5.460   1.00 36.87  ? 206 PRO A O   1 
ATOM   892  C CB  . PRO A 1 113 ? 2.993   10.576  8.441   1.00 41.43  ? 206 PRO A CB  1 
ATOM   893  C CG  . PRO A 1 113 ? 2.795   9.137   8.650   1.00 43.15  ? 206 PRO A CG  1 
ATOM   894  C CD  . PRO A 1 113 ? 1.322   8.882   8.689   1.00 41.93  ? 206 PRO A CD  1 
ATOM   895  N N   . CYS A 1 114 ? 2.679   11.939  5.457   1.00 43.92  ? 207 CYS A N   1 
ATOM   896  C CA  . CYS A 1 114 ? 3.253   11.851  4.130   1.00 50.18  ? 207 CYS A CA  1 
ATOM   897  C C   . CYS A 1 114 ? 4.757   12.178  4.126   1.00 50.65  ? 207 CYS A C   1 
ATOM   898  O O   . CYS A 1 114 ? 5.358   12.290  3.064   1.00 49.75  ? 207 CYS A O   1 
ATOM   899  C CB  . CYS A 1 114 ? 2.482   12.712  3.185   1.00 52.53  ? 207 CYS A CB  1 
ATOM   900  S SG  . CYS A 1 114 ? 2.699   14.418  3.575   1.00 62.74  ? 207 CYS A SG  1 
ATOM   901  N N   . HIS A 1 115 ? 5.367   12.218  5.319   1.00 51.72  ? 208 HIS A N   1 
ATOM   902  C CA  . HIS A 1 115 ? 6.846   12.244  5.435   1.00 49.50  ? 208 HIS A CA  1 
ATOM   903  C C   . HIS A 1 115 ? 7.108   11.782  6.836   1.00 53.19  ? 208 HIS A C   1 
ATOM   904  O O   . HIS A 1 115 ? 6.193   11.857  7.692   1.00 47.06  ? 208 HIS A O   1 
ATOM   905  C CB  . HIS A 1 115 ? 7.314   13.691  5.216   1.00 50.23  ? 208 HIS A CB  1 
ATOM   906  C CG  . HIS A 1 115 ? 6.738   14.644  6.219   1.00 53.59  ? 208 HIS A CG  1 
ATOM   907  N ND1 . HIS A 1 115 ? 7.189   14.705  7.526   1.00 57.75  ? 208 HIS A ND1 1 
ATOM   908  C CD2 . HIS A 1 115 ? 5.669   15.478  6.152   1.00 50.28  ? 208 HIS A CD2 1 
ATOM   909  C CE1 . HIS A 1 115 ? 6.453   15.568  8.205   1.00 48.51  ? 208 HIS A CE1 1 
ATOM   910  N NE2 . HIS A 1 115 ? 5.533   16.055  7.392   1.00 52.35  ? 208 HIS A NE2 1 
ATOM   911  N N   A ARG A 1 116 ? 8.310   11.280  7.120   0.32 52.10  ? 209 ARG A N   1 
ATOM   912  N N   B ARG A 1 116 ? 8.316   11.297  7.122   0.30 54.38  ? 209 ARG A N   1 
ATOM   913  C CA  A ARG A 1 116 ? 8.727   11.088  8.523   0.32 52.07  ? 209 ARG A CA  1 
ATOM   914  C CA  B ARG A 1 116 ? 8.691   11.133  8.526   0.30 55.82  ? 209 ARG A CA  1 
ATOM   915  C C   A ARG A 1 116 ? 9.299   12.413  9.048   0.32 52.79  ? 209 ARG A C   1 
ATOM   916  C C   B ARG A 1 116 ? 9.348   12.408  9.050   0.30 55.63  ? 209 ARG A C   1 
ATOM   917  O O   A ARG A 1 116 ? 9.681   13.260  8.267   0.32 55.45  ? 209 ARG A O   1 
ATOM   918  O O   B ARG A 1 116 ? 9.874   13.195  8.280   0.30 59.16  ? 209 ARG A O   1 
ATOM   919  C CB  A ARG A 1 116 ? 9.710   9.933   8.633   0.32 51.72  ? 209 ARG A CB  1 
ATOM   920  C CB  B ARG A 1 116 ? 9.572   9.910   8.761   0.30 56.95  ? 209 ARG A CB  1 
ATOM   921  C CG  A ARG A 1 116 ? 9.074   8.612   8.228   0.32 48.92  ? 209 ARG A CG  1 
ATOM   922  C CG  B ARG A 1 116 ? 9.720   9.531   10.234  0.30 56.47  ? 209 ARG A CG  1 
ATOM   923  C CD  A ARG A 1 116 ? 10.073  7.632   7.712   0.32 47.81  ? 209 ARG A CD  1 
ATOM   924  C CD  B ARG A 1 116 ? 8.433   9.704   11.037  0.30 57.51  ? 209 ARG A CD  1 
ATOM   925  N NE  A ARG A 1 116 ? 10.921  7.118   8.766   0.32 49.22  ? 209 ARG A NE  1 
ATOM   926  N NE  B ARG A 1 116 ? 8.508   9.328   12.442  0.30 56.70  ? 209 ARG A NE  1 
ATOM   927  C CZ  A ARG A 1 116 ? 12.168  6.673   8.610   0.32 48.03  ? 209 ARG A CZ  1 
ATOM   928  C CZ  B ARG A 1 116 ? 7.595   9.651   13.370  0.30 59.10  ? 209 ARG A CZ  1 
ATOM   929  N NH1 A ARG A 1 116 ? 12.787  6.681   7.425   0.32 53.35  ? 209 ARG A NH1 1 
ATOM   930  N NH1 B ARG A 1 116 ? 7.767   9.253   14.627  0.30 58.27  ? 209 ARG A NH1 1 
ATOM   931  N NH2 A ARG A 1 116 ? 12.818  6.221   9.663   0.32 47.68  ? 209 ARG A NH2 1 
ATOM   932  N NH2 B ARG A 1 116 ? 6.508   10.365  13.066  0.30 55.32  ? 209 ARG A NH2 1 
ATOM   933  N N   . ASN A 1 117 ? 9.294   12.609  10.364  1.00 60.59  ? 210 ASN A N   1 
ATOM   934  C CA  . ASN A 1 117 ? 9.782   13.810  11.001  1.00 60.14  ? 210 ASN A CA  1 
ATOM   935  C C   . ASN A 1 117 ? 11.238  13.624  11.214  1.00 61.78  ? 210 ASN A C   1 
ATOM   936  O O   . ASN A 1 117 ? 11.735  12.471  11.380  1.00 50.18  ? 210 ASN A O   1 
ATOM   937  C CB  . ASN A 1 117 ? 9.144   13.962  12.379  1.00 67.03  ? 210 ASN A CB  1 
ATOM   938  C CG  . ASN A 1 117 ? 7.646   13.847  12.320  1.00 67.30  ? 210 ASN A CG  1 
ATOM   939  O OD1 . ASN A 1 117 ? 7.033   14.357  11.386  1.00 58.92  ? 210 ASN A OD1 1 
ATOM   940  N ND2 . ASN A 1 117 ? 7.062   13.146  13.278  1.00 65.18  ? 210 ASN A ND2 1 
ATOM   941  N N   . ASP A 1 118 ? 11.915  14.769  11.254  1.00 64.31  ? 211 ASP A N   1 
ATOM   942  C CA  . ASP A 1 118 ? 13.345  14.786  11.493  1.00 68.20  ? 211 ASP A CA  1 
ATOM   943  C C   . ASP A 1 118 ? 13.552  14.570  13.007  1.00 68.03  ? 211 ASP A C   1 
ATOM   944  O O   . ASP A 1 118 ? 12.637  14.056  13.714  1.00 54.16  ? 211 ASP A O   1 
ATOM   945  C CB  . ASP A 1 118 ? 14.033  16.029  10.840  1.00 63.79  ? 211 ASP A CB  1 
ATOM   946  C CG  . ASP A 1 118 ? 13.453  17.377  11.264  1.00 68.49  ? 211 ASP A CG  1 
ATOM   947  O OD1 . ASP A 1 118 ? 12.837  17.518  12.356  1.00 63.07  ? 211 ASP A OD1 1 
ATOM   948  O OD2 . ASP A 1 118 ? 13.675  18.330  10.473  1.00 76.95  ? 211 ASP A OD2 1 
ATOM   949  N N   . MET A 1 119 ? 14.765  14.850  13.474  1.00 67.73  ? 212 MET A N   1 
ATOM   950  C CA  . MET A 1 119 ? 15.098  14.843  14.898  1.00 72.51  ? 212 MET A CA  1 
ATOM   951  C C   . MET A 1 119 ? 15.812  16.166  15.257  1.00 83.35  ? 212 MET A C   1 
ATOM   952  O O   . MET A 1 119 ? 16.713  16.195  16.114  1.00 88.76  ? 212 MET A O   1 
ATOM   953  C CB  . MET A 1 119 ? 15.939  13.605  15.152  1.00 63.55  ? 212 MET A CB  1 
ATOM   954  C CG  . MET A 1 119 ? 15.076  12.361  14.960  1.00 65.05  ? 212 MET A CG  1 
ATOM   955  S SD  . MET A 1 119 ? 15.860  10.770  15.088  1.00 63.50  ? 212 MET A SD  1 
ATOM   956  C CE  . MET A 1 119 ? 17.197  10.946  13.906  1.00 77.58  ? 212 MET A CE  1 
ATOM   957  N N   . THR A 1 120 ? 15.378  17.255  14.598  1.00 81.04  ? 213 THR A N   1 
ATOM   958  C CA  . THR A 1 120 ? 15.860  18.620  14.852  1.00 91.04  ? 213 THR A CA  1 
ATOM   959  C C   . THR A 1 120 ? 15.635  19.111  16.286  1.00 93.13  ? 213 THR A C   1 
ATOM   960  O O   . THR A 1 120 ? 16.405  19.953  16.731  1.00 104.50 ? 213 THR A O   1 
ATOM   961  C CB  . THR A 1 120 ? 15.257  19.670  13.881  1.00 93.99  ? 213 THR A CB  1 
ATOM   962  O OG1 . THR A 1 120 ? 13.824  19.603  13.912  1.00 106.88 ? 213 THR A OG1 1 
ATOM   963  C CG2 . THR A 1 120 ? 15.756  19.462  12.452  1.00 91.40  ? 213 THR A CG2 1 
ATOM   964  N N   . PRO A 1 121 ? 14.584  18.611  17.001  1.00 104.99 ? 214 PRO A N   1 
ATOM   965  C CA  . PRO A 1 121 ? 14.617  18.804  18.461  1.00 95.80  ? 214 PRO A CA  1 
ATOM   966  C C   . PRO A 1 121 ? 15.916  18.279  19.133  1.00 91.25  ? 214 PRO A C   1 
ATOM   967  O O   . PRO A 1 121 ? 16.426  18.923  20.048  1.00 85.54  ? 214 PRO A O   1 
ATOM   968  C CB  . PRO A 1 121 ? 13.360  18.038  18.956  1.00 98.30  ? 214 PRO A CB  1 
ATOM   969  C CG  . PRO A 1 121 ? 12.852  17.259  17.777  1.00 102.03 ? 214 PRO A CG  1 
ATOM   970  C CD  . PRO A 1 121 ? 13.264  18.075  16.585  1.00 107.32 ? 214 PRO A CD  1 
ATOM   971  N N   . LYS A 1 122 ? 16.454  17.152  18.658  1.00 85.10  ? 215 LYS A N   1 
ATOM   972  C CA  . LYS A 1 122 ? 17.678  16.544  19.214  1.00 81.23  ? 215 LYS A CA  1 
ATOM   973  C C   . LYS A 1 122 ? 19.024  16.952  18.520  1.00 74.88  ? 215 LYS A C   1 
ATOM   974  O O   . LYS A 1 122 ? 20.068  16.396  18.861  1.00 88.84  ? 215 LYS A O   1 
ATOM   975  C CB  . LYS A 1 122 ? 17.510  15.013  19.195  1.00 76.73  ? 215 LYS A CB  1 
ATOM   976  C CG  . LYS A 1 122 ? 18.286  14.278  20.268  1.00 79.51  ? 215 LYS A CG  1 
ATOM   977  N N   . SER A 1 123 ? 19.010  17.904  17.577  1.00 67.70  ? 216 SER A N   1 
ATOM   978  C CA  . SER A 1 123 ? 20.203  18.245  16.741  1.00 62.80  ? 216 SER A CA  1 
ATOM   979  C C   . SER A 1 123 ? 20.940  16.999  16.156  1.00 55.18  ? 216 SER A C   1 
ATOM   980  O O   . SER A 1 123 ? 22.158  16.946  16.054  1.00 49.12  ? 216 SER A O   1 
ATOM   981  C CB  . SER A 1 123 ? 21.181  19.130  17.533  1.00 65.82  ? 216 SER A CB  1 
ATOM   982  O OG  . SER A 1 123 ? 20.627  20.401  17.831  1.00 66.64  ? 216 SER A OG  1 
ATOM   983  N N   . LYS A 1 124 ? 20.165  15.993  15.776  1.00 43.60  ? 217 LYS A N   1 
ATOM   984  C CA  . LYS A 1 124 ? 20.660  14.766  15.265  1.00 44.70  ? 217 LYS A CA  1 
ATOM   985  C C   . LYS A 1 124 ? 20.119  14.617  13.830  1.00 43.87  ? 217 LYS A C   1 
ATOM   986  O O   . LYS A 1 124 ? 18.925  14.907  13.570  1.00 40.16  ? 217 LYS A O   1 
ATOM   987  C CB  . LYS A 1 124 ? 20.144  13.668  16.176  1.00 53.41  ? 217 LYS A CB  1 
ATOM   988  C CG  . LYS A 1 124 ? 20.680  12.289  15.899  1.00 57.30  ? 217 LYS A CG  1 
ATOM   989  C CD  . LYS A 1 124 ? 20.508  11.407  17.138  1.00 60.98  ? 217 LYS A CD  1 
ATOM   990  N N   . LEU A 1 125 ? 20.965  14.100  12.935  1.00 35.14  ? 218 LEU A N   1 
ATOM   991  C CA  . LEU A 1 125 ? 20.571  13.845  11.542  1.00 37.74  ? 218 LEU A CA  1 
ATOM   992  C C   . LEU A 1 125 ? 19.725  12.596  11.396  1.00 37.48  ? 218 LEU A C   1 
ATOM   993  O O   . LEU A 1 125 ? 19.909  11.628  12.093  1.00 39.40  ? 218 LEU A O   1 
ATOM   994  C CB  . LEU A 1 125 ? 21.805  13.692  10.628  1.00 35.49  ? 218 LEU A CB  1 
ATOM   995  C CG  . LEU A 1 125 ? 22.673  14.978  10.638  1.00 37.80  ? 218 LEU A CG  1 
ATOM   996  C CD1 . LEU A 1 125 ? 23.682  14.947  9.551   1.00 43.41  ? 218 LEU A CD1 1 
ATOM   997  C CD2 . LEU A 1 125 ? 21.907  16.295  10.606  1.00 43.19  ? 218 LEU A CD2 1 
ATOM   998  N N   . GLY A 1 126 ? 18.854  12.644  10.407  1.00 36.59  ? 219 GLY A N   1 
ATOM   999  C CA  . GLY A 1 126 ? 18.121  11.484  9.987   1.00 36.13  ? 219 GLY A CA  1 
ATOM   1000 C C   . GLY A 1 126 ? 16.646  11.601  10.339  1.00 35.47  ? 219 GLY A C   1 
ATOM   1001 O O   . GLY A 1 126 ? 16.136  12.687  10.577  1.00 36.88  ? 219 GLY A O   1 
ATOM   1002 N N   . LEU A 1 127 ? 15.967  10.470  10.301  1.00 39.87  ? 220 LEU A N   1 
ATOM   1003 C CA  . LEU A 1 127 ? 14.489  10.450  10.504  1.00 41.92  ? 220 LEU A CA  1 
ATOM   1004 C C   . LEU A 1 127 ? 14.134  9.628   11.737  1.00 37.25  ? 220 LEU A C   1 
ATOM   1005 O O   . LEU A 1 127 ? 14.768  8.639   11.972  1.00 36.97  ? 220 LEU A O   1 
ATOM   1006 C CB  . LEU A 1 127 ? 13.867  9.831   9.231   1.00 43.84  ? 220 LEU A CB  1 
ATOM   1007 C CG  . LEU A 1 127 ? 13.891  10.710  7.977   1.00 46.47  ? 220 LEU A CG  1 
ATOM   1008 C CD1 . LEU A 1 127 ? 13.350  9.883   6.824   1.00 51.64  ? 220 LEU A CD1 1 
ATOM   1009 C CD2 . LEU A 1 127 ? 13.099  12.018  8.218   1.00 50.40  ? 220 LEU A CD2 1 
ATOM   1010 N N   . ALA A 1 128 ? 13.121  10.025  12.483  1.00 40.59  ? 221 ALA A N   1 
ATOM   1011 C CA  . ALA A 1 128 ? 12.608  9.204   13.597  1.00 44.67  ? 221 ALA A CA  1 
ATOM   1012 C C   . ALA A 1 128 ? 11.897  7.978   13.026  1.00 45.68  ? 221 ALA A C   1 
ATOM   1013 O O   . ALA A 1 128 ? 11.414  8.000   11.897  1.00 40.40  ? 221 ALA A O   1 
ATOM   1014 C CB  . ALA A 1 128 ? 11.638  10.023  14.469  1.00 46.56  ? 221 ALA A CB  1 
ATOM   1015 N N   . PRO A 1 129 ? 11.824  6.893   13.792  1.00 53.56  ? 222 PRO A N   1 
ATOM   1016 C CA  . PRO A 1 129 ? 11.099  5.730   13.293  1.00 47.27  ? 222 PRO A CA  1 
ATOM   1017 C C   . PRO A 1 129 ? 9.652   6.049   13.113  1.00 41.43  ? 222 PRO A C   1 
ATOM   1018 O O   . PRO A 1 129 ? 9.159   6.953   13.765  1.00 36.15  ? 222 PRO A O   1 
ATOM   1019 C CB  . PRO A 1 129 ? 11.298  4.702   14.414  1.00 56.42  ? 222 PRO A CB  1 
ATOM   1020 C CG  . PRO A 1 129 ? 12.607  5.093   15.050  1.00 59.41  ? 222 PRO A CG  1 
ATOM   1021 C CD  . PRO A 1 129 ? 12.470  6.595   15.091  1.00 56.85  ? 222 PRO A CD  1 
ATOM   1022 N N   . ASN A 1 130 ? 9.008   5.374   12.148  1.00 41.26  ? 223 ASN A N   1 
ATOM   1023 C CA  . ASN A 1 130 ? 7.591   5.587   11.908  1.00 39.34  ? 223 ASN A CA  1 
ATOM   1024 C C   . ASN A 1 130 ? 7.094   4.280   11.424  1.00 35.26  ? 223 ASN A C   1 
ATOM   1025 O O   . ASN A 1 130 ? 7.681   3.684   10.546  1.00 36.24  ? 223 ASN A O   1 
ATOM   1026 C CB  . ASN A 1 130 ? 7.339   6.617   10.838  1.00 45.04  ? 223 ASN A CB  1 
ATOM   1027 C CG  . ASN A 1 130 ? 5.902   7.077   10.848  1.00 46.37  ? 223 ASN A CG  1 
ATOM   1028 O OD1 . ASN A 1 130 ? 5.030   6.313   10.467  1.00 42.13  ? 223 ASN A OD1 1 
ATOM   1029 N ND2 . ASN A 1 130 ? 5.627   8.244   11.366  1.00 49.22  ? 223 ASN A ND2 1 
ATOM   1030 N N   . LYS A 1 131 ? 6.059   3.787   12.055  1.00 33.44  ? 224 LYS A N   1 
ATOM   1031 C CA  . LYS A 1 131 ? 5.511   2.461   11.698  1.00 33.24  ? 224 LYS A CA  1 
ATOM   1032 C C   . LYS A 1 131 ? 4.814   2.447   10.331  1.00 32.08  ? 224 LYS A C   1 
ATOM   1033 O O   . LYS A 1 131 ? 4.501   1.397   9.849   1.00 33.35  ? 224 LYS A O   1 
ATOM   1034 C CB  . LYS A 1 131 ? 4.556   1.924   12.770  1.00 33.84  ? 224 LYS A CB  1 
ATOM   1035 C CG  . LYS A 1 131 ? 3.349   2.790   12.996  1.00 36.00  ? 224 LYS A CG  1 
ATOM   1036 C CD  . LYS A 1 131 ? 2.480   2.088   13.988  1.00 38.04  ? 224 LYS A CD  1 
ATOM   1037 C CE  . LYS A 1 131 ? 1.151   2.813   14.194  1.00 42.80  ? 224 LYS A CE  1 
ATOM   1038 N NZ  . LYS A 1 131 ? 0.358   2.034   15.220  1.00 46.36  ? 224 LYS A NZ  1 
ATOM   1039 N N   . PHE A 1 132 ? 4.597   3.605   9.725   1.00 29.55  ? 225 PHE A N   1 
ATOM   1040 C CA  . PHE A 1 132 ? 4.043   3.678   8.368   1.00 28.67  ? 225 PHE A CA  1 
ATOM   1041 C C   . PHE A 1 132 ? 5.094   3.932   7.302   1.00 30.60  ? 225 PHE A C   1 
ATOM   1042 O O   . PHE A 1 132 ? 4.742   4.296   6.187   1.00 30.80  ? 225 PHE A O   1 
ATOM   1043 C CB  . PHE A 1 132 ? 3.069   4.811   8.371   1.00 27.32  ? 225 PHE A CB  1 
ATOM   1044 C CG  . PHE A 1 132 ? 1.919   4.569   9.304   1.00 29.09  ? 225 PHE A CG  1 
ATOM   1045 C CD1 . PHE A 1 132 ? 1.003   3.565   9.013   1.00 28.86  ? 225 PHE A CD1 1 
ATOM   1046 C CD2 . PHE A 1 132 ? 1.736   5.361   10.432  1.00 35.33  ? 225 PHE A CD2 1 
ATOM   1047 C CE1 . PHE A 1 132 ? -0.090  3.347   9.823   1.00 30.37  ? 225 PHE A CE1 1 
ATOM   1048 C CE2 . PHE A 1 132 ? 0.670   5.140   11.261  1.00 33.75  ? 225 PHE A CE2 1 
ATOM   1049 C CZ  . PHE A 1 132 ? -0.229  4.138   10.978  1.00 32.58  ? 225 PHE A CZ  1 
ATOM   1050 N N   . PHE A 1 133 ? 6.368   3.726   7.648   0.62 32.83  ? 226 PHE A N   1 
ATOM   1051 C CA  . PHE A 1 133 ? 7.503   3.959   6.735   0.62 34.25  ? 226 PHE A CA  1 
ATOM   1052 C C   . PHE A 1 133 ? 7.222   3.546   5.288   0.62 34.56  ? 226 PHE A C   1 
ATOM   1053 O O   . PHE A 1 133 ? 7.420   4.350   4.383   0.62 35.26  ? 226 PHE A O   1 
ATOM   1054 C CB  . PHE A 1 133 ? 8.767   3.236   7.247   0.62 38.39  ? 226 PHE A CB  1 
ATOM   1055 C CG  . PHE A 1 133 ? 9.931   3.258   6.274   0.62 41.39  ? 226 PHE A CG  1 
ATOM   1056 C CD1 . PHE A 1 133 ? 10.680  4.420   6.076   0.62 47.18  ? 226 PHE A CD1 1 
ATOM   1057 C CD2 . PHE A 1 133 ? 10.281  2.121   5.564   0.62 45.85  ? 226 PHE A CD2 1 
ATOM   1058 C CE1 . PHE A 1 133 ? 11.755  4.445   5.184   0.62 46.70  ? 226 PHE A CE1 1 
ATOM   1059 C CE2 . PHE A 1 133 ? 11.347  2.135   4.666   0.62 48.59  ? 226 PHE A CE2 1 
ATOM   1060 C CZ  . PHE A 1 133 ? 12.086  3.298   4.478   0.62 48.17  ? 226 PHE A CZ  1 
ATOM   1061 N N   . MET A 1 134 ? 6.790   2.309   5.067   0.62 33.01  ? 227 MET A N   1 
ATOM   1062 C CA  . MET A 1 134 ? 6.603   1.800   3.689   0.62 33.35  ? 227 MET A CA  1 
ATOM   1063 C C   . MET A 1 134 ? 5.420   2.401   2.964   0.62 33.89  ? 227 MET A C   1 
ATOM   1064 O O   . MET A 1 134 ? 5.420   2.490   1.740   0.62 33.87  ? 227 MET A O   1 
ATOM   1065 C CB  . MET A 1 134 ? 6.482   0.290   3.679   0.62 36.14  ? 227 MET A CB  1 
ATOM   1066 C CG  . MET A 1 134 ? 7.783   -0.441  3.931   0.62 40.14  ? 227 MET A CG  1 
ATOM   1067 S SD  . MET A 1 134 ? 9.050   -0.195  2.686   0.62 42.47  ? 227 MET A SD  1 
ATOM   1068 C CE  . MET A 1 134 ? 8.268   -0.961  1.264   0.62 40.69  ? 227 MET A CE  1 
ATOM   1069 N N   . ALA A 1 135 ? 4.393   2.804   3.704   1.00 33.00  ? 228 ALA A N   1 
ATOM   1070 C CA  . ALA A 1 135 ? 3.262   3.495   3.093   1.00 31.84  ? 228 ALA A CA  1 
ATOM   1071 C C   . ALA A 1 135 ? 3.522   4.924   2.705   1.00 30.35  ? 228 ALA A C   1 
ATOM   1072 O O   . ALA A 1 135 ? 2.985   5.433   1.713   1.00 29.03  ? 228 ALA A O   1 
ATOM   1073 C CB  . ALA A 1 135 ? 2.104   3.442   4.036   1.00 30.15  ? 228 ALA A CB  1 
ATOM   1074 N N   . ILE A 1 136 ? 4.320   5.610   3.534   1.00 31.94  ? 229 ILE A N   1 
ATOM   1075 C CA  . ILE A 1 136 ? 4.509   7.017   3.443   1.00 30.27  ? 229 ILE A CA  1 
ATOM   1076 C C   . ILE A 1 136 ? 4.777   7.564   2.053   1.00 30.09  ? 229 ILE A C   1 
ATOM   1077 O O   . ILE A 1 136 ? 4.181   8.543   1.640   1.00 31.14  ? 229 ILE A O   1 
ATOM   1078 C CB  . ILE A 1 136 ? 5.572   7.460   4.504   1.00 33.14  ? 229 ILE A CB  1 
ATOM   1079 C CG1 . ILE A 1 136 ? 4.829   7.640   5.840   1.00 35.53  ? 229 ILE A CG1 1 
ATOM   1080 C CG2 . ILE A 1 136 ? 6.279   8.743   4.124   1.00 36.61  ? 229 ILE A CG2 1 
ATOM   1081 C CD1 . ILE A 1 136 ? 5.723   7.637   7.090   1.00 36.70  ? 229 ILE A CD1 1 
ATOM   1082 N N   . PRO A 1 137 ? 5.676   6.929   1.295   1.00 34.31  ? 230 PRO A N   1 
ATOM   1083 C CA  . PRO A 1 137 ? 6.036   7.510   -0.023  1.00 33.94  ? 230 PRO A CA  1 
ATOM   1084 C C   . PRO A 1 137 ? 4.832   7.611   -0.986  1.00 34.58  ? 230 PRO A C   1 
ATOM   1085 O O   . PRO A 1 137 ? 4.846   8.398   -1.919  1.00 35.12  ? 230 PRO A O   1 
ATOM   1086 C CB  . PRO A 1 137 ? 7.052   6.505   -0.563  1.00 36.07  ? 230 PRO A CB  1 
ATOM   1087 C CG  . PRO A 1 137 ? 7.614   5.832   0.616   1.00 39.57  ? 230 PRO A CG  1 
ATOM   1088 C CD  . PRO A 1 137 ? 6.528   5.806   1.672   1.00 38.55  ? 230 PRO A CD  1 
ATOM   1089 N N   . PHE A 1 138 ? 3.754   6.839   -0.758  1.00 31.50  ? 231 PHE A N   1 
ATOM   1090 C CA  . PHE A 1 138 ? 2.600   6.839   -1.634  1.00 29.27  ? 231 PHE A CA  1 
ATOM   1091 C C   . PHE A 1 138 ? 1.496   7.794   -1.215  1.00 30.31  ? 231 PHE A C   1 
ATOM   1092 O O   . PHE A 1 138 ? 0.606   8.002   -2.006  1.00 29.90  ? 231 PHE A O   1 
ATOM   1093 C CB  . PHE A 1 138 ? 1.963   5.403   -1.724  1.00 30.02  ? 231 PHE A CB  1 
ATOM   1094 C CG  . PHE A 1 138 ? 2.901   4.351   -2.337  1.00 29.72  ? 231 PHE A CG  1 
ATOM   1095 C CD1 . PHE A 1 138 ? 2.914   4.126   -3.686  1.00 34.10  ? 231 PHE A CD1 1 
ATOM   1096 C CD2 . PHE A 1 138 ? 3.752   3.632   -1.530  1.00 31.96  ? 231 PHE A CD2 1 
ATOM   1097 C CE1 . PHE A 1 138 ? 3.794   3.202   -4.221  1.00 31.04  ? 231 PHE A CE1 1 
ATOM   1098 C CE2 . PHE A 1 138 ? 4.577   2.680   -2.054  1.00 36.09  ? 231 PHE A CE2 1 
ATOM   1099 C CZ  . PHE A 1 138 ? 4.605   2.506   -3.409  1.00 31.29  ? 231 PHE A CZ  1 
ATOM   1100 N N   . ILE A 1 139 ? 1.557   8.359   -0.024  1.00 31.50  ? 232 ILE A N   1 
ATOM   1101 C CA  . ILE A 1 139 ? 0.460   9.146   0.513   1.00 31.37  ? 232 ILE A CA  1 
ATOM   1102 C C   . ILE A 1 139 ? 0.217   10.461  -0.227  1.00 37.06  ? 232 ILE A C   1 
ATOM   1103 O O   . ILE A 1 139 ? -0.902  10.753  -0.662  1.00 33.12  ? 232 ILE A O   1 
ATOM   1104 C CB  . ILE A 1 139 ? 0.601   9.360   2.006   1.00 32.42  ? 232 ILE A CB  1 
ATOM   1105 C CG1 . ILE A 1 139 ? 0.601   8.015   2.749   1.00 34.91  ? 232 ILE A CG1 1 
ATOM   1106 C CG2 . ILE A 1 139 ? -0.524  10.249  2.501   1.00 39.68  ? 232 ILE A CG2 1 
ATOM   1107 C CD1 . ILE A 1 139 ? -0.554  7.064   2.479   1.00 35.69  ? 232 ILE A CD1 1 
ATOM   1108 N N   . ARG A 1 140 ? 1.259   11.246  -0.444  1.00 38.56  ? 233 ARG A N   1 
ATOM   1109 C CA  . ARG A 1 140 ? 1.064   12.441  -1.240  1.00 37.71  ? 233 ARG A CA  1 
ATOM   1110 C C   . ARG A 1 140 ? 0.655   12.158  -2.679  1.00 36.53  ? 233 ARG A C   1 
ATOM   1111 O O   . ARG A 1 140 ? -0.283  12.740  -3.155  1.00 35.78  ? 233 ARG A O   1 
ATOM   1112 C CB  . ARG A 1 140 ? 2.305   13.378  -1.153  1.00 42.83  ? 233 ARG A CB  1 
ATOM   1113 C CG  . ARG A 1 140 ? 2.181   14.671  -1.942  1.00 51.40  ? 233 ARG A CG  1 
ATOM   1114 C CD  . ARG A 1 140 ? 0.924   15.442  -1.593  1.00 62.69  ? 233 ARG A CD  1 
ATOM   1115 N NE  . ARG A 1 140 ? 0.737   15.665  -0.138  1.00 71.48  ? 233 ARG A NE  1 
ATOM   1116 C CZ  . ARG A 1 140 ? -0.337  16.256  0.400   1.00 79.41  ? 233 ARG A CZ  1 
ATOM   1117 N NH1 . ARG A 1 140 ? -1.362  16.680  -0.370  1.00 80.07  ? 233 ARG A NH1 1 
ATOM   1118 N NH2 . ARG A 1 140 ? -0.400  16.423  1.717   1.00 87.12  ? 233 ARG A NH2 1 
ATOM   1119 N N   . PRO A 1 141 ? 1.382   11.282  -3.417  1.00 35.69  ? 234 PRO A N   1 
ATOM   1120 C CA  . PRO A 1 141 ? 0.880   10.961  -4.710  1.00 36.47  ? 234 PRO A CA  1 
ATOM   1121 C C   . PRO A 1 141 ? -0.573  10.413  -4.745  1.00 36.98  ? 234 PRO A C   1 
ATOM   1122 O O   . PRO A 1 141 ? -1.330  10.683  -5.716  1.00 36.61  ? 234 PRO A O   1 
ATOM   1123 C CB  . PRO A 1 141 ? 1.875   9.919   -5.244  1.00 38.00  ? 234 PRO A CB  1 
ATOM   1124 C CG  . PRO A 1 141 ? 3.091   10.166  -4.482  1.00 39.34  ? 234 PRO A CG  1 
ATOM   1125 C CD  . PRO A 1 141 ? 2.684   10.680  -3.149  1.00 38.18  ? 234 PRO A CD  1 
ATOM   1126 N N   . LEU A 1 142 ? -0.993  9.683   -3.729  1.00 35.28  ? 235 LEU A N   1 
ATOM   1127 C CA  . LEU A 1 142 ? -2.380  9.197   -3.692  1.00 35.71  ? 235 LEU A CA  1 
ATOM   1128 C C   . LEU A 1 142 ? -3.380  10.337  -3.502  1.00 35.92  ? 235 LEU A C   1 
ATOM   1129 O O   . LEU A 1 142 ? -4.401  10.412  -4.217  1.00 34.40  ? 235 LEU A O   1 
ATOM   1130 C CB  . LEU A 1 142 ? -2.571  8.077   -2.615  1.00 32.61  ? 235 LEU A CB  1 
ATOM   1131 C CG  . LEU A 1 142 ? -4.001  7.656   -2.323  1.00 32.26  ? 235 LEU A CG  1 
ATOM   1132 C CD1 . LEU A 1 142 ? -4.581  6.928   -3.536  1.00 33.54  ? 235 LEU A CD1 1 
ATOM   1133 C CD2 . LEU A 1 142 ? -4.058  6.820   -1.027  1.00 32.03  ? 235 LEU A CD2 1 
ATOM   1134 N N   . ARG A 1 143 ? -3.102  11.202  -2.548  1.00 38.56  ? 236 ARG A N   1 
ATOM   1135 C CA  . ARG A 1 143 ? -3.930  12.396  -2.319  1.00 39.12  ? 236 ARG A CA  1 
ATOM   1136 C C   . ARG A 1 143 ? -4.059  13.221  -3.622  1.00 36.01  ? 236 ARG A C   1 
ATOM   1137 O O   . ARG A 1 143 ? -5.150  13.619  -4.004  1.00 39.48  ? 236 ARG A O   1 
ATOM   1138 C CB  . ARG A 1 143 ? -3.365  13.245  -1.192  1.00 39.32  ? 236 ARG A CB  1 
ATOM   1139 C CG  . ARG A 1 143 ? -3.515  12.659  0.197   1.00 41.37  ? 236 ARG A CG  1 
ATOM   1140 C CD  . ARG A 1 143 ? -2.929  13.596  1.252   1.00 46.86  ? 236 ARG A CD  1 
ATOM   1141 N NE  . ARG A 1 143 ? -2.987  12.977  2.580   1.00 55.32  ? 236 ARG A NE  1 
ATOM   1142 C CZ  . ARG A 1 143 ? -2.113  13.156  3.598   1.00 55.18  ? 236 ARG A CZ  1 
ATOM   1143 N NH1 . ARG A 1 143 ? -1.031  13.932  3.465   1.00 56.37  ? 236 ARG A NH1 1 
ATOM   1144 N NH2 . ARG A 1 143 ? -2.292  12.493  4.755   1.00 45.32  ? 236 ARG A NH2 1 
ATOM   1145 N N   . ASP A 1 144 ? -2.967  13.375  -4.359  1.00 41.02  ? 237 ASP A N   1 
ATOM   1146 C CA  . ASP A 1 144 ? -3.012  14.147  -5.606  1.00 42.53  ? 237 ASP A CA  1 
ATOM   1147 C C   . ASP A 1 144 ? -3.767  13.437  -6.687  1.00 42.13  ? 237 ASP A C   1 
ATOM   1148 O O   . ASP A 1 144 ? -4.458  14.049  -7.495  1.00 41.50  ? 237 ASP A O   1 
ATOM   1149 C CB  . ASP A 1 144 ? -1.586  14.462  -6.085  1.00 43.02  ? 237 ASP A CB  1 
ATOM   1150 C CG  . ASP A 1 144 ? -0.856  15.503  -5.151  1.00 52.51  ? 237 ASP A CG  1 
ATOM   1151 O OD1 . ASP A 1 144 ? -1.481  16.123  -4.222  1.00 47.45  ? 237 ASP A OD1 1 
ATOM   1152 O OD2 . ASP A 1 144 ? 0.368   15.641  -5.316  1.00 52.82  ? 237 ASP A OD2 1 
ATOM   1153 N N   . TRP A 1 145 ? -3.602  12.131  -6.747  1.00 38.20  ? 238 TRP A N   1 
ATOM   1154 C CA  . TRP A 1 145 ? -4.364  11.312  -7.655  1.00 38.90  ? 238 TRP A CA  1 
ATOM   1155 C C   . TRP A 1 145 ? -5.875  11.353  -7.367  1.00 39.19  ? 238 TRP A C   1 
ATOM   1156 O O   . TRP A 1 145 ? -6.651  11.526  -8.303  1.00 43.02  ? 238 TRP A O   1 
ATOM   1157 C CB  . TRP A 1 145 ? -3.778  9.904   -7.698  1.00 42.41  ? 238 TRP A CB  1 
ATOM   1158 C CG  . TRP A 1 145 ? -4.292  9.001   -8.800  1.00 42.91  ? 238 TRP A CG  1 
ATOM   1159 C CD1 . TRP A 1 145 ? -3.629  8.629   -9.958  1.00 42.89  ? 238 TRP A CD1 1 
ATOM   1160 C CD2 . TRP A 1 145 ? -5.546  8.331   -8.818  1.00 40.82  ? 238 TRP A CD2 1 
ATOM   1161 N NE1 . TRP A 1 145 ? -4.400  7.762   -10.679 1.00 42.28  ? 238 TRP A NE1 1 
ATOM   1162 C CE2 . TRP A 1 145 ? -5.596  7.577   -10.013 1.00 45.16  ? 238 TRP A CE2 1 
ATOM   1163 C CE3 . TRP A 1 145 ? -6.637  8.277   -7.927  1.00 39.16  ? 238 TRP A CE3 1 
ATOM   1164 C CZ2 . TRP A 1 145 ? -6.664  6.762   -10.320 1.00 43.13  ? 238 TRP A CZ2 1 
ATOM   1165 C CZ3 . TRP A 1 145 ? -7.709  7.466   -8.232  1.00 39.61  ? 238 TRP A CZ3 1 
ATOM   1166 C CH2 . TRP A 1 145 ? -7.726  6.733   -9.443  1.00 42.57  ? 238 TRP A CH2 1 
ATOM   1167 N N   . LEU A 1 146 ? -6.291  11.294  -6.105  1.00 36.77  ? 239 LEU A N   1 
ATOM   1168 C CA  . LEU A 1 146 ? -7.736  11.364  -5.754  1.00 42.37  ? 239 LEU A CA  1 
ATOM   1169 C C   . LEU A 1 146 ? -8.399  12.739  -6.055  1.00 46.68  ? 239 LEU A C   1 
ATOM   1170 O O   . LEU A 1 146 ? -9.549  12.780  -6.481  1.00 45.46  ? 239 LEU A O   1 
ATOM   1171 C CB  . LEU A 1 146 ? -8.006  11.002  -4.302  1.00 37.22  ? 239 LEU A CB  1 
ATOM   1172 C CG  . LEU A 1 146 ? -7.596  9.576   -3.891  1.00 35.73  ? 239 LEU A CG  1 
ATOM   1173 C CD1 . LEU A 1 146 ? -7.500  9.363   -2.377  1.00 34.64  ? 239 LEU A CD1 1 
ATOM   1174 C CD2 . LEU A 1 146 ? -8.563  8.596   -4.541  1.00 36.46  ? 239 LEU A CD2 1 
ATOM   1175 N N   . SER A 1 147 ? -7.653  13.811  -5.818  1.00 50.25  ? 240 SER A N   1 
ATOM   1176 C CA  . SER A 1 147 ? -8.028  15.178  -6.256  1.00 51.26  ? 240 SER A CA  1 
ATOM   1177 C C   . SER A 1 147 ? -8.306  15.278  -7.733  1.00 49.77  ? 240 SER A C   1 
ATOM   1178 O O   . SER A 1 147 ? -9.382  15.700  -8.092  1.00 55.64  ? 240 SER A O   1 
ATOM   1179 C CB  . SER A 1 147 ? -6.927  16.180  -5.935  1.00 47.58  ? 240 SER A CB  1 
ATOM   1180 O OG  . SER A 1 147 ? -6.846  16.262  -4.559  1.00 57.01  ? 240 SER A OG  1 
ATOM   1181 N N   . ARG A 1 148 ? -7.351  14.893  -8.578  1.00 48.50  ? 241 ARG A N   1 
ATOM   1182 C CA  . ARG A 1 148 ? -7.540  14.901  -10.022 1.00 54.41  ? 241 ARG A CA  1 
ATOM   1183 C C   . ARG A 1 148 ? -8.700  13.976  -10.547 1.00 67.19  ? 241 ARG A C   1 
ATOM   1184 O O   . ARG A 1 148 ? -9.510  14.416  -11.361 1.00 75.22  ? 241 ARG A O   1 
ATOM   1185 C CB  . ARG A 1 148 ? -6.225  14.562  -10.789 1.00 59.03  ? 241 ARG A CB  1 
ATOM   1186 C CG  . ARG A 1 148 ? -5.020  15.467  -10.528 1.00 60.41  ? 241 ARG A CG  1 
ATOM   1187 N N   . ARG A 1 149 ? -8.745  12.730  -10.072 0.50 65.58  ? 242 ARG A N   1 
ATOM   1188 C CA  . ARG A 1 149 ? -9.737  11.743  -10.516 0.50 65.37  ? 242 ARG A CA  1 
ATOM   1189 C C   . ARG A 1 149 ? -11.150 12.030  -10.039 0.50 65.92  ? 242 ARG A C   1 
ATOM   1190 O O   . ARG A 1 149 ? -12.095 11.942  -10.822 0.50 72.31  ? 242 ARG A O   1 
ATOM   1191 C CB  . ARG A 1 149 ? -9.361  10.352  -10.028 0.50 67.85  ? 242 ARG A CB  1 
ATOM   1192 C CG  . ARG A 1 149 ? -10.473 9.330   -10.224 0.50 70.18  ? 242 ARG A CG  1 
ATOM   1193 C CD  . ARG A 1 149 ? -10.866 9.223   -11.686 0.50 73.77  ? 242 ARG A CD  1 
ATOM   1194 N NE  . ARG A 1 149 ? -9.693  9.158   -12.551 0.50 77.39  ? 242 ARG A NE  1 
ATOM   1195 C CZ  . ARG A 1 149 ? -9.225  8.036   -13.079 0.50 74.29  ? 242 ARG A CZ  1 
ATOM   1196 N NH1 . ARG A 1 149 ? -8.147  8.062   -13.852 0.50 77.68  ? 242 ARG A NH1 1 
ATOM   1197 N NH2 . ARG A 1 149 ? -9.841  6.890   -12.829 0.50 75.80  ? 242 ARG A NH2 1 
ATOM   1198 N N   . PHE A 1 150 ? -11.291 12.351  -8.756  1.00 65.55  ? 243 PHE A N   1 
ATOM   1199 C CA  . PHE A 1 150 ? -12.604 12.585  -8.133  1.00 59.91  ? 243 PHE A CA  1 
ATOM   1200 C C   . PHE A 1 150 ? -12.935 14.050  -7.872  1.00 74.31  ? 243 PHE A C   1 
ATOM   1201 O O   . PHE A 1 150 ? -14.026 14.498  -8.224  1.00 86.48  ? 243 PHE A O   1 
ATOM   1202 C CB  . PHE A 1 150 ? -12.711 11.771  -6.840  1.00 55.82  ? 243 PHE A CB  1 
ATOM   1203 C CG  . PHE A 1 150 ? -12.638 10.271  -7.068  1.00 69.10  ? 243 PHE A CG  1 
ATOM   1204 C CD1 . PHE A 1 150 ? -13.779 9.537   -7.398  1.00 74.26  ? 243 PHE A CD1 1 
ATOM   1205 C CD2 . PHE A 1 150 ? -11.445 9.597   -7.000  1.00 59.79  ? 243 PHE A CD2 1 
ATOM   1206 C CE1 . PHE A 1 150 ? -13.718 8.164   -7.631  1.00 74.27  ? 243 PHE A CE1 1 
ATOM   1207 C CE2 . PHE A 1 150 ? -11.387 8.224   -7.248  1.00 62.20  ? 243 PHE A CE2 1 
ATOM   1208 C CZ  . PHE A 1 150 ? -12.515 7.511   -7.579  1.00 68.30  ? 243 PHE A CZ  1 
ATOM   1209 N N   . GLY A 1 151 ? -12.025 14.778  -7.218  1.00 91.14  ? 244 GLY A N   1 
ATOM   1210 C CA  . GLY A 1 151 ? -12.261 16.172  -6.786  1.00 85.29  ? 244 GLY A CA  1 
ATOM   1211 C C   . GLY A 1 151 ? -12.721 16.252  -5.347  1.00 87.20  ? 244 GLY A C   1 
ATOM   1212 O O   . GLY A 1 151 ? -13.482 17.143  -4.975  1.00 99.21  ? 244 GLY A O   1 
HETATM 1213 C C1  . EDO B 2 .   ? -5.568  -14.022 -7.275  1.00 71.61  ? 301 EDO A C1  1 
HETATM 1214 O O1  . EDO B 2 .   ? -6.063  -15.131 -6.505  1.00 76.45  ? 301 EDO A O1  1 
HETATM 1215 C C2  . EDO B 2 .   ? -6.781  -13.227 -7.763  1.00 75.69  ? 301 EDO A C2  1 
HETATM 1216 O O2  . EDO B 2 .   ? -6.852  -13.146 -9.206  1.00 75.57  ? 301 EDO A O2  1 
HETATM 1217 C C1  . EDO C 2 .   ? 8.273   1.611   14.033  1.00 78.38  ? 302 EDO A C1  1 
HETATM 1218 O O1  . EDO C 2 .   ? 9.151   1.893   12.917  1.00 75.63  ? 302 EDO A O1  1 
HETATM 1219 C C2  . EDO C 2 .   ? 8.517   2.483   15.265  1.00 71.22  ? 302 EDO A C2  1 
HETATM 1220 O O2  . EDO C 2 .   ? 7.615   3.613   15.370  1.00 75.99  ? 302 EDO A O2  1 
HETATM 1221 S S   . DMS D 3 .   ? -11.222 3.454   9.969   1.00 79.96  ? 303 DMS A S   1 
HETATM 1222 O O   . DMS D 3 .   ? -9.822  3.868   10.102  1.00 73.26  ? 303 DMS A O   1 
HETATM 1223 C C1  . DMS D 3 .   ? -11.582 2.443   11.295  1.00 69.91  ? 303 DMS A C1  1 
HETATM 1224 C C2  . DMS D 3 .   ? -12.218 4.826   10.202  1.00 79.11  ? 303 DMS A C2  1 
HETATM 1225 C C   . ACT E 4 .   ? 9.242   -6.333  15.738  1.00 58.58  ? 304 ACT A C   1 
HETATM 1226 O O   . ACT E 4 .   ? 10.096  -6.658  14.864  1.00 63.63  ? 304 ACT A O   1 
HETATM 1227 O OXT . ACT E 4 .   ? 8.052   -6.528  15.500  1.00 66.72  ? 304 ACT A OXT 1 
HETATM 1228 C CH3 . ACT E 4 .   ? 9.592   -5.768  17.105  1.00 62.43  ? 304 ACT A CH3 1 
HETATM 1229 C C   . ACT F 4 .   ? 11.469  2.739   10.233  1.00 64.56  ? 305 ACT A C   1 
HETATM 1230 O O   . ACT F 4 .   ? 10.832  3.819   10.330  1.00 54.87  ? 305 ACT A O   1 
HETATM 1231 O OXT . ACT F 4 .   ? 11.149  1.728   10.925  1.00 76.67  ? 305 ACT A OXT 1 
HETATM 1232 C CH3 . ACT F 4 .   ? 12.654  2.670   9.311   1.00 60.22  ? 305 ACT A CH3 1 
HETATM 1233 N N1  . LHS G 5 .   ? 9.042   -3.135  5.268   0.62 64.56  ? 306 LHS A N1  1 
HETATM 1234 N N3  . LHS G 5 .   ? 5.420   -3.737  5.709   0.62 51.18  ? 306 LHS A N3  1 
HETATM 1235 C C4  . LHS G 5 .   ? 7.793   -3.141  5.815   0.62 60.22  ? 306 LHS A C4  1 
HETATM 1236 C C5  . LHS G 5 .   ? 6.599   -3.652  5.077   0.62 57.27  ? 306 LHS A C5  1 
HETATM 1237 C C6  . LHS G 5 .   ? 4.182   -4.011  4.982   0.62 50.05  ? 306 LHS A C6  1 
HETATM 1238 C C7  . LHS G 5 .   ? 4.048   -5.415  4.432   0.62 49.74  ? 306 LHS A C7  1 
HETATM 1239 C C8  . LHS G 5 .   ? 4.220   -6.523  5.248   0.62 48.99  ? 306 LHS A C8  1 
HETATM 1240 C C10 . LHS G 5 .   ? 3.744   -7.971  3.442   0.62 51.53  ? 306 LHS A C10 1 
HETATM 1241 C C1  . LHS G 5 .   ? 12.354  -0.446  6.924   0.62 68.47  ? 306 LHS A C1  1 
HETATM 1242 C C11 . LHS G 5 .   ? 3.550   -6.913  2.598   0.62 51.30  ? 306 LHS A C11 1 
HETATM 1243 C C12 . LHS G 5 .   ? 3.701   -5.631  3.106   0.62 51.50  ? 306 LHS A C12 1 
HETATM 1244 C C2  . LHS G 5 .   ? 11.327  -2.409  6.028   0.62 63.11  ? 306 LHS A C2  1 
HETATM 1245 C C3  . LHS G 5 .   ? 9.852   -2.602  6.117   0.62 63.90  ? 306 LHS A C3  1 
HETATM 1246 C C9  . LHS G 5 .   ? 4.084   -7.813  4.757   0.62 49.23  ? 306 LHS A C9  1 
HETATM 1247 F F1  . LHS G 5 .   ? 3.598   -9.235  2.951   0.62 47.51  ? 306 LHS A F1  1 
HETATM 1248 N N2  . LHS G 5 .   ? 7.852   -2.628  7.026   0.62 62.93  ? 306 LHS A N2  1 
HETATM 1249 O O1  . LHS G 5 .   ? 11.717  -1.059  5.805   0.62 70.13  ? 306 LHS A O1  1 
HETATM 1250 O O2  . LHS G 5 .   ? 9.217   -2.270  7.242   0.62 66.49  ? 306 LHS A O2  1 
HETATM 1251 O O3  . LHS G 5 .   ? 6.709   -3.952  3.882   0.62 61.89  ? 306 LHS A O3  1 
HETATM 1252 O O   . HOH H 6 .   ? -3.587  16.772  -3.175  1.00 59.72  ? 401 HOH A O   1 
HETATM 1253 O O   . HOH H 6 .   ? -1.587  -1.551  -16.056 1.00 50.03  ? 402 HOH A O   1 
HETATM 1254 O O   . HOH H 6 .   ? 2.241   -12.492 -0.356  1.00 54.87  ? 403 HOH A O   1 
HETATM 1255 O O   . HOH H 6 .   ? -9.919  11.089  0.373   1.00 50.59  ? 404 HOH A O   1 
HETATM 1256 O O   . HOH H 6 .   ? -13.406 -9.814  -4.835  1.00 39.85  ? 405 HOH A O   1 
HETATM 1257 O O   . HOH H 6 .   ? 7.351   -6.590  -14.142 1.00 52.09  ? 406 HOH A O   1 
HETATM 1258 O O   . HOH H 6 .   ? 0.105   -15.035 -11.575 1.00 59.80  ? 407 HOH A O   1 
HETATM 1259 O O   . HOH H 6 .   ? -11.384 7.997   8.350   1.00 53.33  ? 408 HOH A O   1 
HETATM 1260 O O   . HOH H 6 .   ? -2.938  6.544   -13.151 1.00 47.98  ? 409 HOH A O   1 
HETATM 1261 O O   . HOH H 6 .   ? -10.686 -5.466  -13.800 1.00 50.90  ? 410 HOH A O   1 
HETATM 1262 O O   . HOH H 6 .   ? 6.799   9.809   -2.958  1.00 40.17  ? 411 HOH A O   1 
HETATM 1263 O O   . HOH H 6 .   ? 5.314   12.719  10.251  1.00 53.36  ? 412 HOH A O   1 
HETATM 1264 O O   . HOH H 6 .   ? 4.836   -6.758  13.290  1.00 33.74  ? 413 HOH A O   1 
HETATM 1265 O O   . HOH H 6 .   ? 9.398   7.876   16.228  1.00 62.87  ? 414 HOH A O   1 
HETATM 1266 O O   . HOH H 6 .   ? 6.125   -10.297 7.066   1.00 39.44  ? 415 HOH A O   1 
HETATM 1267 O O   . HOH H 6 .   ? -10.738 0.194   -9.552  1.00 31.07  ? 416 HOH A O   1 
HETATM 1268 O O   . HOH H 6 .   ? 8.242   -8.831  14.191  1.00 43.61  ? 417 HOH A O   1 
HETATM 1269 O O   . HOH H 6 .   ? -6.978  14.006  -2.108  1.00 45.44  ? 418 HOH A O   1 
HETATM 1270 O O   . HOH H 6 .   ? 0.450   -13.473 -15.612 1.00 48.57  ? 419 HOH A O   1 
HETATM 1271 O O   . HOH H 6 .   ? 7.577   2.114   0.222   1.00 54.14  ? 420 HOH A O   1 
HETATM 1272 O O   . HOH H 6 .   ? -17.503 8.459   7.094   1.00 56.25  ? 421 HOH A O   1 
HETATM 1273 O O   . HOH H 6 .   ? -0.309  11.310  -8.099  1.00 40.76  ? 422 HOH A O   1 
HETATM 1274 O O   . HOH H 6 .   ? -6.591  1.334   12.094  1.00 42.43  ? 423 HOH A O   1 
HETATM 1275 O O   . HOH H 6 .   ? 4.166   -2.395  1.618   1.00 36.10  ? 424 HOH A O   1 
HETATM 1276 O O   . HOH H 6 .   ? -6.444  -9.584  -5.084  1.00 36.93  ? 425 HOH A O   1 
HETATM 1277 O O   . HOH H 6 .   ? -16.006 -12.744 -11.614 1.00 53.66  ? 426 HOH A O   1 
HETATM 1278 O O   . HOH H 6 .   ? 6.008   0.565   7.324   1.00 33.11  ? 427 HOH A O   1 
HETATM 1279 O O   . HOH H 6 .   ? -1.468  -4.980  15.043  1.00 42.83  ? 428 HOH A O   1 
HETATM 1280 O O   . HOH H 6 .   ? -11.602 -10.412 -14.252 1.00 63.13  ? 429 HOH A O   1 
HETATM 1281 O O   . HOH H 6 .   ? 3.933   11.020  0.512   1.00 35.03  ? 430 HOH A O   1 
HETATM 1282 O O   . HOH H 6 .   ? -16.260 11.976  7.851   1.00 52.42  ? 431 HOH A O   1 
HETATM 1283 O O   . HOH H 6 .   ? -4.505  -1.390  0.073   1.00 28.11  ? 432 HOH A O   1 
HETATM 1284 O O   . HOH H 6 .   ? -9.438  2.636   -10.046 1.00 37.07  ? 433 HOH A O   1 
HETATM 1285 O O   . HOH H 6 .   ? 16.882  15.099  11.672  1.00 45.24  ? 434 HOH A O   1 
HETATM 1286 O O   . HOH H 6 .   ? 12.463  -2.803  -10.260 1.00 61.92  ? 435 HOH A O   1 
HETATM 1287 O O   . HOH H 6 .   ? 15.485  5.079   -7.773  1.00 54.34  ? 436 HOH A O   1 
HETATM 1288 O O   . HOH H 6 .   ? 17.390  8.465   9.055   1.00 48.04  ? 437 HOH A O   1 
HETATM 1289 O O   . HOH H 6 .   ? 0.354   -0.733  15.020  1.00 38.13  ? 438 HOH A O   1 
HETATM 1290 O O   . HOH H 6 .   ? -12.489 -9.678  -8.293  1.00 39.47  ? 439 HOH A O   1 
HETATM 1291 O O   . HOH H 6 .   ? -6.759  -0.134  -10.537 1.00 31.01  ? 440 HOH A O   1 
HETATM 1292 O O   . HOH H 6 .   ? 2.546   6.638   -11.034 1.00 52.64  ? 441 HOH A O   1 
HETATM 1293 O O   . HOH H 6 .   ? -16.384 -6.548  -0.424  1.00 50.77  ? 442 HOH A O   1 
HETATM 1294 O O   . HOH H 6 .   ? -3.512  -13.314 -10.044 1.00 46.94  ? 443 HOH A O   1 
HETATM 1295 O O   . HOH H 6 .   ? 10.826  -12.304 -11.259 1.00 66.21  ? 444 HOH A O   1 
HETATM 1296 O O   . HOH H 6 .   ? -13.942 11.761  0.449   1.00 55.78  ? 445 HOH A O   1 
HETATM 1297 O O   . HOH H 6 .   ? -9.145  10.691  5.332   1.00 42.24  ? 446 HOH A O   1 
HETATM 1298 O O   . HOH H 6 .   ? -12.673 -11.341 -2.588  1.00 37.02  ? 447 HOH A O   1 
HETATM 1299 O O   . HOH H 6 .   ? -5.746  -11.951 -11.925 1.00 52.53  ? 448 HOH A O   1 
HETATM 1300 O O   . HOH H 6 .   ? 9.627   7.412   -8.244  1.00 50.95  ? 449 HOH A O   1 
HETATM 1301 O O   . HOH H 6 .   ? 7.415   -10.434 -2.260  1.00 48.60  ? 450 HOH A O   1 
HETATM 1302 O O   . HOH H 6 .   ? -7.534  -8.440  -13.542 1.00 57.87  ? 451 HOH A O   1 
HETATM 1303 O O   . HOH H 6 .   ? -6.749  6.084   11.159  1.00 31.97  ? 452 HOH A O   1 
HETATM 1304 O O   . HOH H 6 .   ? 16.548  -0.976  -12.498 1.00 74.48  ? 453 HOH A O   1 
HETATM 1305 O O   . HOH H 6 .   ? -5.758  -9.262  -12.033 1.00 55.50  ? 454 HOH A O   1 
HETATM 1306 O O   . HOH H 6 .   ? -8.876  -1.654  -17.226 1.00 52.85  ? 455 HOH A O   1 
HETATM 1307 O O   . HOH H 6 .   ? -2.949  -1.805  15.642  1.00 59.01  ? 456 HOH A O   1 
HETATM 1308 O O   . HOH H 6 .   ? 5.197   5.188   14.675  1.00 44.52  ? 457 HOH A O   1 
HETATM 1309 O O   . HOH H 6 .   ? 9.055   -16.853 -10.685 1.00 59.66  ? 458 HOH A O   1 
HETATM 1310 O O   . HOH H 6 .   ? -3.804  16.887  -8.121  1.00 65.82  ? 459 HOH A O   1 
HETATM 1311 O O   . HOH H 6 .   ? -9.929  -1.558  10.439  1.00 41.28  ? 460 HOH A O   1 
HETATM 1312 O O   . HOH H 6 .   ? 9.411   6.489   3.767   1.00 56.74  ? 461 HOH A O   1 
HETATM 1313 O O   . HOH H 6 .   ? 3.578   0.206   0.973   1.00 32.66  ? 462 HOH A O   1 
HETATM 1314 O O   . HOH H 6 .   ? -0.614  -5.932  -16.585 1.00 51.94  ? 463 HOH A O   1 
HETATM 1315 O O   . HOH H 6 .   ? 3.479   -11.415 -19.056 1.00 67.13  ? 464 HOH A O   1 
HETATM 1316 O O   . HOH H 6 .   ? -16.660 -10.056 3.308   1.00 59.43  ? 465 HOH A O   1 
HETATM 1317 O O   . HOH H 6 .   ? 2.808   -12.598 2.590   1.00 48.11  ? 466 HOH A O   1 
HETATM 1318 O O   . HOH H 6 .   ? 10.110  17.213  10.795  1.00 71.84  ? 467 HOH A O   1 
HETATM 1319 O O   . HOH H 6 .   ? -19.045 -8.655  5.125   1.00 61.83  ? 468 HOH A O   1 
HETATM 1320 O O   . HOH H 6 .   ? 3.715   8.401   -8.493  1.00 61.00  ? 469 HOH A O   1 
HETATM 1321 O O   . HOH H 6 .   ? 15.081  9.448   -13.714 1.00 42.40  ? 470 HOH A O   1 
HETATM 1322 O O   . HOH H 6 .   ? -0.532  6.143   -15.454 1.00 65.01  ? 471 HOH A O   1 
HETATM 1323 O O   . HOH H 6 .   ? 4.680   -1.223  14.126  1.00 54.49  ? 472 HOH A O   1 
HETATM 1324 O O   . HOH H 6 .   ? -2.729  7.042   12.051  1.00 51.12  ? 473 HOH A O   1 
HETATM 1325 O O   . HOH H 6 .   ? -13.805 -10.905 -0.195  1.00 52.38  ? 474 HOH A O   1 
HETATM 1326 O O   . HOH H 6 .   ? 0.884   9.762   -9.087  1.00 52.09  ? 475 HOH A O   1 
HETATM 1327 O O   . HOH H 6 .   ? 1.875   12.840  -8.000  1.00 53.51  ? 476 HOH A O   1 
HETATM 1328 O O   . HOH H 6 .   ? -12.668 -14.215 -3.526  1.00 50.38  ? 477 HOH A O   1 
# 
